data_7JM7
#
_entry.id   7JM7
#
_cell.length_a   1.00
_cell.length_b   1.00
_cell.length_c   1.00
_cell.angle_alpha   90.00
_cell.angle_beta   90.00
_cell.angle_gamma   90.00
#
_symmetry.space_group_name_H-M   'P 1'
#
loop_
_entity.id
_entity.type
_entity.pdbx_description
1 polymer 'Osteopetrosis-associated transmembrane protein 1'
2 polymer 'H(+)/Cl(-) exchange transporter 7'
3 branched alpha-D-mannopyranose-(1-3)-[alpha-D-mannopyranose-(1-6)]beta-D-mannopyranose-(1-4)-2-acetamido-2-deoxy-beta-D-glucopyranose-(1-4)-2-acetamido-2-deoxy-beta-D-glucopyranose
4 branched 2-acetamido-2-deoxy-beta-D-glucopyranose-(1-4)-2-acetamido-2-deoxy-beta-D-glucopyranose
5 non-polymer 2-acetamido-2-deoxy-beta-D-glucopyranose
6 non-polymer "ADENOSINE-5'-TRIPHOSPHATE"
7 non-polymer 'MAGNESIUM ION'
8 non-polymer 'CHLORIDE ION'
9 non-polymer '(2R)-3-{[(R)-hydroxy{[(1S,2R,3S,4S,5R,6R)-2,3,4,6-tetrahydroxy-5-(phosphonooxy)cyclohexyl]oxy}phosphoryl]oxy}propane-1,2-diyl dinonanoate'
10 water water
#
loop_
_entity_poly.entity_id
_entity_poly.type
_entity_poly.pdbx_seq_one_letter_code
_entity_poly.pdbx_strand_id
1 'polypeptide(L)'
;MEPGPTAAQRRCSLPPWLPLGLLLWSGLALGALPFGSSPHRVFHDLLSEQQLLEVEDLSLSLLQGGGLGPLSLPPDLPDL
DPECRELLLDFANSSAELTGCLVRSARPVRLCQTCYPLFQQVVSKMDNISRAAGNTSESQSCARSLLMADRMQIVVILSE
FFNTTWQEANCANCLTNNSEELSNSTVYFLNLFNHTLTCFEHNLQGNAHSLLQTKNYSEVCKNCREAYKTLSSLYSEMQK
MNELENKAEPGTHLCIDVEDAMNITRKLWSRTFNCSVPCSDTVPVIAVSVFILFLPVVFYLSSFLHSEQKKRKLILPKRL
KSSTSFANIQENSN
;
B,D
2 'polypeptide(L)'
;MANVSKKVSWSGRDRDDEEAAPLLRRTARPGGGTPLLNGAGPGAARQSPRSALFRVGHMSSVELDDELLDPDMDPPHPFP
KEIPHNEKLLSLKYESLDYDNSENQLFLEEERRINHTAFRTVEIKRWVICALIGILTGLVACFIDIVVENLAGLKYRVIK
GNIDKFTEKGGLSFSLLLWATLNAAFVLVGSVIVAFIEPVAAGSGIPQIKCFLNGVKIPHVVRLKTLVIKVSGVILSVVG
GLAVGKEGPMIHSGSVIAAGISQGRSTSLKRDFKIFEYFRRDTEKRDFVSAGAAAGVSAAFGAPVGGVLFSLEEGASFWN
QFLTWRIFFASMISTFTLNFVLSIYHGNMWDLSSPGLINFGRFDSEKMAYTIHEIPVFIAMGVVGGVLGAVFNALNYWLT
MFRIRYIHRPCLQVIEAVLVAAVTATVAFVLIYSSRDCQPLQGGSMSYPLQLFCADGEYNSMAAAFFNTPEKSVVSLFHD
PPGSYNPLTLGLFTLVYFFLACWTYGLTVSAGVFIPSLLIGAAWGRLFGISLSYLTGAAIWADPGKYALMGAAAQLGGIV
RMTLSLTVIMMEATSNVTYGFPIMLVLMTAKIVGDVFIEGLYDMHIQLQSVPFLHWEAPVTSHSLTAREVMSTPVTCLRR
REKVGVIVDVLSDTASNHNGFPVVEHADDTQPARLQGLILRSQLIVLLKHKVFVERSNLGLVQRRLRLKDFRDAYPRFPP
IQSIHVSQDERECTMDLSEFMNPSPYTVPQEASLPRVFKLFRALGLRHLVVVDNRNQVVGLVTRKDLARYRLGKRGLEEL
SLAQT
;
A,C
#
# COMPACT_ATOMS: atom_id res chain seq x y z
N LEU A 73 -57.37 16.69 -16.34
CA LEU A 73 -55.95 16.63 -16.04
C LEU A 73 -55.15 16.27 -17.30
N PRO A 74 -53.84 16.47 -17.24
CA PRO A 74 -53.00 16.04 -18.37
C PRO A 74 -53.11 14.54 -18.55
N PRO A 75 -53.02 14.07 -19.80
CA PRO A 75 -53.26 12.64 -20.04
C PRO A 75 -52.25 11.72 -19.39
N ASP A 76 -51.01 12.16 -19.19
CA ASP A 76 -49.92 11.24 -18.86
C ASP A 76 -49.70 11.07 -17.37
N LEU A 77 -49.90 12.13 -16.57
CA LEU A 77 -49.56 12.03 -15.15
C LEU A 77 -50.53 11.13 -14.39
N PRO A 78 -51.83 11.42 -14.35
CA PRO A 78 -52.71 10.60 -13.51
C PRO A 78 -52.93 9.19 -14.03
N ASP A 79 -53.19 9.03 -15.32
CA ASP A 79 -53.52 7.74 -15.90
C ASP A 79 -52.75 7.56 -17.20
N LEU A 80 -52.83 6.35 -17.75
CA LEU A 80 -52.07 6.00 -18.95
C LEU A 80 -52.73 6.55 -20.20
N ASP A 81 -51.91 6.86 -21.19
CA ASP A 81 -52.41 7.23 -22.50
C ASP A 81 -53.03 6.00 -23.16
N PRO A 82 -54.05 6.19 -24.02
CA PRO A 82 -54.71 5.03 -24.62
C PRO A 82 -53.77 4.10 -25.38
N GLU A 83 -52.78 4.65 -26.08
CA GLU A 83 -51.92 3.82 -26.93
C GLU A 83 -50.98 2.96 -26.08
N CYS A 84 -50.34 3.56 -25.08
CA CYS A 84 -49.40 2.81 -24.24
C CYS A 84 -50.08 1.68 -23.49
N ARG A 85 -51.39 1.77 -23.31
CA ARG A 85 -52.12 0.69 -22.66
C ARG A 85 -51.95 -0.62 -23.41
N GLU A 86 -52.08 -0.58 -24.74
CA GLU A 86 -51.95 -1.79 -25.54
C GLU A 86 -50.55 -2.37 -25.42
N LEU A 87 -49.52 -1.52 -25.49
CA LEU A 87 -48.15 -2.00 -25.38
C LEU A 87 -47.92 -2.68 -24.04
N LEU A 88 -48.38 -2.05 -22.96
CA LEU A 88 -48.18 -2.65 -21.64
C LEU A 88 -48.91 -3.98 -21.52
N LEU A 89 -50.13 -4.05 -22.03
CA LEU A 89 -50.89 -5.30 -21.96
C LEU A 89 -50.20 -6.41 -22.75
N ASP A 90 -49.71 -6.09 -23.96
CA ASP A 90 -49.05 -7.09 -24.78
C ASP A 90 -47.78 -7.59 -24.10
N PHE A 91 -46.97 -6.68 -23.56
CA PHE A 91 -45.76 -7.10 -22.86
C PHE A 91 -46.11 -7.97 -21.67
N ALA A 92 -47.19 -7.63 -20.95
CA ALA A 92 -47.59 -8.45 -19.81
C ALA A 92 -47.94 -9.86 -20.25
N ASN A 93 -48.73 -9.98 -21.32
CA ASN A 93 -49.13 -11.30 -21.80
C ASN A 93 -47.92 -12.12 -22.21
N SER A 94 -47.01 -11.52 -22.98
CA SER A 94 -45.83 -12.25 -23.42
C SER A 94 -44.96 -12.66 -22.24
N SER A 95 -44.76 -11.76 -21.27
CA SER A 95 -43.95 -12.10 -20.12
C SER A 95 -44.56 -13.24 -19.31
N ALA A 96 -45.89 -13.23 -19.16
CA ALA A 96 -46.54 -14.30 -18.42
C ALA A 96 -46.35 -15.63 -19.15
N GLU A 97 -46.56 -15.65 -20.46
CA GLU A 97 -46.38 -16.88 -21.22
C GLU A 97 -44.94 -17.38 -21.07
N LEU A 98 -43.97 -16.48 -21.23
CA LEU A 98 -42.57 -16.90 -21.16
C LEU A 98 -42.22 -17.44 -19.78
N THR A 99 -42.69 -16.78 -18.72
CA THR A 99 -42.37 -17.25 -17.37
C THR A 99 -42.97 -18.61 -17.10
N GLY A 100 -44.24 -18.80 -17.50
CA GLY A 100 -44.85 -20.10 -17.32
C GLY A 100 -44.12 -21.19 -18.08
N CYS A 101 -43.75 -20.90 -19.32
CA CYS A 101 -43.02 -21.89 -20.12
C CYS A 101 -41.67 -22.21 -19.50
N LEU A 102 -40.96 -21.18 -19.02
CA LEU A 102 -39.67 -21.42 -18.39
C LEU A 102 -39.82 -22.33 -17.19
N VAL A 103 -40.81 -22.07 -16.34
CA VAL A 103 -40.98 -22.89 -15.15
C VAL A 103 -41.35 -24.32 -15.53
N ARG A 104 -42.23 -24.47 -16.51
CA ARG A 104 -42.65 -25.81 -16.94
C ARG A 104 -41.57 -26.54 -17.71
N SER A 105 -40.71 -25.82 -18.41
CA SER A 105 -39.73 -26.40 -19.33
C SER A 105 -38.33 -26.34 -18.75
N ALA A 106 -38.21 -26.60 -17.45
CA ALA A 106 -36.92 -26.58 -16.76
C ALA A 106 -36.60 -27.88 -16.07
N ARG A 107 -37.44 -28.92 -16.20
CA ARG A 107 -37.17 -30.18 -15.52
C ARG A 107 -37.88 -31.36 -16.17
N PRO A 108 -37.21 -32.13 -17.03
CA PRO A 108 -35.86 -31.88 -17.56
C PRO A 108 -35.79 -30.58 -18.35
N VAL A 109 -34.58 -30.05 -18.52
CA VAL A 109 -34.40 -28.70 -19.07
C VAL A 109 -34.84 -28.71 -20.53
N ARG A 110 -35.83 -27.86 -20.86
CA ARG A 110 -36.24 -27.63 -22.23
C ARG A 110 -36.32 -26.14 -22.54
N LEU A 111 -35.50 -25.31 -21.90
CA LEU A 111 -35.66 -23.87 -22.00
C LEU A 111 -35.49 -23.40 -23.44
N CYS A 112 -34.45 -23.86 -24.11
CA CYS A 112 -34.13 -23.36 -25.44
C CYS A 112 -35.21 -23.68 -26.48
N GLN A 113 -35.36 -24.96 -26.80
CA GLN A 113 -36.18 -25.35 -27.93
C GLN A 113 -37.66 -25.08 -27.70
N THR A 114 -38.07 -24.89 -26.45
CA THR A 114 -39.46 -24.59 -26.13
C THR A 114 -39.70 -23.08 -26.05
N CYS A 115 -38.81 -22.34 -25.40
CA CYS A 115 -39.04 -20.96 -25.06
C CYS A 115 -38.44 -19.96 -26.05
N TYR A 116 -37.66 -20.40 -27.03
CA TYR A 116 -37.05 -19.42 -27.93
C TYR A 116 -38.08 -18.53 -28.63
N PRO A 117 -39.22 -19.03 -29.14
CA PRO A 117 -40.17 -18.12 -29.79
C PRO A 117 -40.73 -17.07 -28.83
N LEU A 118 -41.05 -17.49 -27.61
CA LEU A 118 -41.61 -16.55 -26.64
C LEU A 118 -40.60 -15.48 -26.27
N PHE A 119 -39.34 -15.85 -26.07
CA PHE A 119 -38.31 -14.88 -25.78
C PHE A 119 -38.14 -13.91 -26.94
N GLN A 120 -38.16 -14.42 -28.17
CA GLN A 120 -38.07 -13.54 -29.32
C GLN A 120 -39.22 -12.55 -29.35
N GLN A 121 -40.44 -13.03 -29.05
CA GLN A 121 -41.60 -12.15 -29.06
C GLN A 121 -41.49 -11.09 -27.97
N VAL A 122 -41.01 -11.46 -26.78
CA VAL A 122 -40.83 -10.49 -25.71
C VAL A 122 -39.85 -9.41 -26.11
N VAL A 123 -38.72 -9.82 -26.70
CA VAL A 123 -37.74 -8.85 -27.15
C VAL A 123 -38.33 -7.93 -28.20
N SER A 124 -39.10 -8.50 -29.14
CA SER A 124 -39.71 -7.68 -30.18
C SER A 124 -40.67 -6.67 -29.58
N LYS A 125 -41.46 -7.07 -28.60
CA LYS A 125 -42.43 -6.15 -28.00
C LYS A 125 -41.73 -5.03 -27.23
N MET A 126 -40.67 -5.36 -26.50
CA MET A 126 -39.95 -4.29 -25.81
C MET A 126 -39.29 -3.34 -26.80
N ASP A 127 -38.77 -3.87 -27.91
CA ASP A 127 -38.22 -2.98 -28.94
C ASP A 127 -39.32 -2.09 -29.51
N ASN A 128 -40.51 -2.65 -29.71
CA ASN A 128 -41.66 -1.86 -30.16
C ASN A 128 -41.93 -0.71 -29.19
N ILE A 129 -41.90 -1.00 -27.89
CA ILE A 129 -42.11 0.05 -26.89
C ILE A 129 -41.02 1.11 -27.00
N SER A 130 -39.76 0.68 -27.03
CA SER A 130 -38.66 1.63 -27.00
C SER A 130 -38.64 2.51 -28.24
N ARG A 131 -39.03 1.99 -29.39
CA ARG A 131 -38.90 2.74 -30.63
C ARG A 131 -39.94 3.85 -30.74
N SER A 141 -43.35 6.41 -29.06
CA SER A 141 -43.51 7.45 -28.06
C SER A 141 -43.61 6.87 -26.65
N CYS A 142 -44.31 5.74 -26.51
CA CYS A 142 -44.66 5.22 -25.19
C CYS A 142 -43.46 4.76 -24.37
N ALA A 143 -42.23 4.93 -24.88
CA ALA A 143 -41.07 4.58 -24.08
C ALA A 143 -41.01 5.42 -22.81
N ARG A 144 -41.22 6.73 -22.94
CA ARG A 144 -41.06 7.64 -21.82
C ARG A 144 -42.04 7.32 -20.69
N SER A 145 -43.30 7.11 -21.04
CA SER A 145 -44.35 6.97 -20.03
C SER A 145 -44.38 5.58 -19.40
N LEU A 146 -43.68 4.61 -19.97
CA LEU A 146 -43.71 3.24 -19.49
C LEU A 146 -42.40 2.77 -18.88
N LEU A 147 -41.26 3.30 -19.33
CA LEU A 147 -39.98 2.72 -18.95
C LEU A 147 -39.36 3.39 -17.73
N MET A 148 -39.10 4.69 -17.82
CA MET A 148 -38.21 5.38 -16.88
C MET A 148 -38.89 6.59 -16.26
N ALA A 149 -40.12 6.42 -15.79
CA ALA A 149 -40.83 7.46 -15.07
C ALA A 149 -41.17 7.02 -13.64
N ASP A 150 -40.38 6.11 -13.09
CA ASP A 150 -40.56 5.62 -11.74
C ASP A 150 -39.19 5.32 -11.14
N ARG A 151 -39.14 5.25 -9.81
CA ARG A 151 -37.93 4.77 -9.16
C ARG A 151 -37.56 3.39 -9.68
N MET A 152 -38.57 2.56 -9.92
CA MET A 152 -38.39 1.28 -10.57
C MET A 152 -38.66 1.39 -12.06
N GLN A 153 -38.31 0.33 -12.77
CA GLN A 153 -38.72 0.15 -14.16
C GLN A 153 -38.99 -1.34 -14.28
N ILE A 154 -40.23 -1.74 -13.99
CA ILE A 154 -40.58 -3.15 -13.94
C ILE A 154 -40.35 -3.79 -15.30
N VAL A 155 -40.75 -3.09 -16.37
CA VAL A 155 -40.51 -3.57 -17.72
C VAL A 155 -39.03 -3.85 -17.92
N VAL A 156 -38.19 -2.88 -17.54
CA VAL A 156 -36.76 -2.99 -17.79
C VAL A 156 -36.16 -4.16 -17.01
N ILE A 157 -36.51 -4.27 -15.73
CA ILE A 157 -35.91 -5.32 -14.91
C ILE A 157 -36.39 -6.69 -15.36
N LEU A 158 -37.66 -6.81 -15.77
CA LEU A 158 -38.14 -8.09 -16.27
C LEU A 158 -37.40 -8.49 -17.52
N SER A 159 -37.28 -7.57 -18.48
CA SER A 159 -36.59 -7.90 -19.72
C SER A 159 -35.13 -8.22 -19.46
N GLU A 160 -34.49 -7.49 -18.56
CA GLU A 160 -33.09 -7.74 -18.25
C GLU A 160 -32.91 -9.07 -17.55
N PHE A 161 -33.86 -9.48 -16.71
CA PHE A 161 -33.81 -10.80 -16.11
C PHE A 161 -33.94 -11.88 -17.17
N PHE A 162 -34.87 -11.70 -18.11
CA PHE A 162 -34.98 -12.65 -19.21
C PHE A 162 -33.69 -12.74 -19.99
N ASN A 163 -33.07 -11.60 -20.28
CA ASN A 163 -31.83 -11.59 -21.04
C ASN A 163 -30.68 -12.22 -20.26
N THR A 164 -30.64 -12.01 -18.95
CA THR A 164 -29.63 -12.65 -18.13
C THR A 164 -29.78 -14.16 -18.15
N THR A 165 -31.02 -14.64 -18.06
CA THR A 165 -31.26 -16.07 -18.11
C THR A 165 -30.88 -16.63 -19.47
N TRP A 166 -31.19 -15.90 -20.53
CA TRP A 166 -30.84 -16.36 -21.88
C TRP A 166 -29.32 -16.40 -22.08
N GLN A 167 -28.63 -15.33 -21.71
CA GLN A 167 -27.18 -15.28 -21.91
C GLN A 167 -26.46 -16.30 -21.04
N GLU A 168 -26.83 -16.39 -19.77
CA GLU A 168 -26.22 -17.34 -18.85
C GLU A 168 -26.56 -18.78 -19.21
N ALA A 169 -27.35 -19.00 -20.26
CA ALA A 169 -27.57 -20.33 -20.80
C ALA A 169 -26.71 -20.63 -22.01
N ASN A 170 -26.16 -19.60 -22.66
CA ASN A 170 -25.50 -19.78 -23.96
C ASN A 170 -26.48 -20.36 -24.97
N CYS A 171 -27.77 -20.10 -24.75
CA CYS A 171 -28.80 -20.73 -25.56
C CYS A 171 -28.71 -20.33 -27.02
N ALA A 172 -27.99 -19.26 -27.34
CA ALA A 172 -27.73 -18.92 -28.73
C ALA A 172 -26.94 -20.02 -29.44
N ASN A 173 -26.28 -20.89 -28.67
CA ASN A 173 -25.56 -22.02 -29.27
C ASN A 173 -26.52 -22.90 -30.05
N CYS A 174 -27.68 -23.20 -29.47
CA CYS A 174 -28.67 -24.03 -30.16
C CYS A 174 -29.17 -23.35 -31.43
N LEU A 175 -29.46 -22.05 -31.34
CA LEU A 175 -30.08 -21.35 -32.46
C LEU A 175 -29.04 -20.89 -33.46
N THR A 176 -29.45 -20.82 -34.72
CA THR A 176 -28.60 -20.33 -35.78
C THR A 176 -28.53 -18.80 -35.73
N ASN A 177 -27.81 -18.22 -36.69
CA ASN A 177 -27.77 -16.76 -36.78
C ASN A 177 -29.14 -16.19 -37.08
N ASN A 178 -30.00 -16.97 -37.73
CA ASN A 178 -31.33 -16.49 -38.10
C ASN A 178 -32.31 -16.51 -36.94
N SER A 179 -31.99 -17.24 -35.87
CA SER A 179 -32.83 -17.36 -34.68
C SER A 179 -34.11 -18.15 -34.95
N GLU A 180 -34.32 -18.62 -36.18
CA GLU A 180 -35.61 -19.20 -36.55
C GLU A 180 -35.79 -20.59 -35.93
N GLU A 181 -34.89 -21.51 -36.25
CA GLU A 181 -34.95 -22.89 -35.75
C GLU A 181 -33.60 -23.28 -35.18
N LEU A 182 -33.58 -24.47 -34.57
CA LEU A 182 -32.35 -24.98 -33.98
C LEU A 182 -31.36 -25.41 -35.05
N SER A 183 -30.08 -25.37 -34.68
CA SER A 183 -29.03 -25.82 -35.58
C SER A 183 -29.03 -27.34 -35.69
N ASN A 184 -28.59 -27.83 -36.84
CA ASN A 184 -28.55 -29.28 -37.07
C ASN A 184 -27.65 -29.99 -36.06
N SER A 185 -26.64 -29.30 -35.53
CA SER A 185 -25.76 -29.93 -34.56
C SER A 185 -26.51 -30.35 -33.30
N THR A 186 -27.27 -29.42 -32.73
CA THR A 186 -27.97 -29.72 -31.48
C THR A 186 -29.11 -30.70 -31.72
N VAL A 187 -29.80 -30.59 -32.87
CA VAL A 187 -30.81 -31.58 -33.21
C VAL A 187 -30.19 -32.96 -33.28
N TYR A 188 -29.04 -33.07 -33.95
CA TYR A 188 -28.34 -34.34 -34.05
C TYR A 188 -27.98 -34.88 -32.68
N PHE A 189 -27.49 -34.02 -31.78
CA PHE A 189 -27.11 -34.48 -30.45
C PHE A 189 -28.31 -34.97 -29.67
N LEU A 190 -29.41 -34.20 -29.68
CA LEU A 190 -30.59 -34.58 -28.92
C LEU A 190 -31.19 -35.87 -29.48
N ASN A 191 -31.07 -36.06 -30.79
CA ASN A 191 -31.61 -37.25 -31.44
C ASN A 191 -30.75 -38.47 -31.15
N LEU A 192 -29.42 -38.29 -31.07
CA LEU A 192 -28.56 -39.35 -30.55
C LEU A 192 -28.90 -39.66 -29.10
N PHE A 193 -29.23 -38.64 -28.31
CA PHE A 193 -29.64 -38.86 -26.93
C PHE A 193 -30.91 -39.71 -26.86
N ASN A 194 -31.87 -39.41 -27.74
CA ASN A 194 -33.09 -40.21 -27.83
C ASN A 194 -32.77 -41.65 -28.21
N HIS A 195 -31.93 -41.84 -29.23
CA HIS A 195 -31.53 -43.19 -29.63
C HIS A 195 -30.83 -43.92 -28.50
N THR A 196 -29.98 -43.21 -27.77
CA THR A 196 -29.26 -43.80 -26.66
C THR A 196 -30.22 -44.28 -25.57
N LEU A 197 -31.13 -43.42 -25.15
CA LEU A 197 -32.11 -43.84 -24.15
C LEU A 197 -32.99 -44.96 -24.67
N THR A 198 -33.25 -44.98 -25.99
CA THR A 198 -33.95 -46.11 -26.57
C THR A 198 -33.18 -47.40 -26.37
N CYS A 199 -31.86 -47.36 -26.60
CA CYS A 199 -31.03 -48.53 -26.33
C CYS A 199 -31.08 -48.92 -24.86
N PHE A 200 -31.00 -47.94 -23.97
CA PHE A 200 -31.00 -48.24 -22.54
C PHE A 200 -32.29 -48.94 -22.12
N GLU A 201 -33.44 -48.39 -22.51
CA GLU A 201 -34.71 -49.01 -22.15
C GLU A 201 -34.86 -50.36 -22.85
N HIS A 202 -34.38 -50.46 -24.09
CA HIS A 202 -34.47 -51.69 -24.85
C HIS A 202 -33.88 -52.88 -24.10
N ASN A 203 -32.71 -52.69 -23.51
CA ASN A 203 -31.97 -53.77 -22.87
C ASN A 203 -32.12 -53.78 -21.35
N LEU A 204 -32.97 -52.92 -20.79
CA LEU A 204 -33.12 -52.88 -19.34
C LEU A 204 -33.65 -54.20 -18.81
N GLN A 205 -34.61 -54.79 -19.51
CA GLN A 205 -35.20 -56.07 -19.10
C GLN A 205 -35.52 -56.93 -20.31
N TYR A 217 -27.09 -55.65 -14.92
CA TYR A 217 -27.23 -54.63 -15.96
C TYR A 217 -26.11 -54.76 -17.00
N SER A 218 -25.54 -55.96 -17.12
CA SER A 218 -24.48 -56.18 -18.09
C SER A 218 -25.02 -56.01 -19.51
N GLU A 219 -26.28 -56.40 -19.71
CA GLU A 219 -26.93 -56.34 -21.01
C GLU A 219 -26.85 -54.92 -21.56
N VAL A 220 -27.29 -53.97 -20.75
CA VAL A 220 -27.42 -52.57 -21.15
C VAL A 220 -26.06 -52.02 -21.55
N CYS A 221 -25.04 -52.27 -20.72
CA CYS A 221 -23.70 -51.78 -21.03
C CYS A 221 -23.20 -52.40 -22.33
N LYS A 222 -23.25 -53.72 -22.43
CA LYS A 222 -22.67 -54.40 -23.57
C LYS A 222 -23.29 -53.92 -24.87
N ASN A 223 -24.60 -53.60 -24.84
CA ASN A 223 -25.28 -53.23 -26.08
C ASN A 223 -25.26 -51.73 -26.37
N CYS A 224 -25.19 -50.88 -25.35
CA CYS A 224 -25.25 -49.43 -25.54
C CYS A 224 -23.89 -48.77 -25.40
N ARG A 225 -22.81 -49.55 -25.30
CA ARG A 225 -21.48 -48.97 -25.28
C ARG A 225 -21.26 -48.02 -26.46
N GLU A 226 -21.53 -48.50 -27.68
CA GLU A 226 -21.23 -47.70 -28.85
C GLU A 226 -22.08 -46.44 -28.88
N ALA A 227 -23.35 -46.55 -28.49
CA ALA A 227 -24.21 -45.38 -28.46
C ALA A 227 -23.67 -44.34 -27.49
N TYR A 228 -23.30 -44.77 -26.29
CA TYR A 228 -22.79 -43.82 -25.30
C TYR A 228 -21.49 -43.19 -25.77
N LYS A 229 -20.62 -43.98 -26.40
CA LYS A 229 -19.34 -43.45 -26.84
C LYS A 229 -19.51 -42.45 -27.97
N THR A 230 -20.43 -42.74 -28.91
CA THR A 230 -20.73 -41.77 -29.95
C THR A 230 -21.28 -40.48 -29.35
N LEU A 231 -22.17 -40.61 -28.36
CA LEU A 231 -22.72 -39.42 -27.70
C LEU A 231 -21.62 -38.59 -27.06
N SER A 232 -20.73 -39.24 -26.32
CA SER A 232 -19.65 -38.51 -25.65
C SER A 232 -18.71 -37.86 -26.65
N SER A 233 -18.37 -38.58 -27.72
CA SER A 233 -17.50 -38.00 -28.74
C SER A 233 -18.14 -36.78 -29.38
N LEU A 234 -19.44 -36.86 -29.67
CA LEU A 234 -20.13 -35.70 -30.24
C LEU A 234 -20.15 -34.53 -29.26
N TYR A 235 -20.36 -34.82 -27.98
CA TYR A 235 -20.35 -33.74 -26.99
C TYR A 235 -18.99 -33.05 -26.95
N SER A 236 -17.92 -33.84 -26.95
CA SER A 236 -16.58 -33.24 -26.94
C SER A 236 -16.32 -32.44 -28.22
N GLU A 237 -16.74 -32.97 -29.37
CA GLU A 237 -16.55 -32.26 -30.63
C GLU A 237 -17.29 -30.94 -30.63
N MET A 238 -18.52 -30.94 -30.13
CA MET A 238 -19.28 -29.69 -30.07
C MET A 238 -18.66 -28.72 -29.09
N GLN A 239 -18.13 -29.21 -27.97
CA GLN A 239 -17.42 -28.35 -27.04
C GLN A 239 -16.28 -27.64 -27.75
N LYS A 240 -15.44 -28.39 -28.46
CA LYS A 240 -14.29 -27.80 -29.14
C LYS A 240 -14.74 -26.85 -30.25
N MET A 241 -15.78 -27.23 -31.00
CA MET A 241 -16.27 -26.38 -32.07
C MET A 241 -16.79 -25.06 -31.52
N ASN A 242 -17.54 -25.10 -30.43
CA ASN A 242 -18.02 -23.86 -29.81
C ASN A 242 -16.86 -23.02 -29.33
N GLU A 243 -15.87 -23.64 -28.69
CA GLU A 243 -14.74 -22.88 -28.17
C GLU A 243 -14.00 -22.17 -29.29
N LEU A 244 -13.78 -22.85 -30.43
CA LEU A 244 -13.03 -22.22 -31.51
C LEU A 244 -13.88 -21.22 -32.28
N GLU A 245 -15.19 -21.49 -32.45
CA GLU A 245 -16.04 -20.59 -33.20
C GLU A 245 -16.27 -19.28 -32.44
N ASN A 246 -16.59 -19.38 -31.16
CA ASN A 246 -16.80 -18.19 -30.35
C ASN A 246 -15.49 -17.59 -29.86
N LYS A 247 -14.36 -18.27 -30.06
CA LYS A 247 -13.08 -17.81 -29.54
C LYS A 247 -13.16 -17.57 -28.04
N ALA A 248 -14.00 -18.35 -27.36
CA ALA A 248 -14.24 -18.17 -25.94
C ALA A 248 -13.18 -18.88 -25.11
N GLU A 249 -13.15 -18.58 -23.83
CA GLU A 249 -12.20 -19.19 -22.92
C GLU A 249 -12.51 -20.67 -22.73
N PRO A 250 -11.51 -21.48 -22.39
CA PRO A 250 -11.77 -22.92 -22.19
C PRO A 250 -12.74 -23.15 -21.05
N GLY A 251 -13.54 -24.21 -21.19
CA GLY A 251 -14.54 -24.56 -20.21
C GLY A 251 -15.85 -23.82 -20.33
N THR A 252 -16.02 -23.00 -21.37
CA THR A 252 -17.26 -22.26 -21.54
C THR A 252 -18.41 -23.23 -21.79
N HIS A 253 -19.57 -22.91 -21.22
CA HIS A 253 -20.72 -23.80 -21.26
C HIS A 253 -21.41 -23.74 -22.62
N LEU A 254 -22.33 -24.68 -22.82
CA LEU A 254 -23.15 -24.79 -24.03
C LEU A 254 -24.62 -24.64 -23.64
N CYS A 255 -25.50 -24.91 -24.61
CA CYS A 255 -26.92 -24.98 -24.32
C CYS A 255 -27.17 -25.83 -23.08
N ILE A 256 -27.99 -25.31 -22.18
CA ILE A 256 -28.26 -26.02 -20.93
C ILE A 256 -28.97 -27.34 -21.21
N ASP A 257 -29.78 -27.40 -22.27
CA ASP A 257 -30.45 -28.66 -22.59
C ASP A 257 -29.44 -29.74 -22.97
N VAL A 258 -28.45 -29.38 -23.79
CA VAL A 258 -27.42 -30.33 -24.19
C VAL A 258 -26.66 -30.85 -22.97
N GLU A 259 -26.25 -29.92 -22.09
CA GLU A 259 -25.50 -30.32 -20.91
C GLU A 259 -26.35 -31.18 -19.98
N ASP A 260 -27.64 -30.86 -19.84
CA ASP A 260 -28.50 -31.66 -18.98
C ASP A 260 -28.65 -33.07 -19.53
N ALA A 261 -28.82 -33.20 -20.85
CA ALA A 261 -28.90 -34.53 -21.45
C ALA A 261 -27.59 -35.28 -21.26
N MET A 262 -26.47 -34.60 -21.48
CA MET A 262 -25.16 -35.22 -21.31
C MET A 262 -25.03 -35.76 -19.90
N ASN A 263 -25.43 -34.96 -18.91
CA ASN A 263 -25.30 -35.35 -17.51
C ASN A 263 -26.25 -36.48 -17.16
N ILE A 264 -27.48 -36.46 -17.69
CA ILE A 264 -28.39 -37.56 -17.44
C ILE A 264 -27.79 -38.86 -17.96
N THR A 265 -27.23 -38.83 -19.17
CA THR A 265 -26.58 -40.01 -19.71
C THR A 265 -25.39 -40.43 -18.86
N ARG A 266 -24.57 -39.47 -18.43
CA ARG A 266 -23.40 -39.79 -17.63
C ARG A 266 -23.78 -40.44 -16.32
N LYS A 267 -24.81 -39.91 -15.66
CA LYS A 267 -25.29 -40.50 -14.41
C LYS A 267 -25.84 -41.89 -14.63
N LEU A 268 -26.58 -42.09 -15.72
CA LEU A 268 -27.11 -43.41 -16.02
C LEU A 268 -25.97 -44.41 -16.23
N TRP A 269 -24.93 -43.99 -16.93
CA TRP A 269 -23.83 -44.89 -17.28
C TRP A 269 -22.97 -45.22 -16.07
N SER A 270 -22.46 -44.19 -15.39
CA SER A 270 -21.39 -44.38 -14.41
C SER A 270 -21.89 -44.96 -13.09
N ARG A 271 -23.11 -44.60 -12.71
CA ARG A 271 -23.68 -44.89 -11.40
C ARG A 271 -24.86 -45.86 -11.38
N THR A 272 -25.96 -45.55 -12.05
CA THR A 272 -27.12 -46.42 -11.95
C THR A 272 -26.80 -47.80 -12.49
N PHE A 273 -26.08 -47.86 -13.60
CA PHE A 273 -25.65 -49.11 -14.20
C PHE A 273 -24.20 -49.45 -13.89
N ASN A 274 -23.37 -48.46 -13.60
CA ASN A 274 -21.97 -48.69 -13.23
C ASN A 274 -21.25 -49.50 -14.29
N CYS A 275 -21.43 -49.09 -15.55
CA CYS A 275 -20.87 -49.82 -16.67
C CYS A 275 -19.38 -49.53 -16.88
N SER A 276 -18.85 -48.45 -16.32
CA SER A 276 -17.47 -48.08 -16.56
C SER A 276 -16.52 -49.12 -15.95
N VAL A 277 -15.54 -49.55 -16.73
CA VAL A 277 -14.57 -50.54 -16.29
C VAL A 277 -13.17 -50.10 -16.69
N PRO A 278 -12.60 -49.08 -16.04
CA PRO A 278 -11.23 -48.69 -16.36
C PRO A 278 -10.24 -49.81 -16.06
N CYS A 279 -9.22 -49.92 -16.91
CA CYS A 279 -8.22 -50.96 -16.75
C CYS A 279 -7.26 -50.62 -15.61
N SER A 280 -6.65 -51.66 -15.05
CA SER A 280 -5.73 -51.54 -13.92
C SER A 280 -4.34 -51.95 -14.35
N ASP A 281 -3.35 -51.11 -14.02
CA ASP A 281 -1.95 -51.36 -14.31
C ASP A 281 -1.10 -51.11 -13.07
N THR A 282 -1.53 -51.67 -11.94
CA THR A 282 -0.89 -51.39 -10.66
C THR A 282 0.57 -51.86 -10.67
N VAL A 283 0.81 -53.08 -11.14
CA VAL A 283 2.16 -53.66 -11.02
C VAL A 283 3.20 -52.87 -11.80
N PRO A 284 3.00 -52.57 -13.09
CA PRO A 284 4.03 -51.78 -13.80
C PRO A 284 4.28 -50.42 -13.17
N VAL A 285 3.22 -49.70 -12.81
CA VAL A 285 3.37 -48.39 -12.23
C VAL A 285 4.16 -48.47 -10.93
N ILE A 286 3.81 -49.43 -10.08
CA ILE A 286 4.47 -49.57 -8.79
C ILE A 286 5.95 -49.90 -8.99
N ALA A 287 6.24 -50.84 -9.90
CA ALA A 287 7.63 -51.21 -10.12
C ALA A 287 8.45 -50.03 -10.63
N VAL A 288 7.91 -49.32 -11.63
CA VAL A 288 8.65 -48.21 -12.22
C VAL A 288 8.89 -47.13 -11.17
N SER A 289 7.85 -46.77 -10.42
CA SER A 289 8.00 -45.73 -9.41
C SER A 289 9.00 -46.14 -8.34
N VAL A 290 8.96 -47.40 -7.91
CA VAL A 290 9.88 -47.87 -6.88
C VAL A 290 11.31 -47.80 -7.37
N PHE A 291 11.56 -48.23 -8.60
CA PHE A 291 12.91 -48.17 -9.14
C PHE A 291 13.40 -46.73 -9.25
N ILE A 292 12.55 -45.83 -9.75
CA ILE A 292 12.96 -44.44 -9.92
C ILE A 292 13.23 -43.80 -8.57
N LEU A 293 12.45 -44.17 -7.54
CA LEU A 293 12.69 -43.65 -6.21
C LEU A 293 13.95 -44.24 -5.60
N PHE A 294 14.28 -45.48 -5.95
CA PHE A 294 15.53 -46.09 -5.48
C PHE A 294 16.73 -45.35 -6.05
N LEU A 295 16.64 -44.91 -7.30
CA LEU A 295 17.80 -44.32 -7.97
C LEU A 295 18.52 -43.26 -7.16
N PRO A 296 17.84 -42.22 -6.64
CA PRO A 296 18.58 -41.18 -5.89
C PRO A 296 19.30 -41.72 -4.67
N VAL A 297 18.71 -42.70 -3.98
CA VAL A 297 19.36 -43.29 -2.83
C VAL A 297 20.67 -43.94 -3.25
N VAL A 298 20.65 -44.68 -4.36
CA VAL A 298 21.87 -45.29 -4.88
C VAL A 298 22.89 -44.22 -5.23
N PHE A 299 22.45 -43.14 -5.87
CA PHE A 299 23.36 -42.06 -6.23
C PHE A 299 24.08 -41.52 -5.01
N TYR A 300 23.32 -41.15 -3.98
CA TYR A 300 23.92 -40.55 -2.79
C TYR A 300 24.82 -41.54 -2.06
N LEU A 301 24.38 -42.79 -1.91
CA LEU A 301 25.21 -43.78 -1.23
C LEU A 301 26.50 -44.03 -1.99
N SER A 302 26.43 -44.12 -3.32
CA SER A 302 27.63 -44.31 -4.12
C SER A 302 28.58 -43.15 -3.96
N SER A 303 28.06 -41.92 -3.96
CA SER A 303 28.92 -40.76 -3.74
C SER A 303 29.60 -40.86 -2.38
N PHE A 304 28.84 -41.20 -1.35
CA PHE A 304 29.40 -41.30 0.00
C PHE A 304 30.51 -42.34 0.05
N LEU A 305 30.24 -43.55 -0.44
CA LEU A 305 31.22 -44.62 -0.36
C LEU A 305 32.45 -44.31 -1.20
N HIS A 306 32.26 -43.75 -2.39
CA HIS A 306 33.39 -43.42 -3.26
C HIS A 306 34.27 -42.34 -2.62
N SER A 307 33.66 -41.31 -2.04
CA SER A 307 34.45 -40.30 -1.37
C SER A 307 35.18 -40.87 -0.17
N GLU A 308 34.54 -41.77 0.58
CA GLU A 308 35.22 -42.41 1.70
C GLU A 308 36.42 -43.22 1.22
N GLN A 309 36.27 -43.96 0.13
CA GLN A 309 37.39 -44.72 -0.41
C GLN A 309 38.51 -43.81 -0.89
N LYS A 310 38.15 -42.71 -1.55
CA LYS A 310 39.13 -41.77 -2.06
C LYS A 310 40.05 -42.44 -3.08
N SER B 91 37.32 -16.82 1.91
CA SER B 91 36.81 -15.67 2.65
C SER B 91 37.56 -14.39 2.28
N LEU B 92 38.82 -14.55 1.88
CA LEU B 92 39.64 -13.41 1.50
C LEU B 92 39.55 -13.08 0.02
N LYS B 93 38.85 -13.89 -0.78
CA LYS B 93 38.60 -13.55 -2.16
C LYS B 93 37.44 -12.58 -2.34
N TYR B 94 36.70 -12.30 -1.26
CA TYR B 94 35.57 -11.37 -1.31
C TYR B 94 36.08 -9.98 -0.94
N GLU B 95 36.20 -9.11 -1.94
CA GLU B 95 36.65 -7.74 -1.71
C GLU B 95 35.47 -6.90 -1.25
N SER B 96 35.68 -5.59 -1.16
CA SER B 96 34.66 -4.67 -0.70
C SER B 96 34.40 -3.60 -1.76
N LEU B 97 33.26 -2.93 -1.61
CA LEU B 97 32.82 -1.90 -2.53
C LEU B 97 33.21 -0.53 -1.98
N ASP B 98 33.83 0.29 -2.83
CA ASP B 98 34.31 1.61 -2.42
C ASP B 98 33.17 2.63 -2.54
N TYR B 99 32.22 2.53 -1.61
CA TYR B 99 31.12 3.48 -1.59
C TYR B 99 31.55 4.86 -1.10
N ASP B 100 32.60 4.91 -0.28
CA ASP B 100 33.09 6.18 0.26
C ASP B 100 33.90 6.89 -0.81
N ASN B 101 33.29 7.85 -1.48
CA ASN B 101 33.99 8.61 -2.52
C ASN B 101 35.10 9.44 -1.92
N SER B 102 36.24 9.45 -2.59
CA SER B 102 37.42 10.17 -2.12
C SER B 102 37.39 11.60 -2.69
N GLU B 103 37.35 12.58 -1.80
CA GLU B 103 37.28 13.99 -2.19
C GLU B 103 38.68 14.56 -2.42
N ASN B 104 39.36 14.00 -3.40
CA ASN B 104 40.69 14.46 -3.76
C ASN B 104 40.60 15.73 -4.59
N GLN B 105 41.76 16.32 -4.90
CA GLN B 105 41.79 17.56 -5.66
C GLN B 105 41.20 17.39 -7.05
N LEU B 106 41.47 16.25 -7.69
CA LEU B 106 40.96 16.03 -9.04
C LEU B 106 39.44 15.93 -9.03
N PHE B 107 38.86 15.27 -8.03
CA PHE B 107 37.41 15.21 -7.92
C PHE B 107 36.81 16.60 -7.74
N LEU B 108 37.44 17.42 -6.89
CA LEU B 108 36.96 18.78 -6.68
C LEU B 108 37.02 19.60 -7.97
N GLU B 109 38.11 19.47 -8.72
CA GLU B 109 38.23 20.19 -9.98
C GLU B 109 37.17 19.71 -10.98
N GLU B 110 36.95 18.39 -11.04
CA GLU B 110 35.94 17.88 -11.95
C GLU B 110 34.55 18.41 -11.60
N GLU B 111 34.21 18.41 -10.31
CA GLU B 111 32.91 18.94 -9.90
C GLU B 111 32.80 20.43 -10.20
N ARG B 112 33.88 21.19 -9.96
CA ARG B 112 33.86 22.61 -10.27
C ARG B 112 33.61 22.84 -11.75
N ARG B 113 34.32 22.12 -12.61
CA ARG B 113 34.14 22.27 -14.05
C ARG B 113 32.72 21.88 -14.46
N ILE B 114 32.21 20.78 -13.90
CA ILE B 114 30.88 20.32 -14.26
C ILE B 114 29.83 21.36 -13.89
N ASN B 115 29.94 21.92 -12.69
CA ASN B 115 29.01 22.95 -12.25
C ASN B 115 29.23 24.28 -12.95
N HIS B 116 30.37 24.46 -13.62
CA HIS B 116 30.66 25.69 -14.34
C HIS B 116 30.33 25.58 -15.83
N THR B 117 29.57 24.57 -16.23
CA THR B 117 29.19 24.38 -17.62
C THR B 117 27.89 25.11 -17.98
N ALA B 118 27.29 25.82 -17.05
CA ALA B 118 26.03 26.55 -17.22
C ALA B 118 24.82 25.64 -17.28
N PHE B 119 25.00 24.32 -17.23
CA PHE B 119 23.89 23.39 -17.26
C PHE B 119 24.35 22.05 -16.68
N ARG B 120 23.51 21.44 -15.86
CA ARG B 120 23.81 20.17 -15.22
C ARG B 120 22.89 19.10 -15.78
N THR B 121 23.49 18.02 -16.28
CA THR B 121 22.75 16.93 -16.91
C THR B 121 22.84 15.63 -16.12
N VAL B 122 23.59 15.60 -15.01
CA VAL B 122 23.80 14.36 -14.28
C VAL B 122 22.49 13.84 -13.72
N GLU B 123 21.67 14.73 -13.14
CA GLU B 123 20.41 14.30 -12.56
C GLU B 123 19.46 13.77 -13.64
N ILE B 124 19.40 14.45 -14.78
CA ILE B 124 18.55 13.99 -15.88
C ILE B 124 19.00 12.60 -16.33
N LYS B 125 20.31 12.40 -16.46
CA LYS B 125 20.82 11.10 -16.87
C LYS B 125 20.48 10.03 -15.84
N ARG B 126 20.56 10.36 -14.55
CA ARG B 126 20.20 9.41 -13.51
C ARG B 126 18.73 8.99 -13.64
N TRP B 127 17.85 9.97 -13.84
CA TRP B 127 16.43 9.67 -13.99
C TRP B 127 16.18 8.80 -15.22
N VAL B 128 16.84 9.14 -16.33
CA VAL B 128 16.71 8.34 -17.55
C VAL B 128 17.18 6.91 -17.31
N ILE B 129 18.29 6.75 -16.58
CA ILE B 129 18.83 5.42 -16.32
C ILE B 129 17.84 4.61 -15.50
N CYS B 130 17.26 5.23 -14.48
CA CYS B 130 16.26 4.52 -13.67
C CYS B 130 15.07 4.10 -14.53
N ALA B 131 14.63 4.98 -15.43
CA ALA B 131 13.50 4.64 -16.30
C ALA B 131 13.82 3.45 -17.19
N LEU B 132 14.99 3.47 -17.85
CA LEU B 132 15.43 2.32 -18.64
C LEU B 132 15.55 1.05 -17.79
N ILE B 133 16.06 1.17 -16.57
CA ILE B 133 16.19 -0.01 -15.71
C ILE B 133 14.82 -0.64 -15.48
N GLY B 134 13.84 0.19 -15.13
CA GLY B 134 12.50 -0.33 -14.91
C GLY B 134 11.90 -0.94 -16.16
N ILE B 135 12.05 -0.25 -17.30
CA ILE B 135 11.46 -0.73 -18.54
C ILE B 135 12.05 -2.09 -18.91
N LEU B 136 13.37 -2.22 -18.83
CA LEU B 136 14.01 -3.46 -19.24
C LEU B 136 13.69 -4.59 -18.27
N THR B 137 13.61 -4.30 -16.97
CA THR B 137 13.21 -5.33 -16.03
C THR B 137 11.80 -5.82 -16.33
N GLY B 138 10.88 -4.90 -16.63
CA GLY B 138 9.54 -5.30 -16.99
C GLY B 138 9.50 -6.15 -18.24
N LEU B 139 10.28 -5.78 -19.26
CA LEU B 139 10.32 -6.57 -20.49
C LEU B 139 10.87 -7.96 -20.23
N VAL B 140 11.90 -8.07 -19.39
CA VAL B 140 12.46 -9.37 -19.07
C VAL B 140 11.41 -10.24 -18.36
N ALA B 141 10.69 -9.65 -17.42
CA ALA B 141 9.64 -10.40 -16.74
C ALA B 141 8.57 -10.87 -17.72
N CYS B 142 8.17 -10.00 -18.65
CA CYS B 142 7.18 -10.39 -19.65
C CYS B 142 7.68 -11.55 -20.49
N PHE B 143 8.93 -11.48 -20.94
CA PHE B 143 9.49 -12.55 -21.75
C PHE B 143 9.50 -13.87 -20.99
N ILE B 144 9.92 -13.82 -19.72
CA ILE B 144 9.94 -15.04 -18.91
C ILE B 144 8.54 -15.61 -18.79
N ASP B 145 7.56 -14.76 -18.49
CA ASP B 145 6.20 -15.24 -18.30
C ASP B 145 5.67 -15.88 -19.57
N ILE B 146 5.88 -15.24 -20.71
CA ILE B 146 5.35 -15.77 -21.97
C ILE B 146 5.97 -17.12 -22.28
N VAL B 147 7.30 -17.21 -22.18
CA VAL B 147 7.98 -18.45 -22.53
C VAL B 147 7.55 -19.57 -21.60
N VAL B 148 7.48 -19.29 -20.30
CA VAL B 148 7.06 -20.32 -19.35
C VAL B 148 5.65 -20.78 -19.67
N GLU B 149 4.74 -19.84 -19.91
CA GLU B 149 3.36 -20.19 -20.22
C GLU B 149 3.31 -21.15 -21.40
N ASN B 150 3.94 -20.77 -22.51
CA ASN B 150 3.84 -21.60 -23.72
C ASN B 150 4.46 -22.98 -23.49
N LEU B 151 5.68 -23.03 -22.98
CA LEU B 151 6.38 -24.31 -22.87
C LEU B 151 5.68 -25.23 -21.87
N ALA B 152 5.30 -24.70 -20.71
CA ALA B 152 4.61 -25.52 -19.72
C ALA B 152 3.26 -25.99 -20.25
N GLY B 153 2.56 -25.13 -20.98
CA GLY B 153 1.30 -25.54 -21.56
C GLY B 153 1.47 -26.73 -22.50
N LEU B 154 2.48 -26.66 -23.38
CA LEU B 154 2.70 -27.77 -24.30
C LEU B 154 3.07 -29.04 -23.54
N LYS B 155 3.95 -28.93 -22.54
CA LYS B 155 4.36 -30.12 -21.79
C LYS B 155 3.16 -30.77 -21.11
N TYR B 156 2.35 -29.95 -20.44
CA TYR B 156 1.19 -30.49 -19.74
C TYR B 156 0.18 -31.08 -20.71
N ARG B 157 -0.01 -30.45 -21.86
CA ARG B 157 -0.93 -30.99 -22.85
C ARG B 157 -0.47 -32.36 -23.34
N VAL B 158 0.83 -32.49 -23.62
CA VAL B 158 1.36 -33.77 -24.09
C VAL B 158 1.14 -34.85 -23.02
N ILE B 159 1.49 -34.53 -21.77
CA ILE B 159 1.38 -35.51 -20.71
C ILE B 159 -0.08 -35.92 -20.50
N LYS B 160 -0.99 -34.93 -20.51
CA LYS B 160 -2.39 -35.22 -20.31
C LYS B 160 -2.96 -36.06 -21.45
N GLY B 161 -2.58 -35.75 -22.68
CA GLY B 161 -3.03 -36.56 -23.80
C GLY B 161 -2.56 -37.99 -23.69
N ASN B 162 -1.29 -38.19 -23.32
CA ASN B 162 -0.79 -39.55 -23.15
C ASN B 162 -1.53 -40.27 -22.04
N ILE B 163 -1.81 -39.58 -20.93
CA ILE B 163 -2.49 -40.24 -19.81
C ILE B 163 -3.90 -40.65 -20.22
N ASP B 164 -4.63 -39.73 -20.85
CA ASP B 164 -5.99 -40.05 -21.29
C ASP B 164 -6.00 -41.20 -22.28
N LYS B 165 -5.03 -41.21 -23.21
CA LYS B 165 -4.99 -42.25 -24.22
C LYS B 165 -4.76 -43.62 -23.61
N PHE B 166 -3.97 -43.71 -22.53
CA PHE B 166 -3.62 -44.98 -21.90
C PHE B 166 -4.51 -45.32 -20.72
N THR B 167 -5.51 -44.49 -20.40
CA THR B 167 -6.32 -44.73 -19.21
C THR B 167 -7.06 -46.06 -19.29
N GLU B 168 -7.80 -46.28 -20.38
CA GLU B 168 -8.60 -47.48 -20.52
C GLU B 168 -7.87 -48.60 -21.23
N LYS B 169 -7.03 -48.26 -22.21
CA LYS B 169 -6.26 -49.29 -22.91
C LYS B 169 -5.27 -49.98 -22.00
N GLY B 170 -4.77 -49.26 -20.99
CA GLY B 170 -3.78 -49.78 -20.08
C GLY B 170 -2.42 -49.14 -20.31
N GLY B 171 -1.41 -49.72 -19.67
CA GLY B 171 -0.05 -49.25 -19.85
C GLY B 171 0.17 -47.82 -19.39
N LEU B 172 -0.38 -47.45 -18.24
CA LEU B 172 -0.18 -46.10 -17.71
C LEU B 172 1.26 -45.84 -17.29
N SER B 173 2.09 -46.89 -17.18
CA SER B 173 3.48 -46.69 -16.82
C SER B 173 4.21 -45.82 -17.84
N PHE B 174 3.91 -46.03 -19.13
CA PHE B 174 4.57 -45.25 -20.17
C PHE B 174 4.36 -43.76 -19.98
N SER B 175 3.19 -43.36 -19.47
CA SER B 175 2.96 -41.95 -19.18
C SER B 175 3.92 -41.46 -18.10
N LEU B 176 4.14 -42.28 -17.07
CA LEU B 176 5.10 -41.93 -16.03
C LEU B 176 6.50 -41.78 -16.61
N LEU B 177 6.89 -42.72 -17.48
CA LEU B 177 8.19 -42.63 -18.13
C LEU B 177 8.31 -41.34 -18.93
N LEU B 178 7.27 -40.98 -19.67
CA LEU B 178 7.32 -39.78 -20.50
C LEU B 178 7.44 -38.52 -19.65
N TRP B 179 6.64 -38.45 -18.57
CA TRP B 179 6.72 -37.31 -17.67
C TRP B 179 8.13 -37.17 -17.11
N ALA B 180 8.67 -38.27 -16.57
CA ALA B 180 10.00 -38.22 -15.99
C ALA B 180 11.04 -37.83 -17.02
N THR B 181 10.93 -38.37 -18.25
CA THR B 181 11.92 -38.09 -19.28
C THR B 181 11.90 -36.62 -19.68
N LEU B 182 10.71 -36.03 -19.86
CA LEU B 182 10.64 -34.62 -20.22
C LEU B 182 11.22 -33.75 -19.11
N ASN B 183 10.82 -34.02 -17.86
CA ASN B 183 11.38 -33.28 -16.73
C ASN B 183 12.89 -33.38 -16.72
N ALA B 184 13.41 -34.60 -16.89
CA ALA B 184 14.85 -34.83 -16.83
C ALA B 184 15.57 -34.10 -17.95
N ALA B 185 15.00 -34.10 -19.15
CA ALA B 185 15.66 -33.41 -20.26
C ALA B 185 15.78 -31.92 -20.00
N PHE B 186 14.66 -31.28 -19.63
CA PHE B 186 14.70 -29.84 -19.38
C PHE B 186 15.67 -29.52 -18.24
N VAL B 187 15.58 -30.26 -17.15
CA VAL B 187 16.44 -29.99 -16.01
C VAL B 187 17.89 -30.29 -16.35
N LEU B 188 18.13 -31.26 -17.23
CA LEU B 188 19.49 -31.56 -17.66
C LEU B 188 20.09 -30.38 -18.40
N VAL B 189 19.34 -29.80 -19.34
CA VAL B 189 19.86 -28.64 -20.06
C VAL B 189 20.15 -27.50 -19.08
N GLY B 190 19.21 -27.24 -18.17
CA GLY B 190 19.40 -26.15 -17.22
C GLY B 190 20.63 -26.36 -16.35
N SER B 191 20.76 -27.56 -15.78
CA SER B 191 21.87 -27.83 -14.88
C SER B 191 23.20 -27.86 -15.62
N VAL B 192 23.21 -28.28 -16.89
CA VAL B 192 24.44 -28.23 -17.67
C VAL B 192 24.86 -26.79 -17.90
N ILE B 193 23.92 -25.92 -18.27
CA ILE B 193 24.31 -24.54 -18.52
C ILE B 193 24.77 -23.86 -17.23
N VAL B 194 24.18 -24.22 -16.09
CA VAL B 194 24.54 -23.53 -14.85
C VAL B 194 25.82 -24.10 -14.25
N ALA B 195 25.87 -25.41 -14.04
CA ALA B 195 26.98 -26.00 -13.30
C ALA B 195 28.31 -25.80 -14.01
N PHE B 196 28.34 -25.91 -15.34
CA PHE B 196 29.57 -25.88 -16.10
C PHE B 196 29.97 -24.49 -16.53
N ILE B 197 29.03 -23.71 -17.07
CA ILE B 197 29.37 -22.40 -17.64
C ILE B 197 29.44 -21.34 -16.55
N GLU B 198 28.40 -21.24 -15.71
CA GLU B 198 28.29 -20.17 -14.73
C GLU B 198 27.69 -20.71 -13.44
N PRO B 199 28.51 -21.27 -12.54
CA PRO B 199 27.96 -21.75 -11.26
C PRO B 199 27.39 -20.65 -10.39
N VAL B 200 27.76 -19.39 -10.61
CA VAL B 200 27.25 -18.30 -9.78
C VAL B 200 25.75 -18.14 -9.98
N ALA B 201 25.22 -18.53 -11.14
CA ALA B 201 23.82 -18.35 -11.45
C ALA B 201 22.91 -19.27 -10.62
N ALA B 202 23.48 -20.21 -9.88
CA ALA B 202 22.67 -21.11 -9.08
C ALA B 202 21.92 -20.35 -7.99
N GLY B 203 20.75 -20.86 -7.63
CA GLY B 203 19.95 -20.27 -6.59
C GLY B 203 19.13 -19.10 -7.08
N SER B 204 18.49 -18.43 -6.12
CA SER B 204 17.62 -17.30 -6.43
C SER B 204 18.42 -16.06 -6.78
N GLY B 205 19.62 -15.91 -6.24
CA GLY B 205 20.41 -14.72 -6.46
C GLY B 205 20.14 -13.60 -5.50
N ILE B 206 19.21 -13.77 -4.56
CA ILE B 206 18.87 -12.74 -3.59
C ILE B 206 19.98 -12.60 -2.57
N PRO B 207 20.58 -13.70 -2.08
CA PRO B 207 21.73 -13.56 -1.17
C PRO B 207 22.88 -12.79 -1.79
N GLN B 208 23.13 -13.00 -3.08
CA GLN B 208 24.21 -12.28 -3.75
C GLN B 208 23.95 -10.79 -3.76
N ILE B 209 22.73 -10.37 -4.06
CA ILE B 209 22.41 -8.94 -4.07
C ILE B 209 22.39 -8.38 -2.66
N LYS B 210 21.96 -9.17 -1.67
CA LYS B 210 22.05 -8.73 -0.30
C LYS B 210 23.49 -8.43 0.09
N CYS B 211 24.40 -9.34 -0.28
CA CYS B 211 25.82 -9.10 -0.03
C CYS B 211 26.32 -7.87 -0.78
N PHE B 212 25.88 -7.71 -2.03
CA PHE B 212 26.32 -6.57 -2.84
C PHE B 212 25.92 -5.25 -2.20
N LEU B 213 24.66 -5.15 -1.75
CA LEU B 213 24.20 -3.93 -1.12
C LEU B 213 24.80 -3.76 0.26
N ASN B 214 25.18 -4.87 0.91
CA ASN B 214 25.94 -4.79 2.15
C ASN B 214 27.35 -4.26 1.93
N GLY B 215 27.87 -4.37 0.71
CA GLY B 215 29.18 -3.88 0.38
C GLY B 215 30.19 -4.94 -0.02
N VAL B 216 29.79 -6.20 -0.11
CA VAL B 216 30.68 -7.29 -0.49
C VAL B 216 30.44 -7.62 -1.95
N LYS B 217 31.53 -7.74 -2.72
CA LYS B 217 31.45 -8.09 -4.13
C LYS B 217 31.76 -9.57 -4.30
N ILE B 218 30.79 -10.32 -4.80
CA ILE B 218 31.00 -11.71 -5.18
C ILE B 218 31.42 -11.69 -6.65
N PRO B 219 32.35 -12.55 -7.07
CA PRO B 219 33.10 -12.26 -8.30
C PRO B 219 32.27 -12.03 -9.56
N HIS B 220 31.22 -12.82 -9.81
CA HIS B 220 30.51 -12.79 -11.08
C HIS B 220 29.02 -12.60 -10.88
N VAL B 221 28.64 -11.58 -10.10
CA VAL B 221 27.22 -11.38 -9.80
C VAL B 221 26.50 -10.53 -10.84
N VAL B 222 27.19 -9.57 -11.45
CA VAL B 222 26.53 -8.59 -12.31
C VAL B 222 27.04 -8.70 -13.74
N ARG B 223 27.37 -9.91 -14.17
CA ARG B 223 27.86 -10.15 -15.52
C ARG B 223 26.73 -10.52 -16.47
N LEU B 224 26.93 -10.21 -17.75
CA LEU B 224 25.92 -10.53 -18.77
C LEU B 224 25.69 -12.03 -18.86
N LYS B 225 26.77 -12.81 -18.83
CA LYS B 225 26.65 -14.26 -18.86
C LYS B 225 25.74 -14.74 -17.75
N THR B 226 25.88 -14.14 -16.56
CA THR B 226 25.04 -14.52 -15.43
C THR B 226 23.56 -14.25 -15.73
N LEU B 227 23.27 -13.10 -16.33
CA LEU B 227 21.88 -12.77 -16.66
C LEU B 227 21.30 -13.79 -17.63
N VAL B 228 22.02 -14.05 -18.73
CA VAL B 228 21.52 -14.99 -19.74
C VAL B 228 21.32 -16.37 -19.11
N ILE B 229 22.31 -16.83 -18.36
CA ILE B 229 22.24 -18.16 -17.77
C ILE B 229 21.08 -18.25 -16.79
N LYS B 230 20.89 -17.21 -15.98
CA LYS B 230 19.81 -17.23 -14.99
C LYS B 230 18.45 -17.26 -15.66
N VAL B 231 18.26 -16.45 -16.70
CA VAL B 231 16.97 -16.46 -17.39
C VAL B 231 16.70 -17.83 -18.01
N SER B 232 17.69 -18.37 -18.73
CA SER B 232 17.50 -19.67 -19.36
C SER B 232 17.25 -20.75 -18.31
N GLY B 233 18.00 -20.71 -17.20
CA GLY B 233 17.86 -21.73 -16.18
C GLY B 233 16.54 -21.68 -15.46
N VAL B 234 16.04 -20.47 -15.17
CA VAL B 234 14.73 -20.37 -14.54
C VAL B 234 13.66 -20.88 -15.50
N ILE B 235 13.77 -20.53 -16.79
CA ILE B 235 12.81 -21.06 -17.76
C ILE B 235 12.81 -22.58 -17.75
N LEU B 236 14.00 -23.17 -17.83
CA LEU B 236 14.09 -24.63 -17.94
C LEU B 236 13.64 -25.32 -16.66
N SER B 237 14.00 -24.76 -15.50
CA SER B 237 13.63 -25.36 -14.23
C SER B 237 12.12 -25.28 -14.00
N VAL B 238 11.51 -24.15 -14.31
CA VAL B 238 10.06 -24.04 -14.18
C VAL B 238 9.37 -25.00 -15.14
N VAL B 239 9.84 -25.06 -16.39
CA VAL B 239 9.29 -26.02 -17.33
C VAL B 239 9.75 -27.44 -17.01
N GLY B 240 10.78 -27.59 -16.19
CA GLY B 240 11.30 -28.89 -15.81
C GLY B 240 10.54 -29.58 -14.71
N GLY B 241 9.48 -28.97 -14.19
CA GLY B 241 8.67 -29.62 -13.17
C GLY B 241 9.25 -29.62 -11.78
N LEU B 242 10.15 -28.69 -11.48
CA LEU B 242 10.76 -28.61 -10.16
C LEU B 242 9.93 -27.72 -9.25
N ALA B 243 10.03 -27.97 -7.94
CA ALA B 243 9.35 -27.17 -6.93
C ALA B 243 10.14 -25.87 -6.71
N VAL B 244 10.03 -24.98 -7.70
CA VAL B 244 10.78 -23.73 -7.73
C VAL B 244 9.85 -22.61 -8.17
N GLY B 245 10.37 -21.39 -8.14
CA GLY B 245 9.62 -20.23 -8.56
C GLY B 245 10.48 -19.33 -9.45
N LYS B 246 9.79 -18.49 -10.22
CA LYS B 246 10.42 -17.58 -11.17
C LYS B 246 10.32 -16.13 -10.73
N GLU B 247 10.13 -15.88 -9.43
CA GLU B 247 9.91 -14.54 -8.91
C GLU B 247 11.17 -13.94 -8.30
N GLY B 248 11.85 -14.68 -7.43
CA GLY B 248 13.05 -14.20 -6.79
C GLY B 248 14.14 -13.80 -7.76
N PRO B 249 14.40 -14.66 -8.76
CA PRO B 249 15.49 -14.36 -9.70
C PRO B 249 15.37 -13.01 -10.36
N MET B 250 14.14 -12.53 -10.59
CA MET B 250 13.96 -11.23 -11.20
C MET B 250 14.78 -10.17 -10.49
N ILE B 251 14.77 -10.20 -9.15
CA ILE B 251 15.60 -9.27 -8.38
C ILE B 251 17.01 -9.25 -8.94
N HIS B 252 17.67 -10.41 -8.92
CA HIS B 252 19.01 -10.52 -9.45
C HIS B 252 19.09 -9.92 -10.84
N SER B 253 18.17 -10.34 -11.72
CA SER B 253 18.19 -9.83 -13.09
C SER B 253 18.23 -8.32 -13.11
N GLY B 254 17.32 -7.68 -12.36
CA GLY B 254 17.28 -6.24 -12.36
C GLY B 254 18.62 -5.65 -11.98
N SER B 255 19.21 -6.17 -10.91
CA SER B 255 20.51 -5.67 -10.49
C SER B 255 21.50 -5.67 -11.65
N VAL B 256 21.58 -6.80 -12.36
CA VAL B 256 22.54 -6.88 -13.46
C VAL B 256 22.31 -5.74 -14.44
N ILE B 257 21.05 -5.54 -14.83
CA ILE B 257 20.75 -4.49 -15.80
C ILE B 257 21.24 -3.15 -15.27
N ALA B 258 20.93 -2.87 -14.00
CA ALA B 258 21.34 -1.59 -13.42
C ALA B 258 22.86 -1.46 -13.44
N ALA B 259 23.57 -2.54 -13.14
CA ALA B 259 25.02 -2.48 -13.14
C ALA B 259 25.58 -2.39 -14.55
N GLY B 260 24.81 -2.79 -15.57
CA GLY B 260 25.33 -2.82 -16.92
C GLY B 260 25.14 -1.55 -17.69
N ILE B 261 23.88 -1.09 -17.80
CA ILE B 261 23.60 0.09 -18.61
C ILE B 261 24.11 1.36 -17.94
N SER B 262 24.35 1.32 -16.64
CA SER B 262 24.88 2.50 -15.95
C SER B 262 26.28 2.85 -16.44
N GLN B 263 27.11 1.83 -16.69
CA GLN B 263 28.49 2.07 -17.08
C GLN B 263 28.60 2.61 -18.50
N GLY B 264 27.59 2.39 -19.34
CA GLY B 264 27.63 2.86 -20.71
C GLY B 264 28.50 2.06 -21.65
N ARG B 265 28.90 0.86 -21.26
CA ARG B 265 29.77 0.04 -22.10
C ARG B 265 29.59 -1.42 -21.71
N SER B 266 30.01 -2.31 -22.62
CA SER B 266 29.95 -3.75 -22.41
C SER B 266 31.38 -4.29 -22.34
N THR B 267 31.84 -4.58 -21.12
CA THR B 267 33.16 -5.17 -20.96
C THR B 267 33.22 -6.56 -21.57
N SER B 268 32.19 -7.39 -21.34
CA SER B 268 32.20 -8.75 -21.86
C SER B 268 32.24 -8.76 -23.38
N LEU B 269 31.43 -7.91 -24.01
CA LEU B 269 31.40 -7.83 -25.47
C LEU B 269 32.44 -6.88 -26.04
N LYS B 270 33.16 -6.15 -25.19
CA LYS B 270 34.20 -5.23 -25.63
C LYS B 270 33.64 -4.18 -26.60
N ARG B 271 32.42 -3.73 -26.33
CA ARG B 271 31.79 -2.67 -27.09
C ARG B 271 31.50 -1.50 -26.16
N ASP B 272 31.96 -0.31 -26.55
CA ASP B 272 31.86 0.89 -25.73
C ASP B 272 31.02 1.92 -26.45
N PHE B 273 30.03 2.47 -25.74
CA PHE B 273 29.27 3.61 -26.22
C PHE B 273 29.58 4.83 -25.37
N LYS B 274 29.64 5.99 -26.02
CA LYS B 274 30.13 7.22 -25.40
C LYS B 274 29.03 7.94 -24.62
N ILE B 275 28.55 7.28 -23.57
CA ILE B 275 27.61 7.88 -22.62
C ILE B 275 27.88 7.33 -21.23
N PHE B 276 27.42 8.07 -20.23
CA PHE B 276 27.46 7.62 -18.84
C PHE B 276 28.89 7.34 -18.37
N GLU B 277 29.84 8.19 -18.75
CA GLU B 277 31.18 8.03 -18.20
C GLU B 277 31.21 8.47 -16.74
N TYR B 278 30.38 9.43 -16.36
CA TYR B 278 30.40 9.96 -15.01
C TYR B 278 30.09 8.88 -13.99
N PHE B 279 29.16 7.98 -14.30
CA PHE B 279 28.66 7.00 -13.36
C PHE B 279 29.51 5.74 -13.31
N ARG B 280 30.76 5.80 -13.78
CA ARG B 280 31.67 4.66 -13.71
C ARG B 280 32.39 4.68 -12.36
N ARG B 281 31.60 4.46 -11.30
CA ARG B 281 32.12 4.46 -9.95
C ARG B 281 31.22 3.59 -9.09
N ASP B 282 31.73 3.19 -7.93
CA ASP B 282 31.03 2.23 -7.08
C ASP B 282 29.75 2.81 -6.49
N THR B 283 29.77 4.10 -6.14
CA THR B 283 28.60 4.70 -5.47
C THR B 283 27.38 4.69 -6.39
N GLU B 284 27.53 5.22 -7.60
CA GLU B 284 26.42 5.23 -8.54
C GLU B 284 26.01 3.82 -8.90
N LYS B 285 26.98 2.90 -9.00
CA LYS B 285 26.66 1.51 -9.30
C LYS B 285 25.76 0.92 -8.23
N ARG B 286 26.10 1.13 -6.96
CA ARG B 286 25.27 0.61 -5.87
C ARG B 286 23.90 1.25 -5.87
N ASP B 287 23.84 2.56 -6.12
CA ASP B 287 22.54 3.23 -6.17
C ASP B 287 21.64 2.61 -7.25
N PHE B 288 22.20 2.46 -8.46
CA PHE B 288 21.42 1.91 -9.55
C PHE B 288 21.05 0.46 -9.28
N VAL B 289 21.93 -0.29 -8.61
CA VAL B 289 21.63 -1.69 -8.29
C VAL B 289 20.48 -1.77 -7.30
N SER B 290 20.45 -0.87 -6.32
CA SER B 290 19.32 -0.82 -5.41
C SER B 290 18.03 -0.52 -6.16
N ALA B 291 18.08 0.43 -7.09
CA ALA B 291 16.91 0.73 -7.90
C ALA B 291 16.46 -0.50 -8.69
N GLY B 292 17.41 -1.22 -9.27
CA GLY B 292 17.07 -2.39 -10.06
C GLY B 292 16.47 -3.51 -9.22
N ALA B 293 17.02 -3.74 -8.03
CA ALA B 293 16.44 -4.74 -7.14
C ALA B 293 15.03 -4.38 -6.74
N ALA B 294 14.78 -3.09 -6.45
CA ALA B 294 13.43 -2.67 -6.14
C ALA B 294 12.50 -2.89 -7.32
N ALA B 295 12.97 -2.57 -8.53
CA ALA B 295 12.16 -2.80 -9.72
C ALA B 295 11.84 -4.28 -9.90
N GLY B 296 12.83 -5.14 -9.65
CA GLY B 296 12.58 -6.57 -9.75
C GLY B 296 11.55 -7.05 -8.76
N VAL B 297 11.64 -6.58 -7.51
CA VAL B 297 10.62 -6.96 -6.53
C VAL B 297 9.25 -6.49 -6.97
N SER B 298 9.16 -5.26 -7.45
CA SER B 298 7.87 -4.72 -7.88
C SER B 298 7.29 -5.53 -9.02
N ALA B 299 8.12 -5.88 -10.01
CA ALA B 299 7.65 -6.68 -11.13
C ALA B 299 7.20 -8.07 -10.66
N ALA B 300 7.95 -8.66 -9.73
CA ALA B 300 7.61 -10.00 -9.27
C ALA B 300 6.30 -10.03 -8.50
N PHE B 301 6.08 -9.05 -7.62
CA PHE B 301 4.91 -9.06 -6.74
C PHE B 301 3.96 -7.89 -6.95
N GLY B 302 4.27 -6.97 -7.86
CA GLY B 302 3.45 -5.78 -8.00
C GLY B 302 3.47 -4.92 -6.75
N ALA B 303 4.62 -4.80 -6.11
CA ALA B 303 4.77 -4.12 -4.83
C ALA B 303 5.93 -3.13 -4.91
N PRO B 304 5.71 -1.96 -5.52
CA PRO B 304 6.81 -0.99 -5.61
C PRO B 304 7.34 -0.53 -4.26
N VAL B 305 6.45 -0.20 -3.32
CA VAL B 305 6.90 0.26 -2.00
C VAL B 305 7.62 -0.86 -1.27
N GLY B 306 7.16 -2.11 -1.47
CA GLY B 306 7.85 -3.23 -0.87
C GLY B 306 9.27 -3.38 -1.37
N GLY B 307 9.47 -3.21 -2.68
CA GLY B 307 10.82 -3.26 -3.22
C GLY B 307 11.68 -2.11 -2.72
N VAL B 308 11.10 -0.92 -2.63
CA VAL B 308 11.84 0.22 -2.09
C VAL B 308 12.30 -0.08 -0.67
N LEU B 309 11.40 -0.64 0.15
CA LEU B 309 11.76 -0.97 1.51
C LEU B 309 12.82 -2.07 1.57
N PHE B 310 12.71 -3.06 0.68
CA PHE B 310 13.73 -4.11 0.61
C PHE B 310 15.11 -3.51 0.35
N SER B 311 15.19 -2.64 -0.65
CA SER B 311 16.47 -2.01 -0.99
C SER B 311 16.97 -1.15 0.16
N LEU B 312 16.08 -0.40 0.80
CA LEU B 312 16.49 0.44 1.92
C LEU B 312 17.03 -0.39 3.08
N GLU B 313 16.36 -1.50 3.39
CA GLU B 313 16.82 -2.38 4.47
C GLU B 313 18.19 -2.96 4.15
N GLU B 314 18.37 -3.45 2.91
CA GLU B 314 19.64 -4.08 2.58
C GLU B 314 20.78 -3.05 2.57
N GLY B 315 20.54 -1.87 1.99
CA GLY B 315 21.55 -0.83 2.04
C GLY B 315 21.84 -0.36 3.45
N ALA B 316 20.79 -0.09 4.22
CA ALA B 316 20.91 0.32 5.62
C ALA B 316 21.92 1.46 5.78
N SER B 317 21.70 2.52 5.01
CA SER B 317 22.63 3.64 4.94
C SER B 317 21.95 4.92 5.44
N PHE B 318 22.68 6.02 5.32
CA PHE B 318 22.12 7.34 5.60
C PHE B 318 20.95 7.61 4.68
N TRP B 319 19.90 8.23 5.23
CA TRP B 319 18.73 8.54 4.43
C TRP B 319 19.10 9.44 3.26
N ASN B 320 18.66 9.06 2.07
CA ASN B 320 18.85 9.85 0.86
C ASN B 320 17.50 10.03 0.20
N GLN B 321 17.02 11.28 0.14
CA GLN B 321 15.68 11.55 -0.36
C GLN B 321 15.60 11.32 -1.87
N PHE B 322 16.56 11.87 -2.62
CA PHE B 322 16.49 11.79 -4.07
C PHE B 322 16.70 10.36 -4.57
N LEU B 323 17.61 9.62 -3.92
CA LEU B 323 17.80 8.22 -4.29
C LEU B 323 16.55 7.41 -4.04
N THR B 324 15.88 7.66 -2.92
CA THR B 324 14.63 6.95 -2.63
C THR B 324 13.56 7.30 -3.64
N TRP B 325 13.46 8.57 -4.03
CA TRP B 325 12.55 8.97 -5.09
C TRP B 325 12.84 8.20 -6.37
N ARG B 326 14.12 8.11 -6.74
CA ARG B 326 14.49 7.43 -7.97
C ARG B 326 14.16 5.94 -7.91
N ILE B 327 14.39 5.30 -6.77
CA ILE B 327 14.06 3.89 -6.61
C ILE B 327 12.56 3.68 -6.75
N PHE B 328 11.78 4.53 -6.11
CA PHE B 328 10.32 4.46 -6.23
C PHE B 328 9.89 4.61 -7.68
N PHE B 329 10.48 5.58 -8.37
CA PHE B 329 10.19 5.80 -9.79
C PHE B 329 10.47 4.56 -10.61
N ALA B 330 11.65 3.96 -10.41
CA ALA B 330 12.02 2.77 -11.18
C ALA B 330 11.07 1.61 -10.92
N SER B 331 10.73 1.38 -9.65
CA SER B 331 9.84 0.27 -9.33
C SER B 331 8.47 0.47 -9.98
N MET B 332 7.95 1.69 -9.93
CA MET B 332 6.62 1.92 -10.50
C MET B 332 6.63 1.82 -12.01
N ILE B 333 7.70 2.32 -12.65
CA ILE B 333 7.83 2.14 -14.10
C ILE B 333 7.89 0.66 -14.45
N SER B 334 8.59 -0.13 -13.63
CA SER B 334 8.68 -1.56 -13.89
C SER B 334 7.30 -2.21 -13.85
N THR B 335 6.52 -1.90 -12.80
CA THR B 335 5.17 -2.48 -12.71
C THR B 335 4.31 -2.05 -13.89
N PHE B 336 4.36 -0.77 -14.24
CA PHE B 336 3.55 -0.28 -15.36
C PHE B 336 3.94 -0.97 -16.65
N THR B 337 5.24 -1.12 -16.91
CA THR B 337 5.69 -1.75 -18.14
C THR B 337 5.24 -3.20 -18.19
N LEU B 338 5.41 -3.94 -17.10
CA LEU B 338 4.96 -5.33 -17.08
C LEU B 338 3.48 -5.42 -17.40
N ASN B 339 2.65 -4.63 -16.71
CA ASN B 339 1.21 -4.71 -16.91
C ASN B 339 0.84 -4.34 -18.35
N PHE B 340 1.41 -3.25 -18.87
CA PHE B 340 1.06 -2.78 -20.20
C PHE B 340 1.44 -3.80 -21.26
N VAL B 341 2.65 -4.35 -21.17
CA VAL B 341 3.11 -5.27 -22.20
C VAL B 341 2.31 -6.56 -22.14
N LEU B 342 2.04 -7.07 -20.94
CA LEU B 342 1.22 -8.28 -20.85
C LEU B 342 -0.18 -8.04 -21.40
N SER B 343 -0.76 -6.87 -21.10
CA SER B 343 -2.10 -6.57 -21.60
C SER B 343 -2.12 -6.52 -23.11
N ILE B 344 -1.14 -5.84 -23.72
CA ILE B 344 -1.13 -5.74 -25.18
C ILE B 344 -0.87 -7.11 -25.81
N TYR B 345 -0.03 -7.93 -25.18
CA TYR B 345 0.18 -9.27 -25.71
C TYR B 345 -1.10 -10.09 -25.66
N HIS B 346 -1.85 -10.00 -24.57
CA HIS B 346 -3.08 -10.77 -24.43
C HIS B 346 -4.26 -10.14 -25.15
N GLY B 347 -4.09 -8.96 -25.74
CA GLY B 347 -5.19 -8.29 -26.43
C GLY B 347 -5.64 -7.04 -25.73
N ASN B 348 -6.82 -7.10 -25.11
CA ASN B 348 -7.37 -5.95 -24.40
C ASN B 348 -6.45 -5.51 -23.27
N LEU B 352 -5.29 -3.80 -17.64
CA LEU B 352 -4.63 -3.26 -16.46
C LEU B 352 -4.95 -4.09 -15.23
N SER B 353 -4.68 -5.40 -15.31
CA SER B 353 -4.97 -6.31 -14.21
C SER B 353 -3.83 -7.29 -13.95
N SER B 354 -2.60 -6.96 -14.34
CA SER B 354 -1.44 -7.82 -14.13
C SER B 354 -0.29 -6.99 -13.55
N PRO B 355 -0.42 -6.52 -12.31
CA PRO B 355 0.68 -5.75 -11.72
C PRO B 355 1.97 -6.54 -11.60
N GLY B 356 1.90 -7.85 -11.35
CA GLY B 356 3.09 -8.65 -11.15
C GLY B 356 2.97 -10.02 -11.77
N LEU B 357 4.06 -10.78 -11.67
CA LEU B 357 4.07 -12.12 -12.23
C LEU B 357 3.14 -13.05 -11.47
N ILE B 358 3.22 -13.03 -10.14
CA ILE B 358 2.28 -13.74 -9.28
C ILE B 358 1.30 -12.72 -8.74
N ASN B 359 0.01 -13.03 -8.86
CA ASN B 359 -1.05 -12.13 -8.41
C ASN B 359 -2.04 -12.92 -7.57
N PHE B 360 -2.07 -12.60 -6.28
CA PHE B 360 -2.84 -13.39 -5.31
C PHE B 360 -4.33 -13.27 -5.56
N GLY B 361 -4.77 -12.16 -6.14
CA GLY B 361 -6.16 -11.91 -6.40
C GLY B 361 -6.70 -10.79 -5.54
N ARG B 362 -8.03 -10.71 -5.50
CA ARG B 362 -8.73 -9.68 -4.74
C ARG B 362 -9.34 -10.29 -3.48
N PHE B 363 -8.99 -9.71 -2.34
CA PHE B 363 -9.49 -10.15 -1.04
C PHE B 363 -10.57 -9.21 -0.50
N ASP B 364 -11.08 -8.30 -1.32
CA ASP B 364 -12.11 -7.34 -0.89
C ASP B 364 -13.44 -8.06 -0.87
N SER B 365 -13.78 -8.65 0.27
CA SER B 365 -15.01 -9.41 0.42
C SER B 365 -15.38 -9.47 1.89
N GLU B 366 -16.67 -9.73 2.13
CA GLU B 366 -17.13 -9.90 3.51
C GLU B 366 -16.60 -11.19 4.12
N LYS B 367 -16.39 -12.21 3.30
CA LYS B 367 -15.82 -13.46 3.82
C LYS B 367 -14.45 -13.22 4.43
N MET B 368 -13.65 -12.35 3.80
CA MET B 368 -12.32 -12.02 4.29
C MET B 368 -12.44 -10.84 5.24
N ALA B 369 -12.66 -11.15 6.52
CA ALA B 369 -12.73 -10.13 7.56
C ALA B 369 -12.45 -10.80 8.90
N TYR B 370 -11.71 -10.10 9.76
CA TYR B 370 -11.23 -10.66 11.01
C TYR B 370 -11.77 -9.86 12.19
N THR B 371 -12.14 -10.56 13.25
CA THR B 371 -12.54 -9.95 14.50
C THR B 371 -11.34 -9.88 15.44
N ILE B 372 -11.54 -9.16 16.56
CA ILE B 372 -10.48 -9.07 17.57
C ILE B 372 -10.18 -10.45 18.15
N HIS B 373 -11.22 -11.27 18.32
CA HIS B 373 -11.03 -12.59 18.90
C HIS B 373 -10.13 -13.48 18.04
N GLU B 374 -9.93 -13.13 16.77
CA GLU B 374 -9.05 -13.89 15.90
C GLU B 374 -7.59 -13.49 16.01
N ILE B 375 -7.27 -12.43 16.78
CA ILE B 375 -5.87 -12.05 16.94
C ILE B 375 -5.06 -13.14 17.61
N PRO B 376 -5.52 -13.78 18.70
CA PRO B 376 -4.70 -14.85 19.29
C PRO B 376 -4.41 -15.99 18.33
N VAL B 377 -5.43 -16.52 17.65
CA VAL B 377 -5.22 -17.69 16.81
C VAL B 377 -4.16 -17.40 15.75
N PHE B 378 -4.27 -16.25 15.09
CA PHE B 378 -3.24 -15.85 14.14
C PHE B 378 -1.86 -16.04 14.74
N ILE B 379 -1.63 -15.46 15.92
CA ILE B 379 -0.33 -15.56 16.56
C ILE B 379 0.06 -17.02 16.74
N ALA B 380 -0.86 -17.82 17.28
CA ALA B 380 -0.56 -19.25 17.46
C ALA B 380 -0.07 -19.83 16.16
N MET B 381 -0.76 -19.52 15.07
CA MET B 381 -0.44 -20.11 13.78
C MET B 381 0.96 -19.68 13.35
N GLY B 382 1.30 -18.42 13.59
CA GLY B 382 2.67 -17.96 13.33
C GLY B 382 3.69 -18.82 14.04
N VAL B 383 3.43 -19.14 15.30
CA VAL B 383 4.32 -20.06 16.03
C VAL B 383 4.63 -21.27 15.17
N VAL B 384 3.58 -21.96 14.73
CA VAL B 384 3.78 -23.15 13.92
C VAL B 384 4.72 -22.83 12.76
N GLY B 385 4.42 -21.76 12.03
CA GLY B 385 5.27 -21.33 10.94
C GLY B 385 6.72 -21.37 11.35
N GLY B 386 7.07 -20.55 12.33
CA GLY B 386 8.42 -20.52 12.84
C GLY B 386 8.97 -21.92 12.99
N VAL B 387 8.31 -22.72 13.82
CA VAL B 387 8.77 -24.10 14.06
C VAL B 387 9.02 -24.78 12.72
N LEU B 388 7.98 -24.88 11.90
CA LEU B 388 8.12 -25.56 10.62
C LEU B 388 9.26 -24.95 9.83
N GLY B 389 9.26 -23.62 9.72
CA GLY B 389 10.34 -22.97 8.99
C GLY B 389 11.69 -23.41 9.50
N ALA B 390 11.90 -23.35 10.81
CA ALA B 390 13.17 -23.77 11.37
C ALA B 390 13.52 -25.17 10.86
N VAL B 391 12.58 -26.11 11.01
CA VAL B 391 12.87 -27.48 10.59
C VAL B 391 13.32 -27.48 9.14
N PHE B 392 12.53 -26.83 8.27
CA PHE B 392 12.92 -26.70 6.88
C PHE B 392 14.38 -26.30 6.79
N ASN B 393 14.70 -25.12 7.30
CA ASN B 393 16.07 -24.62 7.20
C ASN B 393 17.04 -25.64 7.77
N ALA B 394 16.73 -26.18 8.95
CA ALA B 394 17.64 -27.12 9.57
C ALA B 394 17.98 -28.24 8.60
N LEU B 395 16.96 -28.87 8.02
CA LEU B 395 17.23 -29.99 7.13
C LEU B 395 18.10 -29.53 5.97
N ASN B 396 17.78 -28.38 5.38
CA ASN B 396 18.58 -27.91 4.26
C ASN B 396 20.04 -27.80 4.64
N TYR B 397 20.32 -27.31 5.85
CA TYR B 397 21.70 -27.23 6.31
C TYR B 397 22.36 -28.59 6.20
N TRP B 398 21.74 -29.62 6.81
CA TRP B 398 22.31 -30.95 6.76
C TRP B 398 22.47 -31.41 5.33
N LEU B 399 21.56 -31.00 4.44
CA LEU B 399 21.72 -31.32 3.03
C LEU B 399 22.94 -30.60 2.45
N THR B 400 23.03 -29.29 2.66
CA THR B 400 24.05 -28.49 2.00
C THR B 400 25.44 -29.04 2.31
N MET B 401 25.71 -29.29 3.59
CA MET B 401 27.00 -29.84 3.97
C MET B 401 27.32 -31.07 3.13
N PHE B 402 26.37 -32.02 3.08
CA PHE B 402 26.58 -33.22 2.28
C PHE B 402 26.99 -32.84 0.87
N ARG B 403 26.22 -31.96 0.23
CA ARG B 403 26.53 -31.57 -1.14
C ARG B 403 27.90 -30.92 -1.23
N ILE B 404 28.25 -30.09 -0.25
CA ILE B 404 29.53 -29.41 -0.31
C ILE B 404 30.69 -30.41 -0.26
N ARG B 405 30.48 -31.58 0.34
CA ARG B 405 31.59 -32.46 0.65
C ARG B 405 31.55 -33.82 -0.02
N TYR B 406 30.44 -34.18 -0.67
CA TYR B 406 30.42 -35.31 -1.59
C TYR B 406 30.03 -34.90 -2.99
N ILE B 407 28.90 -34.23 -3.16
CA ILE B 407 28.40 -33.86 -4.49
C ILE B 407 28.88 -32.42 -4.75
N HIS B 408 30.11 -32.30 -5.26
CA HIS B 408 30.64 -31.02 -5.69
C HIS B 408 31.14 -31.02 -7.12
N ARG B 409 31.34 -32.19 -7.72
CA ARG B 409 31.73 -32.24 -9.12
C ARG B 409 30.53 -31.86 -10.01
N PRO B 410 30.74 -31.07 -11.06
CA PRO B 410 29.59 -30.60 -11.85
C PRO B 410 28.72 -31.71 -12.42
N CYS B 411 29.31 -32.82 -12.89
CA CYS B 411 28.50 -33.90 -13.44
C CYS B 411 27.62 -34.52 -12.37
N LEU B 412 28.14 -34.64 -11.14
CA LEU B 412 27.32 -35.13 -10.05
C LEU B 412 26.16 -34.18 -9.78
N GLN B 413 26.40 -32.88 -9.88
CA GLN B 413 25.32 -31.91 -9.72
C GLN B 413 24.25 -32.10 -10.79
N VAL B 414 24.67 -32.30 -12.04
CA VAL B 414 23.71 -32.51 -13.12
C VAL B 414 22.88 -33.78 -12.85
N ILE B 415 23.55 -34.85 -12.44
CA ILE B 415 22.85 -36.10 -12.15
C ILE B 415 21.86 -35.89 -11.02
N GLU B 416 22.27 -35.16 -9.98
CA GLU B 416 21.38 -34.91 -8.85
C GLU B 416 20.14 -34.14 -9.28
N ALA B 417 20.33 -33.11 -10.11
CA ALA B 417 19.18 -32.34 -10.58
C ALA B 417 18.24 -33.20 -11.40
N VAL B 418 18.79 -34.01 -12.31
CA VAL B 418 17.96 -34.86 -13.15
C VAL B 418 17.18 -35.85 -12.30
N LEU B 419 17.85 -36.46 -11.31
CA LEU B 419 17.19 -37.44 -10.45
C LEU B 419 16.10 -36.78 -9.62
N VAL B 420 16.35 -35.56 -9.13
CA VAL B 420 15.35 -34.85 -8.36
C VAL B 420 14.12 -34.58 -9.21
N ALA B 421 14.32 -34.14 -10.44
CA ALA B 421 13.19 -33.89 -11.33
C ALA B 421 12.40 -35.17 -11.58
N ALA B 422 13.10 -36.26 -11.87
CA ALA B 422 12.43 -37.54 -12.12
C ALA B 422 11.63 -37.99 -10.90
N VAL B 423 12.21 -37.85 -9.72
CA VAL B 423 11.53 -38.28 -8.50
C VAL B 423 10.32 -37.39 -8.23
N THR B 424 10.43 -36.09 -8.49
CA THR B 424 9.28 -35.21 -8.35
C THR B 424 8.14 -35.67 -9.25
N ALA B 425 8.45 -35.93 -10.52
CA ALA B 425 7.42 -36.39 -11.44
C ALA B 425 6.81 -37.71 -10.98
N THR B 426 7.65 -38.64 -10.53
CA THR B 426 7.16 -39.95 -10.09
C THR B 426 6.25 -39.81 -8.87
N VAL B 427 6.63 -38.98 -7.91
CA VAL B 427 5.83 -38.80 -6.71
C VAL B 427 4.49 -38.17 -7.07
N ALA B 428 4.50 -37.15 -7.92
CA ALA B 428 3.24 -36.55 -8.35
C ALA B 428 2.34 -37.57 -9.03
N PHE B 429 2.91 -38.36 -9.95
CA PHE B 429 2.12 -39.35 -10.66
C PHE B 429 1.55 -40.39 -9.71
N VAL B 430 2.34 -40.85 -8.74
CA VAL B 430 1.86 -41.86 -7.80
C VAL B 430 0.73 -41.30 -6.95
N LEU B 431 0.89 -40.07 -6.46
CA LEU B 431 -0.16 -39.47 -5.64
C LEU B 431 -1.44 -39.29 -6.44
N ILE B 432 -1.32 -38.87 -7.70
CA ILE B 432 -2.51 -38.73 -8.54
C ILE B 432 -3.16 -40.10 -8.79
N TYR B 433 -2.33 -41.11 -9.05
CA TYR B 433 -2.86 -42.45 -9.33
C TYR B 433 -3.61 -43.02 -8.14
N SER B 434 -3.06 -42.86 -6.94
CA SER B 434 -3.68 -43.41 -5.74
C SER B 434 -4.85 -42.56 -5.23
N SER B 435 -5.06 -41.37 -5.80
CA SER B 435 -6.17 -40.54 -5.37
C SER B 435 -7.50 -41.20 -5.71
N ARG B 436 -8.49 -40.95 -4.86
CA ARG B 436 -9.83 -41.49 -5.05
C ARG B 436 -10.90 -40.41 -4.95
N ASP B 437 -10.51 -39.14 -4.86
CA ASP B 437 -11.46 -38.04 -4.72
C ASP B 437 -11.67 -37.41 -6.09
N CYS B 438 -12.85 -37.63 -6.67
CA CYS B 438 -13.22 -37.06 -7.95
C CYS B 438 -14.18 -35.90 -7.72
N GLN B 439 -13.93 -34.78 -8.39
CA GLN B 439 -14.72 -33.58 -8.20
C GLN B 439 -15.27 -33.08 -9.53
N PRO B 440 -16.49 -32.53 -9.55
CA PRO B 440 -16.98 -31.91 -10.79
C PRO B 440 -16.15 -30.70 -11.17
N LEU B 441 -16.07 -30.46 -12.48
CA LEU B 441 -15.28 -29.36 -13.02
C LEU B 441 -16.20 -28.19 -13.35
N GLN B 442 -15.88 -27.02 -12.80
CA GLN B 442 -16.70 -25.84 -13.04
C GLN B 442 -16.66 -25.44 -14.51
N GLY B 443 -15.51 -25.61 -15.16
CA GLY B 443 -15.31 -25.15 -16.52
C GLY B 443 -14.32 -24.02 -16.57
N GLY B 444 -13.08 -24.33 -16.96
CA GLY B 444 -12.01 -23.36 -16.92
C GLY B 444 -11.34 -23.20 -15.57
N SER B 445 -11.80 -23.93 -14.55
CA SER B 445 -11.12 -23.90 -13.26
C SER B 445 -9.68 -24.38 -13.40
N MET B 446 -9.46 -25.43 -14.19
CA MET B 446 -8.12 -25.93 -14.48
C MET B 446 -7.89 -25.89 -15.98
N SER B 447 -6.70 -25.43 -16.37
CA SER B 447 -6.37 -25.34 -17.79
C SER B 447 -6.35 -26.71 -18.44
N TYR B 448 -5.85 -27.72 -17.72
CA TYR B 448 -5.67 -29.07 -18.25
C TYR B 448 -6.27 -30.06 -17.25
N PRO B 449 -7.59 -30.20 -17.23
CA PRO B 449 -8.21 -31.14 -16.29
C PRO B 449 -7.93 -32.58 -16.68
N LEU B 450 -7.47 -33.37 -15.71
CA LEU B 450 -7.08 -34.75 -15.94
C LEU B 450 -8.09 -35.67 -15.27
N GLN B 451 -8.64 -36.60 -16.05
CA GLN B 451 -9.56 -37.61 -15.55
C GLN B 451 -8.86 -38.95 -15.61
N LEU B 452 -8.80 -39.64 -14.46
CA LEU B 452 -8.06 -40.90 -14.35
C LEU B 452 -8.72 -41.71 -13.25
N PHE B 453 -9.38 -42.81 -13.63
CA PHE B 453 -10.17 -43.61 -12.70
C PHE B 453 -11.24 -42.77 -12.01
N CYS B 454 -11.79 -41.81 -12.73
CA CYS B 454 -12.86 -40.95 -12.23
C CYS B 454 -14.02 -40.99 -13.21
N ALA B 455 -15.23 -40.82 -12.68
CA ALA B 455 -16.41 -40.87 -13.51
C ALA B 455 -16.40 -39.75 -14.53
N ASP B 456 -17.05 -39.98 -15.66
CA ASP B 456 -17.07 -38.99 -16.74
C ASP B 456 -17.66 -37.68 -16.23
N GLY B 457 -17.07 -36.57 -16.67
CA GLY B 457 -17.46 -35.26 -16.20
C GLY B 457 -16.82 -34.86 -14.88
N GLU B 458 -15.83 -35.59 -14.41
CA GLU B 458 -15.17 -35.31 -13.15
C GLU B 458 -13.67 -35.29 -13.34
N TYR B 459 -12.97 -34.72 -12.36
CA TYR B 459 -11.52 -34.56 -12.39
C TYR B 459 -10.91 -35.05 -11.09
N ASN B 460 -9.59 -35.15 -11.07
CA ASN B 460 -8.82 -35.55 -9.90
C ASN B 460 -8.16 -34.31 -9.28
N SER B 461 -8.39 -34.12 -7.99
CA SER B 461 -7.87 -32.93 -7.31
C SER B 461 -6.34 -32.99 -7.18
N MET B 462 -5.80 -34.18 -6.90
CA MET B 462 -4.35 -34.30 -6.80
C MET B 462 -3.67 -33.83 -8.07
N ALA B 463 -4.26 -34.13 -9.23
CA ALA B 463 -3.74 -33.59 -10.47
C ALA B 463 -3.75 -32.07 -10.43
N ALA B 464 -4.85 -31.48 -9.98
CA ALA B 464 -4.91 -30.02 -9.83
C ALA B 464 -3.73 -29.51 -9.01
N ALA B 465 -3.40 -30.21 -7.93
CA ALA B 465 -2.32 -29.76 -7.06
C ALA B 465 -0.97 -29.88 -7.75
N PHE B 466 -0.71 -31.04 -8.38
CA PHE B 466 0.60 -31.31 -8.96
C PHE B 466 0.69 -30.97 -10.44
N PHE B 467 -0.44 -30.96 -11.15
CA PHE B 467 -0.47 -30.82 -12.60
C PHE B 467 -0.80 -29.39 -13.00
N ASN B 468 -0.35 -28.42 -12.21
CA ASN B 468 -0.72 -27.03 -12.37
C ASN B 468 0.42 -26.15 -11.90
N THR B 469 0.37 -24.88 -12.28
CA THR B 469 1.40 -23.94 -11.86
C THR B 469 1.25 -23.62 -10.38
N PRO B 470 2.35 -23.49 -9.63
CA PRO B 470 2.23 -23.16 -8.21
C PRO B 470 1.52 -21.85 -7.94
N GLU B 471 1.70 -20.85 -8.81
CA GLU B 471 1.12 -19.53 -8.55
C GLU B 471 -0.40 -19.58 -8.51
N LYS B 472 -1.01 -20.14 -9.55
CA LYS B 472 -2.47 -20.21 -9.56
C LYS B 472 -3.00 -21.25 -8.57
N SER B 473 -2.18 -22.24 -8.21
CA SER B 473 -2.54 -23.12 -7.10
C SER B 473 -2.68 -22.34 -5.80
N VAL B 474 -1.72 -21.45 -5.54
CA VAL B 474 -1.80 -20.59 -4.36
C VAL B 474 -3.03 -19.69 -4.45
N VAL B 475 -3.28 -19.12 -5.63
CA VAL B 475 -4.43 -18.23 -5.80
C VAL B 475 -5.71 -18.98 -5.49
N SER B 476 -5.85 -20.20 -6.00
CA SER B 476 -7.04 -21.01 -5.72
C SER B 476 -7.14 -21.32 -4.23
N LEU B 477 -6.03 -21.70 -3.61
CA LEU B 477 -6.02 -21.98 -2.19
C LEU B 477 -6.55 -20.78 -1.40
N PHE B 478 -6.21 -19.57 -1.85
CA PHE B 478 -6.70 -18.38 -1.17
C PHE B 478 -8.17 -18.11 -1.48
N HIS B 479 -8.63 -18.44 -2.69
CA HIS B 479 -9.98 -18.13 -3.13
C HIS B 479 -10.67 -19.42 -3.59
N ASP B 480 -11.31 -20.10 -2.64
CA ASP B 480 -12.15 -21.25 -2.95
C ASP B 480 -13.24 -21.33 -1.89
N PRO B 481 -14.35 -21.99 -2.19
CA PRO B 481 -15.42 -22.11 -1.19
C PRO B 481 -15.00 -22.99 -0.03
N PRO B 482 -15.74 -22.97 1.08
CA PRO B 482 -15.29 -23.71 2.26
C PRO B 482 -15.05 -25.19 2.02
N GLY B 483 -15.87 -25.84 1.19
CA GLY B 483 -15.76 -27.26 0.99
C GLY B 483 -15.15 -27.66 -0.33
N SER B 484 -14.12 -26.93 -0.75
CA SER B 484 -13.48 -27.16 -2.03
C SER B 484 -12.28 -28.11 -1.95
N TYR B 485 -11.94 -28.60 -0.76
CA TYR B 485 -10.75 -29.41 -0.58
C TYR B 485 -11.05 -30.58 0.35
N ASN B 486 -10.30 -31.66 0.16
CA ASN B 486 -10.33 -32.81 1.05
C ASN B 486 -9.13 -32.74 1.99
N PRO B 487 -9.33 -32.84 3.31
CA PRO B 487 -8.20 -32.66 4.23
C PRO B 487 -7.06 -33.63 3.98
N LEU B 488 -7.35 -34.89 3.64
CA LEU B 488 -6.30 -35.88 3.48
C LEU B 488 -5.41 -35.54 2.29
N THR B 489 -6.01 -35.21 1.15
CA THR B 489 -5.22 -34.88 -0.03
C THR B 489 -4.38 -33.63 0.22
N LEU B 490 -4.97 -32.62 0.85
CA LEU B 490 -4.24 -31.39 1.14
C LEU B 490 -3.06 -31.66 2.07
N GLY B 491 -3.27 -32.49 3.09
CA GLY B 491 -2.17 -32.81 3.99
C GLY B 491 -1.05 -33.57 3.31
N LEU B 492 -1.41 -34.57 2.50
CA LEU B 492 -0.40 -35.31 1.76
C LEU B 492 0.40 -34.39 0.86
N PHE B 493 -0.30 -33.52 0.12
CA PHE B 493 0.37 -32.59 -0.77
C PHE B 493 1.28 -31.65 0.00
N THR B 494 0.81 -31.14 1.14
CA THR B 494 1.61 -30.24 1.94
C THR B 494 2.90 -30.92 2.38
N LEU B 495 2.79 -32.12 2.95
CA LEU B 495 3.98 -32.83 3.42
C LEU B 495 4.96 -33.09 2.28
N VAL B 496 4.46 -33.66 1.18
CA VAL B 496 5.34 -34.04 0.09
C VAL B 496 6.00 -32.81 -0.54
N TYR B 497 5.23 -31.74 -0.76
CA TYR B 497 5.79 -30.53 -1.34
C TYR B 497 6.78 -29.87 -0.41
N PHE B 498 6.51 -29.90 0.90
CA PHE B 498 7.48 -29.39 1.86
C PHE B 498 8.82 -30.09 1.71
N PHE B 499 8.79 -31.42 1.72
CA PHE B 499 10.05 -32.17 1.59
C PHE B 499 10.71 -31.93 0.24
N LEU B 500 9.92 -31.88 -0.84
CA LEU B 500 10.48 -31.67 -2.16
C LEU B 500 11.14 -30.30 -2.28
N ALA B 501 10.49 -29.26 -1.76
CA ALA B 501 11.04 -27.92 -1.83
C ALA B 501 12.29 -27.80 -0.97
N CYS B 502 12.31 -28.47 0.18
CA CYS B 502 13.53 -28.50 0.98
C CYS B 502 14.66 -29.16 0.20
N TRP B 503 14.35 -30.24 -0.51
CA TRP B 503 15.35 -30.95 -1.30
C TRP B 503 15.87 -30.10 -2.45
N THR B 504 14.99 -29.34 -3.09
CA THR B 504 15.28 -28.72 -4.39
C THR B 504 16.03 -27.40 -4.29
N TYR B 505 16.06 -26.75 -3.13
CA TYR B 505 16.56 -25.38 -3.09
C TYR B 505 18.05 -25.31 -3.45
N GLY B 506 18.84 -26.24 -2.94
CA GLY B 506 20.28 -26.16 -3.12
C GLY B 506 20.80 -26.72 -4.42
N LEU B 507 19.93 -27.15 -5.33
CA LEU B 507 20.38 -27.72 -6.58
C LEU B 507 21.08 -26.66 -7.43
N THR B 508 21.93 -27.14 -8.34
CA THR B 508 22.70 -26.27 -9.23
C THR B 508 21.85 -25.84 -10.43
N VAL B 509 20.74 -25.17 -10.12
CA VAL B 509 19.82 -24.66 -11.14
C VAL B 509 19.23 -23.36 -10.63
N SER B 510 18.95 -22.44 -11.56
CA SER B 510 18.23 -21.23 -11.21
C SER B 510 16.84 -21.59 -10.70
N ALA B 511 16.43 -20.97 -9.62
CA ALA B 511 15.20 -21.35 -8.94
C ALA B 511 14.83 -20.26 -7.95
N GLY B 512 13.82 -20.53 -7.13
CA GLY B 512 13.39 -19.61 -6.10
C GLY B 512 12.71 -20.37 -4.99
N VAL B 513 12.56 -19.69 -3.85
CA VAL B 513 11.99 -20.31 -2.66
C VAL B 513 10.85 -19.51 -2.06
N PHE B 514 10.44 -18.40 -2.68
CA PHE B 514 9.30 -17.65 -2.19
C PHE B 514 8.00 -18.41 -2.44
N ILE B 515 7.73 -18.74 -3.71
CA ILE B 515 6.44 -19.34 -4.06
C ILE B 515 6.25 -20.70 -3.39
N PRO B 516 7.24 -21.60 -3.36
CA PRO B 516 7.03 -22.87 -2.66
C PRO B 516 6.67 -22.70 -1.20
N SER B 517 7.34 -21.77 -0.51
CA SER B 517 7.02 -21.52 0.89
C SER B 517 5.62 -20.97 1.03
N LEU B 518 5.24 -20.04 0.16
CA LEU B 518 3.89 -19.50 0.18
C LEU B 518 2.86 -20.62 -0.01
N LEU B 519 3.14 -21.54 -0.92
CA LEU B 519 2.20 -22.62 -1.21
C LEU B 519 2.08 -23.57 -0.02
N ILE B 520 3.19 -23.95 0.59
CA ILE B 520 3.14 -24.81 1.78
C ILE B 520 2.33 -24.13 2.87
N GLY B 521 2.62 -22.85 3.11
CA GLY B 521 1.90 -22.12 4.13
C GLY B 521 0.41 -22.05 3.84
N ALA B 522 0.06 -21.77 2.59
CA ALA B 522 -1.36 -21.69 2.23
C ALA B 522 -2.05 -23.03 2.43
N ALA B 523 -1.38 -24.12 2.07
CA ALA B 523 -1.99 -25.44 2.20
C ALA B 523 -2.27 -25.77 3.66
N TRP B 524 -1.26 -25.65 4.53
CA TRP B 524 -1.53 -26.02 5.91
C TRP B 524 -2.39 -24.97 6.63
N GLY B 525 -2.38 -23.72 6.16
CA GLY B 525 -3.31 -22.74 6.70
C GLY B 525 -4.75 -23.04 6.35
N ARG B 526 -5.02 -23.46 5.12
CA ARG B 526 -6.37 -23.89 4.77
C ARG B 526 -6.76 -25.14 5.54
N LEU B 527 -5.82 -26.04 5.78
CA LEU B 527 -6.13 -27.18 6.65
C LEU B 527 -6.54 -26.71 8.04
N PHE B 528 -5.80 -25.74 8.59
CA PHE B 528 -6.17 -25.17 9.88
C PHE B 528 -7.55 -24.53 9.84
N GLY B 529 -7.86 -23.82 8.75
CA GLY B 529 -9.16 -23.18 8.64
C GLY B 529 -10.29 -24.20 8.58
N ILE B 530 -10.10 -25.29 7.84
CA ILE B 530 -11.10 -26.34 7.80
C ILE B 530 -11.28 -26.95 9.19
N SER B 531 -10.17 -27.19 9.88
CA SER B 531 -10.27 -27.74 11.24
C SER B 531 -11.05 -26.80 12.15
N LEU B 532 -10.77 -25.49 12.06
CA LEU B 532 -11.49 -24.53 12.88
C LEU B 532 -12.97 -24.51 12.55
N SER B 533 -13.30 -24.54 11.26
CA SER B 533 -14.71 -24.54 10.86
C SER B 533 -15.43 -25.76 11.41
N TYR B 534 -14.78 -26.92 11.36
CA TYR B 534 -15.38 -28.11 11.97
C TYR B 534 -15.53 -27.93 13.47
N LEU B 535 -14.52 -27.37 14.13
CA LEU B 535 -14.58 -27.21 15.59
C LEU B 535 -15.61 -26.16 16.00
N THR B 536 -15.73 -25.09 15.23
CA THR B 536 -16.57 -23.95 15.58
C THR B 536 -17.98 -24.07 15.05
N GLY B 537 -18.38 -25.25 14.56
CA GLY B 537 -19.73 -25.44 14.05
C GLY B 537 -20.04 -24.59 12.84
N ALA B 538 -19.12 -24.57 11.87
CA ALA B 538 -19.32 -23.84 10.62
C ALA B 538 -19.56 -22.35 10.87
N ALA B 539 -18.76 -21.77 11.76
CA ALA B 539 -18.89 -20.36 12.08
C ALA B 539 -18.51 -19.51 10.86
N ILE B 540 -19.13 -18.34 10.76
CA ILE B 540 -18.90 -17.48 9.60
C ILE B 540 -17.48 -16.94 9.60
N TRP B 541 -16.95 -16.62 10.78
CA TRP B 541 -15.60 -16.05 10.84
C TRP B 541 -14.52 -17.05 10.47
N ALA B 542 -14.84 -18.35 10.46
CA ALA B 542 -13.86 -19.38 10.12
C ALA B 542 -13.88 -19.63 8.62
N ASP B 543 -13.27 -18.70 7.88
CA ASP B 543 -13.14 -18.82 6.44
C ASP B 543 -11.77 -19.41 6.11
N PRO B 544 -11.70 -20.58 5.47
CA PRO B 544 -10.38 -21.20 5.25
C PRO B 544 -9.41 -20.35 4.42
N GLY B 545 -9.91 -19.51 3.51
CA GLY B 545 -9.01 -18.76 2.65
C GLY B 545 -8.19 -17.73 3.42
N LYS B 546 -8.83 -17.03 4.35
CA LYS B 546 -8.12 -16.05 5.17
C LYS B 546 -7.01 -16.72 5.98
N TYR B 547 -7.32 -17.87 6.58
CA TYR B 547 -6.32 -18.60 7.34
C TYR B 547 -5.23 -19.15 6.42
N ALA B 548 -5.57 -19.48 5.18
CA ALA B 548 -4.55 -19.90 4.22
C ALA B 548 -3.59 -18.76 3.91
N LEU B 549 -4.12 -17.55 3.73
CA LEU B 549 -3.25 -16.38 3.55
C LEU B 549 -2.36 -16.18 4.76
N MET B 550 -2.93 -16.28 5.96
CA MET B 550 -2.13 -16.12 7.17
C MET B 550 -1.03 -17.16 7.25
N GLY B 551 -1.35 -18.42 6.92
CA GLY B 551 -0.34 -19.47 6.94
C GLY B 551 0.74 -19.26 5.91
N ALA B 552 0.36 -18.79 4.72
CA ALA B 552 1.36 -18.47 3.70
C ALA B 552 2.33 -17.42 4.23
N ALA B 553 1.80 -16.35 4.81
CA ALA B 553 2.65 -15.31 5.36
C ALA B 553 3.54 -15.87 6.46
N ALA B 554 2.98 -16.70 7.35
CA ALA B 554 3.74 -17.23 8.47
C ALA B 554 4.87 -18.11 7.99
N GLN B 555 4.60 -19.01 7.04
CA GLN B 555 5.65 -19.89 6.53
C GLN B 555 6.73 -19.10 5.80
N LEU B 556 6.32 -18.13 4.96
CA LEU B 556 7.31 -17.32 4.27
C LEU B 556 8.21 -16.58 5.26
N GLY B 557 7.61 -15.99 6.29
CA GLY B 557 8.43 -15.34 7.31
C GLY B 557 9.34 -16.31 8.03
N GLY B 558 8.82 -17.49 8.37
CA GLY B 558 9.63 -18.45 9.10
C GLY B 558 10.84 -18.92 8.33
N ILE B 559 10.68 -19.14 7.03
CA ILE B 559 11.81 -19.62 6.23
C ILE B 559 12.78 -18.49 5.92
N VAL B 560 12.32 -17.48 5.19
CA VAL B 560 13.06 -16.24 5.02
C VAL B 560 12.47 -15.22 5.97
N ARG B 561 13.29 -14.74 6.90
CA ARG B 561 12.78 -13.98 8.05
C ARG B 561 12.89 -12.50 7.77
N MET B 562 11.90 -12.02 7.02
CA MET B 562 11.70 -10.61 6.73
C MET B 562 10.37 -10.19 7.34
N THR B 563 10.31 -8.96 7.85
CA THR B 563 9.12 -8.47 8.56
C THR B 563 8.50 -7.26 7.88
N LEU B 564 9.29 -6.22 7.62
CA LEU B 564 8.73 -4.95 7.18
C LEU B 564 8.42 -4.97 5.68
N SER B 565 9.45 -5.17 4.85
CA SER B 565 9.24 -5.20 3.41
C SER B 565 8.33 -6.36 3.01
N LEU B 566 8.48 -7.50 3.68
CA LEU B 566 7.58 -8.63 3.41
C LEU B 566 6.14 -8.27 3.76
N THR B 567 5.94 -7.58 4.89
CA THR B 567 4.59 -7.17 5.27
C THR B 567 3.99 -6.24 4.22
N VAL B 568 4.78 -5.27 3.76
CA VAL B 568 4.27 -4.34 2.75
C VAL B 568 4.00 -5.07 1.44
N ILE B 569 4.86 -6.01 1.07
CA ILE B 569 4.64 -6.77 -0.16
C ILE B 569 3.33 -7.54 -0.08
N MET B 570 3.10 -8.21 1.04
CA MET B 570 1.85 -8.95 1.20
C MET B 570 0.65 -8.03 1.21
N MET B 571 0.78 -6.85 1.83
CA MET B 571 -0.33 -5.90 1.83
C MET B 571 -0.66 -5.44 0.41
N GLU B 572 0.37 -5.08 -0.37
CA GLU B 572 0.12 -4.62 -1.73
C GLU B 572 -0.45 -5.72 -2.60
N ALA B 573 0.10 -6.94 -2.50
CA ALA B 573 -0.41 -8.05 -3.30
C ALA B 573 -1.85 -8.38 -2.92
N THR B 574 -2.15 -8.39 -1.63
CA THR B 574 -3.52 -8.58 -1.16
C THR B 574 -4.40 -7.38 -1.50
N SER B 575 -3.81 -6.21 -1.71
CA SER B 575 -4.54 -4.99 -2.06
C SER B 575 -5.47 -4.54 -0.93
N ASN B 576 -5.23 -5.02 0.29
CA ASN B 576 -6.00 -4.61 1.45
C ASN B 576 -5.04 -4.14 2.54
N VAL B 577 -5.34 -2.99 3.13
CA VAL B 577 -4.47 -2.45 4.16
C VAL B 577 -4.80 -3.07 5.53
N THR B 578 -6.05 -3.44 5.75
CA THR B 578 -6.46 -3.93 7.06
C THR B 578 -5.72 -5.24 7.41
N TYR B 579 -5.72 -6.19 6.48
CA TYR B 579 -5.10 -7.48 6.74
C TYR B 579 -3.62 -7.34 7.07
N GLY B 580 -3.05 -6.16 6.94
CA GLY B 580 -1.69 -5.95 7.42
C GLY B 580 -1.55 -6.22 8.90
N PHE B 581 -2.49 -5.75 9.70
CA PHE B 581 -2.34 -5.87 11.16
C PHE B 581 -2.19 -7.31 11.61
N PRO B 582 -3.03 -8.26 11.16
CA PRO B 582 -2.71 -9.67 11.45
C PRO B 582 -1.38 -10.10 10.87
N ILE B 583 -1.10 -9.74 9.62
CA ILE B 583 0.13 -10.18 8.98
C ILE B 583 1.34 -9.77 9.80
N MET B 584 1.40 -8.48 10.14
CA MET B 584 2.53 -7.98 10.92
C MET B 584 2.74 -8.80 12.19
N LEU B 585 1.65 -9.27 12.78
CA LEU B 585 1.77 -10.08 13.99
C LEU B 585 2.35 -11.45 13.67
N VAL B 586 1.80 -12.14 12.68
CA VAL B 586 2.25 -13.49 12.40
C VAL B 586 3.69 -13.48 11.92
N LEU B 587 4.05 -12.47 11.13
CA LEU B 587 5.44 -12.32 10.72
C LEU B 587 6.33 -11.97 11.92
N MET B 588 5.81 -11.22 12.88
CA MET B 588 6.61 -10.84 14.04
C MET B 588 6.92 -12.05 14.90
N THR B 589 5.90 -12.84 15.24
CA THR B 589 6.12 -14.02 16.07
C THR B 589 6.83 -15.12 15.30
N ALA B 590 6.40 -15.38 14.07
CA ALA B 590 7.05 -16.41 13.26
C ALA B 590 8.55 -16.20 13.21
N LYS B 591 8.99 -14.96 12.99
CA LYS B 591 10.41 -14.66 13.02
C LYS B 591 11.01 -14.97 14.38
N ILE B 592 10.40 -14.43 15.44
CA ILE B 592 10.99 -14.55 16.77
C ILE B 592 11.23 -16.01 17.12
N VAL B 593 10.19 -16.82 17.02
CA VAL B 593 10.32 -18.24 17.35
C VAL B 593 11.44 -18.85 16.51
N GLY B 594 11.48 -18.52 15.22
CA GLY B 594 12.52 -19.07 14.37
C GLY B 594 13.91 -18.75 14.90
N ASP B 595 14.13 -17.50 15.30
CA ASP B 595 15.45 -17.10 15.76
C ASP B 595 15.88 -17.88 17.00
N VAL B 596 14.94 -18.51 17.71
CA VAL B 596 15.30 -19.32 18.86
C VAL B 596 16.05 -20.57 18.44
N PHE B 597 15.65 -21.17 17.31
CA PHE B 597 16.19 -22.45 16.90
C PHE B 597 17.31 -22.33 15.86
N ILE B 598 17.07 -21.59 14.78
CA ILE B 598 18.02 -21.52 13.67
C ILE B 598 17.85 -20.18 12.95
N GLU B 599 18.87 -19.81 12.19
CA GLU B 599 18.85 -18.58 11.41
C GLU B 599 18.13 -18.81 10.08
N GLY B 600 17.99 -17.74 9.31
CA GLY B 600 17.27 -17.81 8.06
C GLY B 600 18.04 -18.49 6.95
N LEU B 601 17.33 -18.75 5.85
CA LEU B 601 17.92 -19.46 4.72
C LEU B 601 18.99 -18.62 4.04
N TYR B 602 18.68 -17.38 3.70
CA TYR B 602 19.63 -16.52 3.00
C TYR B 602 20.86 -16.27 3.87
N ASP B 603 20.64 -15.97 5.15
CA ASP B 603 21.76 -15.75 6.06
C ASP B 603 22.62 -17.01 6.17
N MET B 604 21.97 -18.17 6.33
CA MET B 604 22.71 -19.42 6.48
C MET B 604 23.57 -19.69 5.26
N HIS B 605 23.02 -19.51 4.06
CA HIS B 605 23.79 -19.74 2.85
C HIS B 605 24.89 -18.71 2.69
N ILE B 606 24.68 -17.48 3.14
CA ILE B 606 25.73 -16.47 3.09
C ILE B 606 26.90 -16.87 3.99
N GLN B 607 26.60 -17.32 5.20
CA GLN B 607 27.69 -17.75 6.09
C GLN B 607 28.41 -18.97 5.54
N LEU B 608 27.67 -19.93 4.99
CA LEU B 608 28.31 -21.14 4.48
C LEU B 608 29.27 -20.84 3.33
N GLN B 609 29.08 -19.70 2.65
CA GLN B 609 30.04 -19.26 1.65
C GLN B 609 31.20 -18.48 2.26
N SER B 610 31.22 -18.31 3.58
CA SER B 610 32.30 -17.61 4.27
C SER B 610 32.42 -16.17 3.82
N VAL B 611 31.28 -15.55 3.53
CA VAL B 611 31.23 -14.15 3.14
C VAL B 611 31.19 -13.28 4.39
N PRO B 612 31.97 -12.20 4.47
CA PRO B 612 31.88 -11.29 5.62
C PRO B 612 30.66 -10.40 5.51
N PHE B 613 29.64 -10.68 6.32
CA PHE B 613 28.36 -9.99 6.26
C PHE B 613 28.19 -9.14 7.50
N LEU B 614 27.93 -7.84 7.29
CA LEU B 614 27.68 -6.91 8.38
C LEU B 614 26.18 -6.83 8.64
N HIS B 615 25.78 -7.08 9.87
CA HIS B 615 24.39 -7.02 10.25
C HIS B 615 23.99 -5.57 10.54
N TRP B 616 22.73 -5.40 10.98
CA TRP B 616 22.24 -4.05 11.25
C TRP B 616 22.91 -3.45 12.48
N GLU B 617 23.24 -4.27 13.48
CA GLU B 617 23.77 -3.78 14.74
C GLU B 617 24.84 -4.75 15.25
N ALA B 618 25.70 -4.22 16.11
CA ALA B 618 26.72 -5.03 16.74
C ALA B 618 26.09 -5.93 17.81
N PRO B 619 26.80 -6.98 18.23
CA PRO B 619 26.22 -7.92 19.19
C PRO B 619 25.98 -7.32 20.56
N VAL B 620 25.51 -8.15 21.50
CA VAL B 620 25.15 -7.65 22.83
C VAL B 620 26.39 -7.14 23.55
N THR B 621 27.50 -7.86 23.46
CA THR B 621 28.74 -7.47 24.12
C THR B 621 29.41 -6.27 23.48
N SER B 622 28.80 -5.71 22.42
CA SER B 622 29.44 -4.64 21.67
C SER B 622 29.84 -3.48 22.58
N HIS B 623 28.95 -3.09 23.50
CA HIS B 623 29.24 -1.95 24.37
C HIS B 623 30.50 -2.18 25.19
N SER B 624 30.80 -3.43 25.54
CA SER B 624 31.98 -3.70 26.35
C SER B 624 33.26 -3.42 25.58
N LEU B 625 33.32 -3.84 24.32
CA LEU B 625 34.54 -3.70 23.54
C LEU B 625 34.73 -2.27 23.05
N THR B 626 35.96 -1.98 22.63
CA THR B 626 36.33 -0.67 22.10
C THR B 626 37.11 -0.88 20.80
N ALA B 627 37.45 0.23 20.15
CA ALA B 627 38.13 0.17 18.87
C ALA B 627 39.58 -0.29 18.98
N ARG B 628 40.15 -0.30 20.18
CA ARG B 628 41.55 -0.69 20.32
C ARG B 628 41.77 -2.15 19.94
N GLU B 629 40.89 -3.05 20.41
CA GLU B 629 41.02 -4.45 20.08
C GLU B 629 40.57 -4.75 18.65
N VAL B 630 39.57 -4.02 18.16
CA VAL B 630 39.07 -4.25 16.81
C VAL B 630 40.13 -3.92 15.77
N MET B 631 40.84 -2.80 15.95
CA MET B 631 41.79 -2.37 14.95
C MET B 631 42.96 -3.34 14.85
N SER B 632 43.57 -3.39 13.68
CA SER B 632 44.67 -4.30 13.39
C SER B 632 45.99 -3.52 13.42
N THR B 633 46.98 -4.07 14.10
CA THR B 633 48.30 -3.47 14.23
C THR B 633 49.37 -4.52 14.00
N PRO B 634 50.55 -4.11 13.51
CA PRO B 634 50.90 -2.74 13.09
C PRO B 634 50.30 -2.38 11.74
N VAL B 635 50.18 -1.09 11.45
CA VAL B 635 49.59 -0.60 10.21
C VAL B 635 50.69 -0.29 9.22
N THR B 636 50.46 -0.64 7.96
CA THR B 636 51.35 -0.30 6.86
C THR B 636 50.92 1.05 6.31
N CYS B 637 51.76 2.07 6.49
CA CYS B 637 51.43 3.43 6.10
C CYS B 637 52.41 3.93 5.05
N LEU B 638 51.91 4.78 4.16
CA LEU B 638 52.69 5.37 3.08
C LEU B 638 53.03 6.80 3.47
N ARG B 639 54.32 7.14 3.44
CA ARG B 639 54.69 8.52 3.69
C ARG B 639 54.14 9.43 2.60
N ARG B 640 53.76 10.65 2.99
CA ARG B 640 53.39 11.66 2.01
C ARG B 640 54.48 11.88 0.99
N ARG B 641 55.72 11.47 1.30
CA ARG B 641 56.86 11.56 0.40
C ARG B 641 57.49 10.18 0.36
N GLU B 642 57.00 9.32 -0.53
CA GLU B 642 57.42 7.93 -0.59
C GLU B 642 58.08 7.64 -1.93
N LYS B 643 59.03 6.71 -1.90
CA LYS B 643 59.77 6.31 -3.07
C LYS B 643 59.04 5.20 -3.82
N VAL B 644 59.33 5.10 -5.13
CA VAL B 644 58.67 4.09 -5.95
C VAL B 644 59.08 2.70 -5.51
N GLY B 645 60.34 2.52 -5.12
CA GLY B 645 60.80 1.20 -4.72
C GLY B 645 60.06 0.67 -3.51
N VAL B 646 59.88 1.50 -2.50
CA VAL B 646 59.17 1.07 -1.29
C VAL B 646 57.73 0.75 -1.62
N ILE B 647 57.09 1.58 -2.46
CA ILE B 647 55.70 1.34 -2.83
C ILE B 647 55.56 0.03 -3.57
N VAL B 648 56.48 -0.25 -4.50
CA VAL B 648 56.44 -1.51 -5.23
C VAL B 648 56.64 -2.68 -4.27
N ASP B 649 57.58 -2.54 -3.33
CA ASP B 649 57.85 -3.62 -2.39
C ASP B 649 56.62 -3.92 -1.53
N VAL B 650 55.96 -2.88 -1.03
CA VAL B 650 54.79 -3.09 -0.17
C VAL B 650 53.62 -3.64 -0.97
N LEU B 651 53.40 -3.12 -2.18
CA LEU B 651 52.31 -3.62 -3.00
C LEU B 651 52.51 -5.07 -3.39
N SER B 652 53.75 -5.44 -3.74
CA SER B 652 54.04 -6.78 -4.22
C SER B 652 54.11 -7.82 -3.11
N ASP B 653 54.08 -7.40 -1.84
CA ASP B 653 54.16 -8.34 -0.73
C ASP B 653 53.09 -9.41 -0.87
N THR B 654 53.53 -10.66 -1.06
CA THR B 654 52.62 -11.78 -1.21
C THR B 654 52.04 -12.25 0.11
N ALA B 655 52.51 -11.73 1.23
CA ALA B 655 51.95 -12.13 2.53
C ALA B 655 50.48 -11.74 2.62
N SER B 656 50.15 -10.55 2.13
CA SER B 656 48.76 -10.09 2.15
C SER B 656 48.59 -9.02 1.07
N ASN B 657 47.35 -8.80 0.69
CA ASN B 657 47.00 -7.84 -0.35
C ASN B 657 46.04 -6.81 0.25
N HIS B 658 46.59 -5.68 0.68
CA HIS B 658 45.81 -4.58 1.23
C HIS B 658 45.56 -3.55 0.13
N ASN B 659 44.30 -3.15 -0.02
CA ASN B 659 43.90 -2.21 -1.06
C ASN B 659 43.71 -0.79 -0.54
N GLY B 660 44.15 -0.51 0.68
CA GLY B 660 44.06 0.83 1.23
C GLY B 660 45.14 1.10 2.26
N PHE B 661 45.81 2.25 2.13
CA PHE B 661 46.92 2.60 2.98
C PHE B 661 46.73 4.02 3.48
N PRO B 662 46.79 4.25 4.80
CA PRO B 662 46.72 5.63 5.31
C PRO B 662 48.06 6.32 5.16
N VAL B 663 48.00 7.59 4.79
CA VAL B 663 49.19 8.40 4.57
C VAL B 663 49.65 8.99 5.89
N VAL B 664 50.95 9.26 5.97
CA VAL B 664 51.57 9.73 7.20
C VAL B 664 52.68 10.72 6.83
N GLU B 665 52.92 11.67 7.73
CA GLU B 665 53.95 12.68 7.54
C GLU B 665 55.28 12.19 8.10
N ALA B 673 54.55 11.12 13.01
CA ALA B 673 53.71 10.24 12.19
C ALA B 673 52.25 10.68 12.26
N ARG B 674 51.92 11.71 11.49
CA ARG B 674 50.60 12.33 11.54
C ARG B 674 49.79 11.95 10.30
N LEU B 675 48.56 11.51 10.52
CA LEU B 675 47.69 11.14 9.41
C LEU B 675 47.41 12.34 8.52
N GLN B 676 47.49 12.12 7.21
CA GLN B 676 47.19 13.14 6.22
C GLN B 676 46.15 12.71 5.21
N GLY B 677 45.85 11.42 5.10
CA GLY B 677 44.87 10.96 4.13
C GLY B 677 44.91 9.45 4.00
N LEU B 678 44.31 8.98 2.92
CA LEU B 678 44.27 7.55 2.61
C LEU B 678 44.27 7.39 1.09
N ILE B 679 45.02 6.40 0.62
CA ILE B 679 45.12 6.12 -0.81
C ILE B 679 44.92 4.63 -1.03
N LEU B 680 44.17 4.29 -2.07
CA LEU B 680 43.87 2.90 -2.36
C LEU B 680 44.94 2.30 -3.28
N ARG B 681 45.05 0.97 -3.24
CA ARG B 681 45.99 0.28 -4.10
C ARG B 681 45.72 0.60 -5.57
N SER B 682 44.45 0.73 -5.93
CA SER B 682 44.10 1.01 -7.32
C SER B 682 44.70 2.33 -7.77
N GLN B 683 44.61 3.36 -6.92
CA GLN B 683 45.16 4.66 -7.28
C GLN B 683 46.67 4.58 -7.48
N LEU B 684 47.36 3.84 -6.61
CA LEU B 684 48.80 3.68 -6.75
C LEU B 684 49.15 2.95 -8.04
N ILE B 685 48.39 1.92 -8.37
CA ILE B 685 48.63 1.18 -9.61
C ILE B 685 48.45 2.07 -10.82
N VAL B 686 47.37 2.87 -10.81
CA VAL B 686 47.14 3.79 -11.93
C VAL B 686 48.28 4.80 -12.03
N LEU B 687 48.74 5.32 -10.89
CA LEU B 687 49.82 6.29 -10.90
C LEU B 687 51.10 5.69 -11.45
N LEU B 688 51.42 4.47 -11.02
CA LEU B 688 52.64 3.81 -11.51
C LEU B 688 52.54 3.52 -13.00
N LYS B 689 51.38 3.06 -13.46
CA LYS B 689 51.22 2.74 -14.88
C LYS B 689 51.43 3.97 -15.75
N HIS B 690 51.13 5.16 -15.23
CA HIS B 690 51.27 6.39 -15.99
C HIS B 690 52.59 7.09 -15.73
N LYS B 691 53.45 6.54 -14.89
CA LYS B 691 54.78 7.10 -14.63
C LYS B 691 54.67 8.57 -14.21
N VAL B 692 53.99 8.77 -13.08
CA VAL B 692 53.81 10.11 -12.51
C VAL B 692 54.82 10.23 -11.39
N PHE B 693 56.01 10.74 -11.72
CA PHE B 693 57.09 10.90 -10.76
C PHE B 693 57.64 12.32 -10.86
N VAL B 694 58.28 12.76 -9.78
CA VAL B 694 58.92 14.06 -9.71
C VAL B 694 60.41 13.84 -9.50
N GLU B 695 61.22 14.44 -10.36
CA GLU B 695 62.68 14.31 -10.27
C GLU B 695 63.37 15.54 -10.82
N ARG B 704 49.93 15.93 -19.95
CA ARG B 704 50.98 16.21 -18.98
C ARG B 704 50.47 16.03 -17.56
N ARG B 705 49.21 16.37 -17.34
CA ARG B 705 48.56 16.25 -16.04
C ARG B 705 47.38 15.30 -16.14
N LEU B 706 47.12 14.60 -15.05
CA LEU B 706 46.14 13.53 -15.03
C LEU B 706 44.74 14.05 -14.72
N ARG B 707 43.74 13.30 -15.16
CA ARG B 707 42.33 13.57 -14.89
C ARG B 707 41.69 12.32 -14.32
N LEU B 708 40.53 12.51 -13.68
CA LEU B 708 39.81 11.38 -13.12
C LEU B 708 39.24 10.48 -14.20
N LYS B 709 39.14 10.97 -15.44
CA LYS B 709 38.68 10.11 -16.54
C LYS B 709 39.63 8.94 -16.74
N ASP B 710 40.93 9.17 -16.56
CA ASP B 710 41.88 8.07 -16.67
C ASP B 710 41.65 7.04 -15.57
N PHE B 711 41.30 7.49 -14.37
CA PHE B 711 40.97 6.56 -13.30
C PHE B 711 39.70 5.78 -13.64
N ARG B 712 38.71 6.44 -14.24
CA ARG B 712 37.44 5.77 -14.52
C ARG B 712 37.56 4.80 -15.68
N ASP B 713 38.42 5.09 -16.66
CA ASP B 713 38.57 4.20 -17.79
C ASP B 713 39.08 2.82 -17.38
N ALA B 714 39.95 2.77 -16.36
CA ALA B 714 40.43 1.51 -15.84
C ALA B 714 39.36 0.72 -15.12
N TYR B 715 38.21 1.34 -14.83
CA TYR B 715 37.14 0.66 -14.11
C TYR B 715 36.49 -0.40 -14.99
N PRO B 716 35.94 -1.46 -14.40
CA PRO B 716 36.01 -1.86 -12.98
C PRO B 716 37.18 -2.79 -12.68
N ARG B 717 37.94 -3.17 -13.71
CA ARG B 717 39.01 -4.15 -13.59
C ARG B 717 40.35 -3.45 -13.70
N PHE B 718 41.20 -3.62 -12.68
CA PHE B 718 42.47 -2.94 -12.63
C PHE B 718 43.63 -3.92 -12.78
N PRO B 719 44.71 -3.53 -13.43
CA PRO B 719 45.82 -4.46 -13.68
C PRO B 719 46.53 -4.83 -12.38
N PRO B 720 47.19 -5.97 -12.33
CA PRO B 720 47.88 -6.40 -11.12
C PRO B 720 49.22 -5.68 -10.98
N ILE B 721 49.90 -5.97 -9.86
CA ILE B 721 51.19 -5.36 -9.59
C ILE B 721 52.26 -5.93 -10.52
N GLN B 722 52.19 -7.23 -10.77
CA GLN B 722 53.23 -7.90 -11.56
C GLN B 722 53.30 -7.33 -12.98
N SER B 723 52.19 -6.79 -13.48
CA SER B 723 52.16 -6.30 -14.86
C SER B 723 53.06 -5.07 -15.03
N ILE B 724 53.07 -4.17 -14.04
CA ILE B 724 53.80 -2.93 -14.18
C ILE B 724 55.30 -3.20 -14.15
N HIS B 725 56.03 -2.57 -15.08
CA HIS B 725 57.47 -2.69 -15.18
C HIS B 725 58.12 -1.36 -14.85
N VAL B 726 59.03 -1.37 -13.87
CA VAL B 726 59.73 -0.17 -13.44
C VAL B 726 61.23 -0.47 -13.44
N SER B 727 62.01 0.42 -14.05
CA SER B 727 63.45 0.24 -14.11
C SER B 727 64.09 0.62 -12.78
N GLN B 728 65.35 0.20 -12.62
CA GLN B 728 66.07 0.48 -11.38
C GLN B 728 66.24 1.99 -11.17
N ASP B 729 66.58 2.72 -12.23
CA ASP B 729 66.78 4.15 -12.09
C ASP B 729 65.49 4.85 -11.68
N GLU B 730 64.36 4.45 -12.26
CA GLU B 730 63.10 5.08 -11.92
C GLU B 730 62.73 4.86 -10.46
N ARG B 731 63.08 3.70 -9.91
CA ARG B 731 62.73 3.42 -8.53
C ARG B 731 63.39 4.39 -7.55
N GLU B 732 64.45 5.07 -7.98
CA GLU B 732 65.12 6.06 -7.13
C GLU B 732 64.37 7.39 -7.09
N CYS B 733 63.30 7.54 -7.86
CA CYS B 733 62.50 8.76 -7.85
C CYS B 733 61.43 8.69 -6.75
N THR B 734 60.87 9.85 -6.43
CA THR B 734 59.87 9.99 -5.39
C THR B 734 58.51 10.32 -6.01
N MET B 735 57.45 9.99 -5.28
CA MET B 735 56.08 10.21 -5.74
C MET B 735 55.41 11.25 -4.86
N ASP B 736 54.90 12.30 -5.48
CA ASP B 736 54.18 13.36 -4.76
C ASP B 736 52.72 12.94 -4.63
N LEU B 737 52.40 12.34 -3.48
CA LEU B 737 51.09 11.76 -3.25
C LEU B 737 50.04 12.79 -2.83
N SER B 738 50.47 13.99 -2.44
CA SER B 738 49.57 14.94 -1.78
C SER B 738 48.32 15.20 -2.61
N GLU B 739 48.43 15.21 -3.93
CA GLU B 739 47.37 15.69 -4.80
C GLU B 739 46.48 14.58 -5.35
N PHE B 740 46.54 13.38 -4.77
CA PHE B 740 45.77 12.24 -5.26
C PHE B 740 45.05 11.45 -4.18
N MET B 741 45.24 11.77 -2.91
CA MET B 741 44.68 10.98 -1.83
C MET B 741 43.39 11.61 -1.29
N ASN B 742 42.72 10.85 -0.43
CA ASN B 742 41.57 11.34 0.31
C ASN B 742 42.07 12.25 1.42
N PRO B 743 41.90 13.58 1.30
CA PRO B 743 42.46 14.47 2.30
C PRO B 743 41.69 14.49 3.61
N SER B 744 40.47 13.98 3.63
CA SER B 744 39.60 14.01 4.81
C SER B 744 39.03 12.62 5.07
N PRO B 745 39.90 11.65 5.40
CA PRO B 745 39.41 10.32 5.72
C PRO B 745 38.59 10.32 7.00
N TYR B 746 37.64 9.39 7.07
CA TYR B 746 36.84 9.23 8.28
C TYR B 746 37.67 8.55 9.36
N THR B 747 37.66 9.12 10.56
CA THR B 747 38.53 8.68 11.64
C THR B 747 37.73 8.66 12.93
N VAL B 748 38.15 7.80 13.86
CA VAL B 748 37.50 7.69 15.16
C VAL B 748 38.56 7.67 16.25
N PRO B 749 38.25 8.12 17.46
CA PRO B 749 39.23 8.05 18.55
C PRO B 749 39.62 6.61 18.87
N GLN B 750 40.84 6.46 19.40
CA GLN B 750 41.36 5.14 19.74
C GLN B 750 40.50 4.43 20.77
N GLU B 751 39.76 5.17 21.61
CA GLU B 751 38.95 4.59 22.67
C GLU B 751 37.46 4.59 22.36
N ALA B 752 37.08 4.89 21.12
CA ALA B 752 35.66 4.92 20.77
C ALA B 752 35.03 3.55 20.96
N SER B 753 33.76 3.55 21.38
CA SER B 753 33.07 2.31 21.67
C SER B 753 32.77 1.55 20.37
N LEU B 754 32.74 0.23 20.48
CA LEU B 754 32.51 -0.62 19.30
C LEU B 754 31.18 -0.33 18.62
N PRO B 755 30.05 -0.22 19.33
CA PRO B 755 28.79 0.10 18.63
C PRO B 755 28.87 1.38 17.84
N ARG B 756 29.57 2.40 18.35
CA ARG B 756 29.70 3.65 17.60
C ARG B 756 30.45 3.42 16.29
N VAL B 757 31.56 2.68 16.36
CA VAL B 757 32.35 2.40 15.16
C VAL B 757 31.53 1.61 14.15
N PHE B 758 30.84 0.57 14.62
CA PHE B 758 30.04 -0.26 13.73
C PHE B 758 28.92 0.56 13.09
N LYS B 759 28.26 1.40 13.89
CA LYS B 759 27.20 2.26 13.38
C LYS B 759 27.72 3.16 12.27
N LEU B 760 28.83 3.84 12.51
CA LEU B 760 29.39 4.74 11.50
C LEU B 760 29.79 3.96 10.25
N PHE B 761 30.46 2.82 10.44
CA PHE B 761 30.93 2.03 9.30
C PHE B 761 29.77 1.55 8.44
N ARG B 762 28.70 1.06 9.06
CA ARG B 762 27.57 0.54 8.30
C ARG B 762 26.80 1.68 7.63
N ALA B 763 26.53 2.76 8.37
CA ALA B 763 25.74 3.85 7.82
C ALA B 763 26.45 4.51 6.65
N LEU B 764 27.74 4.79 6.79
CA LEU B 764 28.46 5.52 5.75
C LEU B 764 28.98 4.64 4.64
N GLY B 765 28.85 3.32 4.75
CA GLY B 765 29.32 2.43 3.72
C GLY B 765 30.81 2.54 3.52
N LEU B 766 31.56 2.52 4.61
CA LEU B 766 33.01 2.71 4.57
C LEU B 766 33.71 1.39 4.30
N ARG B 767 34.94 1.51 3.79
CA ARG B 767 35.82 0.36 3.58
C ARG B 767 37.01 0.36 4.53
N HIS B 768 37.62 1.52 4.76
CA HIS B 768 38.73 1.65 5.69
C HIS B 768 38.40 2.74 6.70
N LEU B 769 38.57 2.43 7.98
CA LEU B 769 38.39 3.39 9.05
C LEU B 769 39.68 3.49 9.85
N VAL B 770 40.28 4.68 9.87
CA VAL B 770 41.53 4.89 10.57
C VAL B 770 41.24 5.09 12.05
N VAL B 771 41.94 4.33 12.90
CA VAL B 771 41.90 4.52 14.34
C VAL B 771 43.15 5.27 14.74
N VAL B 772 42.96 6.44 15.35
CA VAL B 772 44.01 7.43 15.53
C VAL B 772 44.18 7.71 17.02
N ASP B 773 45.37 8.21 17.37
CA ASP B 773 45.68 8.55 18.74
C ASP B 773 45.31 10.00 19.01
N ASN B 774 45.73 10.54 20.16
CA ASN B 774 45.36 11.88 20.57
C ASN B 774 46.17 12.97 19.87
N ARG B 775 47.21 12.60 19.13
CA ARG B 775 48.03 13.58 18.41
C ARG B 775 47.95 13.34 16.90
N ASN B 776 46.77 12.91 16.46
CA ASN B 776 46.53 12.55 15.06
C ASN B 776 47.54 11.49 14.62
N GLN B 777 47.77 10.52 15.50
CA GLN B 777 48.70 9.43 15.29
C GLN B 777 47.97 8.20 14.77
N VAL B 778 48.45 7.66 13.64
CA VAL B 778 47.85 6.43 13.12
C VAL B 778 48.25 5.27 14.02
N VAL B 779 47.27 4.63 14.63
CA VAL B 779 47.51 3.47 15.49
C VAL B 779 46.79 2.22 15.01
N GLY B 780 45.84 2.33 14.09
CA GLY B 780 45.19 1.12 13.61
C GLY B 780 44.31 1.39 12.41
N LEU B 781 43.84 0.31 11.82
CA LEU B 781 42.90 0.34 10.72
C LEU B 781 41.80 -0.67 10.97
N VAL B 782 40.59 -0.34 10.50
CA VAL B 782 39.42 -1.19 10.67
C VAL B 782 38.76 -1.40 9.32
N THR B 783 38.48 -2.66 8.99
CA THR B 783 37.76 -3.03 7.78
C THR B 783 36.58 -3.90 8.19
N ARG B 784 35.76 -4.28 7.20
CA ARG B 784 34.55 -5.04 7.50
C ARG B 784 34.88 -6.38 8.15
N LYS B 785 36.01 -6.98 7.84
CA LYS B 785 36.36 -8.27 8.42
C LYS B 785 36.63 -8.16 9.91
N ASP B 786 37.17 -7.03 10.37
CA ASP B 786 37.36 -6.83 11.80
C ASP B 786 36.03 -6.81 12.53
N LEU B 787 35.02 -6.16 11.95
CA LEU B 787 33.71 -6.05 12.60
C LEU B 787 32.91 -7.33 12.50
N ALA B 788 33.05 -8.08 11.40
CA ALA B 788 32.20 -9.22 11.16
C ALA B 788 32.61 -10.48 11.92
N ARG B 789 33.77 -10.48 12.57
CA ARG B 789 34.23 -11.67 13.31
C ARG B 789 33.67 -11.69 14.73
N TYR B 790 32.35 -11.54 14.84
CA TYR B 790 31.69 -11.54 16.14
C TYR B 790 30.32 -12.18 15.99
N ARG B 791 29.81 -12.72 17.10
CA ARG B 791 28.51 -13.37 17.11
C ARG B 791 27.97 -13.47 18.53
N LEU C 73 -36.20 -47.21 -17.07
CA LEU C 73 -35.18 -46.34 -16.50
C LEU C 73 -35.60 -45.86 -15.11
N PRO C 74 -34.64 -45.32 -14.35
CA PRO C 74 -34.99 -44.73 -13.07
C PRO C 74 -35.97 -43.58 -13.25
N PRO C 75 -36.89 -43.39 -12.30
CA PRO C 75 -37.93 -42.37 -12.51
C PRO C 75 -37.41 -40.95 -12.63
N ASP C 76 -36.29 -40.63 -11.98
CA ASP C 76 -35.91 -39.23 -11.78
C ASP C 76 -35.01 -38.69 -12.88
N LEU C 77 -34.11 -39.51 -13.43
CA LEU C 77 -33.12 -38.99 -14.38
C LEU C 77 -33.77 -38.61 -15.72
N PRO C 78 -34.40 -39.53 -16.45
CA PRO C 78 -34.91 -39.16 -17.78
C PRO C 78 -36.08 -38.20 -17.75
N ASP C 79 -37.08 -38.46 -16.90
CA ASP C 79 -38.29 -37.68 -16.88
C ASP C 79 -38.66 -37.36 -15.43
N LEU C 80 -39.66 -36.51 -15.26
CA LEU C 80 -40.06 -36.05 -13.95
C LEU C 80 -40.92 -37.09 -13.23
N ASP C 81 -40.81 -37.10 -11.90
CA ASP C 81 -41.69 -37.92 -11.09
C ASP C 81 -43.10 -37.36 -11.14
N PRO C 82 -44.12 -38.22 -11.02
CA PRO C 82 -45.51 -37.71 -11.15
C PRO C 82 -45.85 -36.60 -10.17
N GLU C 83 -45.35 -36.66 -8.93
CA GLU C 83 -45.73 -35.69 -7.92
C GLU C 83 -45.12 -34.32 -8.22
N CYS C 84 -43.83 -34.28 -8.52
CA CYS C 84 -43.16 -33.01 -8.79
C CYS C 84 -43.75 -32.28 -9.98
N ARG C 85 -44.41 -33.02 -10.88
CA ARG C 85 -45.07 -32.39 -12.02
C ARG C 85 -46.09 -31.36 -11.57
N GLU C 86 -46.91 -31.71 -10.58
CA GLU C 86 -47.93 -30.79 -10.09
C GLU C 86 -47.30 -29.55 -9.49
N LEU C 87 -46.25 -29.72 -8.69
CA LEU C 87 -45.59 -28.58 -8.06
C LEU C 87 -45.04 -27.63 -9.12
N LEU C 88 -44.37 -28.19 -10.13
CA LEU C 88 -43.79 -27.35 -11.17
C LEU C 88 -44.88 -26.60 -11.93
N LEU C 89 -45.98 -27.29 -12.26
CA LEU C 89 -47.07 -26.64 -12.98
C LEU C 89 -47.68 -25.52 -12.16
N ASP C 90 -47.91 -25.76 -10.87
CA ASP C 90 -48.50 -24.73 -10.02
C ASP C 90 -47.59 -23.51 -9.91
N PHE C 91 -46.29 -23.75 -9.71
CA PHE C 91 -45.36 -22.62 -9.64
C PHE C 91 -45.34 -21.86 -10.94
N ALA C 92 -45.41 -22.56 -12.08
CA ALA C 92 -45.45 -21.89 -13.37
C ALA C 92 -46.67 -20.99 -13.49
N ASN C 93 -47.84 -21.52 -13.11
CA ASN C 93 -49.06 -20.73 -13.21
C ASN C 93 -48.97 -19.48 -12.34
N SER C 94 -48.53 -19.65 -11.09
CA SER C 94 -48.45 -18.50 -10.19
C SER C 94 -47.45 -17.47 -10.70
N SER C 95 -46.29 -17.93 -11.19
CA SER C 95 -45.29 -17.01 -11.71
C SER C 95 -45.81 -16.24 -12.91
N ALA C 96 -46.54 -16.92 -13.80
CA ALA C 96 -47.09 -16.24 -14.96
C ALA C 96 -48.10 -15.16 -14.53
N GLU C 97 -48.99 -15.52 -13.60
CA GLU C 97 -49.96 -14.54 -13.12
C GLU C 97 -49.26 -13.34 -12.51
N LEU C 98 -48.27 -13.60 -11.65
CA LEU C 98 -47.58 -12.51 -10.98
C LEU C 98 -46.85 -11.61 -11.97
N THR C 99 -46.19 -12.20 -12.96
CA THR C 99 -45.45 -11.39 -13.93
C THR C 99 -46.40 -10.53 -14.75
N GLY C 100 -47.51 -11.11 -15.21
CA GLY C 100 -48.48 -10.33 -15.95
C GLY C 100 -49.04 -9.18 -15.12
N CYS C 101 -49.38 -9.46 -13.86
CA CYS C 101 -49.90 -8.42 -13.00
C CYS C 101 -48.88 -7.32 -12.77
N LEU C 102 -47.62 -7.70 -12.54
CA LEU C 102 -46.57 -6.70 -12.34
C LEU C 102 -46.46 -5.79 -13.56
N VAL C 103 -46.45 -6.38 -14.75
CA VAL C 103 -46.30 -5.57 -15.95
C VAL C 103 -47.50 -4.64 -16.12
N ARG C 104 -48.70 -5.17 -15.88
CA ARG C 104 -49.91 -4.38 -16.04
C ARG C 104 -50.08 -3.34 -14.94
N SER C 105 -49.56 -3.62 -13.75
CA SER C 105 -49.80 -2.79 -12.58
C SER C 105 -48.55 -2.00 -12.20
N ALA C 106 -47.86 -1.48 -13.21
CA ALA C 106 -46.66 -0.67 -13.02
C ALA C 106 -46.75 0.71 -13.63
N ARG C 107 -47.90 1.09 -14.19
CA ARG C 107 -48.01 2.41 -14.81
C ARG C 107 -49.45 2.88 -14.93
N PRO C 108 -49.93 3.72 -14.00
CA PRO C 108 -49.26 4.13 -12.76
C PRO C 108 -48.99 2.93 -11.84
N VAL C 109 -48.06 3.10 -10.91
CA VAL C 109 -47.55 1.99 -10.12
C VAL C 109 -48.66 1.47 -9.22
N ARG C 110 -49.02 0.19 -9.38
CA ARG C 110 -49.95 -0.49 -8.47
C ARG C 110 -49.38 -1.82 -7.98
N LEU C 111 -48.06 -1.93 -7.88
CA LEU C 111 -47.46 -3.25 -7.63
C LEU C 111 -47.94 -3.82 -6.29
N CYS C 112 -47.93 -3.01 -5.23
CA CYS C 112 -48.23 -3.52 -3.90
C CYS C 112 -49.66 -4.01 -3.77
N GLN C 113 -50.63 -3.09 -3.84
CA GLN C 113 -52.00 -3.43 -3.48
C GLN C 113 -52.63 -4.39 -4.47
N THR C 114 -52.07 -4.52 -5.66
CA THR C 114 -52.59 -5.44 -6.66
C THR C 114 -51.89 -6.80 -6.59
N CYS C 115 -50.57 -6.82 -6.45
CA CYS C 115 -49.78 -8.02 -6.60
C CYS C 115 -49.45 -8.72 -5.28
N TYR C 116 -49.77 -8.14 -4.13
CA TYR C 116 -49.39 -8.79 -2.88
C TYR C 116 -49.96 -10.20 -2.75
N PRO C 117 -51.22 -10.48 -3.11
CA PRO C 117 -51.71 -11.86 -2.97
C PRO C 117 -50.96 -12.83 -3.85
N LEU C 118 -50.67 -12.44 -5.09
CA LEU C 118 -49.96 -13.33 -6.00
C LEU C 118 -48.54 -13.61 -5.52
N PHE C 119 -47.86 -12.59 -5.02
CA PHE C 119 -46.53 -12.81 -4.47
C PHE C 119 -46.57 -13.74 -3.26
N GLN C 120 -47.57 -13.55 -2.40
CA GLN C 120 -47.70 -14.45 -1.26
C GLN C 120 -47.93 -15.89 -1.72
N GLN C 121 -48.76 -16.08 -2.75
CA GLN C 121 -49.02 -17.41 -3.26
C GLN C 121 -47.75 -18.03 -3.85
N VAL C 122 -46.97 -17.24 -4.58
CA VAL C 122 -45.72 -17.75 -5.16
C VAL C 122 -44.78 -18.19 -4.07
N VAL C 123 -44.64 -17.38 -3.03
CA VAL C 123 -43.76 -17.74 -1.91
C VAL C 123 -44.25 -19.02 -1.26
N SER C 124 -45.57 -19.13 -1.06
CA SER C 124 -46.13 -20.33 -0.43
C SER C 124 -45.84 -21.57 -1.27
N LYS C 125 -45.98 -21.46 -2.59
CA LYS C 125 -45.75 -22.61 -3.45
C LYS C 125 -44.28 -23.03 -3.45
N MET C 126 -43.36 -22.06 -3.47
CA MET C 126 -41.96 -22.42 -3.41
C MET C 126 -41.61 -23.05 -2.07
N ASP C 127 -42.21 -22.56 -0.98
CA ASP C 127 -41.99 -23.20 0.31
C ASP C 127 -42.54 -24.62 0.31
N ASN C 128 -43.68 -24.83 -0.34
CA ASN C 128 -44.23 -26.18 -0.49
C ASN C 128 -43.23 -27.08 -1.20
N ILE C 129 -42.63 -26.58 -2.27
CA ILE C 129 -41.62 -27.36 -2.99
C ILE C 129 -40.45 -27.69 -2.07
N SER C 130 -39.91 -26.68 -1.40
CA SER C 130 -38.70 -26.88 -0.60
C SER C 130 -38.94 -27.83 0.56
N ARG C 131 -40.13 -27.82 1.15
CA ARG C 131 -40.36 -28.61 2.35
C ARG C 131 -40.47 -30.10 2.03
N SER C 141 -40.28 -33.70 -0.79
CA SER C 141 -39.24 -34.45 -1.48
C SER C 141 -38.80 -33.76 -2.77
N CYS C 142 -39.74 -33.17 -3.50
CA CYS C 142 -39.49 -32.67 -4.84
C CYS C 142 -38.51 -31.50 -4.88
N ALA C 143 -37.95 -31.09 -3.75
CA ALA C 143 -36.95 -30.03 -3.78
C ALA C 143 -35.73 -30.45 -4.59
N ARG C 144 -35.25 -31.68 -4.36
CA ARG C 144 -34.02 -32.12 -5.00
C ARG C 144 -34.15 -32.18 -6.51
N SER C 145 -35.24 -32.74 -7.01
CA SER C 145 -35.40 -32.97 -8.43
C SER C 145 -35.77 -31.72 -9.21
N LEU C 146 -36.19 -30.66 -8.53
CA LEU C 146 -36.65 -29.44 -9.20
C LEU C 146 -35.74 -28.26 -9.01
N LEU C 147 -35.01 -28.17 -7.90
CA LEU C 147 -34.30 -26.94 -7.56
C LEU C 147 -32.85 -26.94 -8.04
N MET C 148 -32.05 -27.89 -7.57
CA MET C 148 -30.59 -27.81 -7.68
C MET C 148 -30.02 -29.06 -8.35
N ALA C 149 -30.61 -29.48 -9.47
CA ALA C 149 -30.07 -30.57 -10.26
C ALA C 149 -29.70 -30.13 -11.66
N ASP C 150 -29.37 -28.84 -11.82
CA ASP C 150 -28.96 -28.29 -13.09
C ASP C 150 -27.93 -27.19 -12.83
N ARG C 151 -27.16 -26.86 -13.87
CA ARG C 151 -26.29 -25.69 -13.77
C ARG C 151 -27.09 -24.46 -13.41
N MET C 152 -28.30 -24.35 -13.95
CA MET C 152 -29.23 -23.31 -13.56
C MET C 152 -30.21 -23.83 -12.53
N GLN C 153 -30.96 -22.91 -11.95
CA GLN C 153 -32.11 -23.23 -11.12
C GLN C 153 -33.15 -22.17 -11.46
N ILE C 154 -33.96 -22.45 -12.49
CA ILE C 154 -34.90 -21.45 -12.99
C ILE C 154 -35.87 -21.07 -11.89
N VAL C 155 -36.36 -22.05 -11.15
CA VAL C 155 -37.26 -21.79 -10.02
C VAL C 155 -36.60 -20.81 -9.06
N VAL C 156 -35.35 -21.09 -8.70
CA VAL C 156 -34.66 -20.29 -7.68
C VAL C 156 -34.45 -18.87 -8.19
N ILE C 157 -34.00 -18.71 -9.43
CA ILE C 157 -33.70 -17.37 -9.93
C ILE C 157 -34.99 -16.58 -10.10
N LEU C 158 -36.06 -17.22 -10.54
CA LEU C 158 -37.34 -16.52 -10.66
C LEU C 158 -37.82 -16.03 -9.30
N SER C 159 -37.81 -16.91 -8.30
CA SER C 159 -38.27 -16.51 -6.98
C SER C 159 -37.37 -15.43 -6.40
N GLU C 160 -36.07 -15.53 -6.61
CA GLU C 160 -35.16 -14.51 -6.09
C GLU C 160 -35.35 -13.18 -6.79
N PHE C 161 -35.67 -13.19 -8.09
CA PHE C 161 -35.99 -11.95 -8.78
C PHE C 161 -37.25 -11.33 -8.22
N PHE C 162 -38.27 -12.15 -7.97
CA PHE C 162 -39.48 -11.64 -7.34
C PHE C 162 -39.17 -11.02 -5.99
N ASN C 163 -38.35 -11.70 -5.20
CA ASN C 163 -38.02 -11.20 -3.87
C ASN C 163 -37.20 -9.91 -3.95
N THR C 164 -36.29 -9.82 -4.92
CA THR C 164 -35.53 -8.60 -5.11
C THR C 164 -36.45 -7.44 -5.46
N THR C 165 -37.41 -7.68 -6.35
CA THR C 165 -38.35 -6.62 -6.71
C THR C 165 -39.20 -6.22 -5.52
N TRP C 166 -39.62 -7.19 -4.71
CA TRP C 166 -40.41 -6.89 -3.52
C TRP C 166 -39.62 -6.08 -2.50
N GLN C 167 -38.39 -6.53 -2.18
CA GLN C 167 -37.58 -5.85 -1.18
C GLN C 167 -37.19 -4.45 -1.65
N GLU C 168 -36.73 -4.34 -2.89
CA GLU C 168 -36.32 -3.06 -3.44
C GLU C 168 -37.50 -2.11 -3.62
N ALA C 169 -38.71 -2.54 -3.29
CA ALA C 169 -39.87 -1.67 -3.24
C ALA C 169 -40.19 -1.20 -1.83
N ASN C 170 -39.68 -1.87 -0.80
CA ASN C 170 -40.10 -1.62 0.57
C ASN C 170 -41.60 -1.86 0.70
N CYS C 171 -42.15 -2.72 -0.17
CA CYS C 171 -43.59 -2.89 -0.24
C CYS C 171 -44.16 -3.45 1.05
N ALA C 172 -43.33 -4.02 1.92
CA ALA C 172 -43.80 -4.42 3.23
C ALA C 172 -44.29 -3.23 4.04
N ASN C 173 -43.90 -2.02 3.66
CA ASN C 173 -44.40 -0.82 4.34
C ASN C 173 -45.92 -0.74 4.24
N CYS C 174 -46.46 -0.99 3.05
CA CYS C 174 -47.91 -0.97 2.88
C CYS C 174 -48.60 -2.03 3.72
N LEU C 175 -48.04 -3.24 3.73
CA LEU C 175 -48.70 -4.36 4.38
C LEU C 175 -48.37 -4.39 5.87
N THR C 176 -49.34 -4.90 6.65
CA THR C 176 -49.15 -5.06 8.08
C THR C 176 -48.27 -6.26 8.36
N ASN C 177 -48.06 -6.55 9.64
CA ASN C 177 -47.32 -7.76 10.02
C ASN C 177 -48.05 -9.01 9.57
N ASN C 178 -49.37 -8.95 9.44
CA ASN C 178 -50.15 -10.12 9.06
C ASN C 178 -50.10 -10.39 7.57
N SER C 179 -49.67 -9.42 6.76
CA SER C 179 -49.58 -9.54 5.30
C SER C 179 -50.94 -9.61 4.63
N GLU C 180 -52.03 -9.57 5.40
CA GLU C 180 -53.35 -9.83 4.84
C GLU C 180 -53.84 -8.67 3.99
N GLU C 181 -53.96 -7.48 4.59
CA GLU C 181 -54.43 -6.30 3.90
C GLU C 181 -53.48 -5.14 4.14
N LEU C 182 -53.74 -4.03 3.46
CA LEU C 182 -52.91 -2.85 3.60
C LEU C 182 -53.13 -2.17 4.94
N SER C 183 -52.10 -1.46 5.40
CA SER C 183 -52.21 -0.70 6.64
C SER C 183 -53.08 0.53 6.43
N ASN C 184 -53.73 0.96 7.51
CA ASN C 184 -54.60 2.13 7.45
C ASN C 184 -53.85 3.38 7.03
N SER C 185 -52.54 3.45 7.32
CA SER C 185 -51.76 4.63 6.95
C SER C 185 -51.73 4.81 5.43
N THR C 186 -51.37 3.75 4.71
CA THR C 186 -51.26 3.86 3.26
C THR C 186 -52.62 4.02 2.61
N VAL C 187 -53.65 3.36 3.14
CA VAL C 187 -55.01 3.57 2.65
C VAL C 187 -55.38 5.04 2.80
N TYR C 188 -55.12 5.60 3.97
CA TYR C 188 -55.42 7.00 4.23
C TYR C 188 -54.69 7.90 3.24
N PHE C 189 -53.41 7.61 2.97
CA PHE C 189 -52.65 8.45 2.05
C PHE C 189 -53.21 8.37 0.65
N LEU C 190 -53.49 7.15 0.17
CA LEU C 190 -53.99 6.98 -1.19
C LEU C 190 -55.36 7.62 -1.34
N ASN C 191 -56.14 7.61 -0.26
CA ASN C 191 -57.47 8.17 -0.27
C ASN C 191 -57.42 9.70 -0.23
N LEU C 192 -56.46 10.26 0.50
CA LEU C 192 -56.19 11.69 0.39
C LEU C 192 -55.73 12.05 -1.02
N PHE C 193 -54.93 11.18 -1.65
CA PHE C 193 -54.51 11.41 -3.03
C PHE C 193 -55.71 11.45 -3.96
N ASN C 194 -56.66 10.54 -3.77
CA ASN C 194 -57.89 10.53 -4.56
C ASN C 194 -58.67 11.82 -4.34
N HIS C 195 -58.83 12.23 -3.09
CA HIS C 195 -59.54 13.46 -2.78
C HIS C 195 -58.83 14.66 -3.41
N THR C 196 -57.50 14.67 -3.37
CA THR C 196 -56.73 15.75 -3.95
C THR C 196 -56.95 15.85 -5.45
N LEU C 197 -56.83 14.72 -6.16
CA LEU C 197 -57.07 14.74 -7.60
C LEU C 197 -58.53 15.11 -7.90
N THR C 198 -59.44 14.74 -7.01
CA THR C 198 -60.83 15.19 -7.16
C THR C 198 -60.91 16.71 -7.10
N CYS C 199 -60.20 17.33 -6.16
CA CYS C 199 -60.15 18.79 -6.11
C CYS C 199 -59.54 19.36 -7.38
N PHE C 200 -58.45 18.76 -7.87
CA PHE C 200 -57.79 19.27 -9.06
C PHE C 200 -58.72 19.26 -10.27
N GLU C 201 -59.37 18.12 -10.52
CA GLU C 201 -60.28 18.03 -11.65
C GLU C 201 -61.49 18.93 -11.44
N HIS C 202 -61.96 19.04 -10.20
CA HIS C 202 -63.12 19.86 -9.87
C HIS C 202 -62.94 21.30 -10.34
N ASN C 203 -61.77 21.87 -10.11
CA ASN C 203 -61.52 23.28 -10.39
C ASN C 203 -60.73 23.50 -11.67
N LEU C 204 -60.48 22.44 -12.45
CA LEU C 204 -59.72 22.61 -13.68
C LEU C 204 -60.44 23.51 -14.67
N GLN C 205 -61.77 23.36 -14.77
CA GLN C 205 -62.56 24.19 -15.67
C GLN C 205 -63.92 24.50 -15.06
N TYR C 217 -54.88 28.92 -14.24
CA TYR C 217 -55.04 27.81 -13.30
C TYR C 217 -55.00 28.32 -11.85
N SER C 218 -55.36 29.59 -11.66
CA SER C 218 -55.38 30.14 -10.30
C SER C 218 -56.44 29.44 -9.47
N GLU C 219 -57.54 29.07 -10.11
CA GLU C 219 -58.66 28.42 -9.43
C GLU C 219 -58.19 27.19 -8.68
N VAL C 220 -57.48 26.32 -9.41
CA VAL C 220 -57.05 25.02 -8.90
C VAL C 220 -56.14 25.21 -7.70
N CYS C 221 -55.16 26.11 -7.81
CA CYS C 221 -54.26 26.35 -6.70
C CYS C 221 -55.03 26.88 -5.49
N LYS C 222 -55.81 27.94 -5.70
CA LYS C 222 -56.47 28.58 -4.57
C LYS C 222 -57.35 27.61 -3.82
N ASN C 223 -57.98 26.67 -4.53
CA ASN C 223 -58.92 25.76 -3.87
C ASN C 223 -58.29 24.47 -3.35
N CYS C 224 -57.20 24.00 -3.96
CA CYS C 224 -56.59 22.74 -3.57
C CYS C 224 -55.30 22.93 -2.78
N ARG C 225 -54.99 24.17 -2.38
CA ARG C 225 -53.84 24.40 -1.51
C ARG C 225 -53.88 23.51 -0.27
N GLU C 226 -55.00 23.54 0.45
CA GLU C 226 -55.08 22.80 1.71
C GLU C 226 -54.95 21.31 1.47
N ALA C 227 -55.58 20.80 0.41
CA ALA C 227 -55.48 19.38 0.11
C ALA C 227 -54.02 18.99 -0.15
N TYR C 228 -53.33 19.76 -0.98
CA TYR C 228 -51.94 19.44 -1.29
C TYR C 228 -51.07 19.52 -0.04
N LYS C 229 -51.31 20.51 0.81
CA LYS C 229 -50.49 20.67 2.00
C LYS C 229 -50.72 19.54 2.99
N THR C 230 -51.97 19.11 3.15
CA THR C 230 -52.25 17.94 3.98
C THR C 230 -51.56 16.71 3.42
N LEU C 231 -51.61 16.53 2.10
CA LEU C 231 -50.95 15.38 1.48
C LEU C 231 -49.46 15.39 1.76
N SER C 232 -48.81 16.55 1.57
CA SER C 232 -47.37 16.63 1.78
C SER C 232 -47.02 16.41 3.25
N SER C 233 -47.81 16.97 4.16
CA SER C 233 -47.55 16.77 5.58
C SER C 233 -47.67 15.30 5.96
N LEU C 234 -48.69 14.62 5.41
CA LEU C 234 -48.83 13.20 5.70
C LEU C 234 -47.66 12.40 5.12
N TYR C 235 -47.20 12.77 3.92
CA TYR C 235 -46.06 12.07 3.35
C TYR C 235 -44.83 12.22 4.23
N SER C 236 -44.57 13.44 4.71
CA SER C 236 -43.42 13.66 5.59
C SER C 236 -43.58 12.89 6.89
N GLU C 237 -44.78 12.90 7.47
CA GLU C 237 -45.01 12.17 8.71
C GLU C 237 -44.77 10.69 8.53
N MET C 238 -45.25 10.12 7.42
CA MET C 238 -45.03 8.70 7.17
C MET C 238 -43.55 8.41 6.94
N GLN C 239 -42.84 9.31 6.25
CA GLN C 239 -41.41 9.14 6.09
C GLN C 239 -40.73 9.02 7.45
N LYS C 240 -41.01 9.97 8.36
CA LYS C 240 -40.38 9.95 9.67
C LYS C 240 -40.80 8.71 10.46
N MET C 241 -42.08 8.35 10.38
CA MET C 241 -42.56 7.17 11.11
C MET C 241 -41.87 5.91 10.64
N ASN C 242 -41.72 5.75 9.31
CA ASN C 242 -41.01 4.59 8.78
C ASN C 242 -39.55 4.60 9.23
N GLU C 243 -38.91 5.77 9.18
CA GLU C 243 -37.50 5.84 9.57
C GLU C 243 -37.31 5.42 11.02
N LEU C 244 -38.18 5.89 11.91
CA LEU C 244 -38.02 5.55 13.32
C LEU C 244 -38.46 4.13 13.63
N GLU C 245 -39.50 3.64 12.96
CA GLU C 245 -39.99 2.28 13.23
C GLU C 245 -39.00 1.24 12.74
N ASN C 246 -38.51 1.38 11.51
CA ASN C 246 -37.54 0.44 10.98
C ASN C 246 -36.13 0.73 11.45
N LYS C 247 -35.90 1.85 12.14
CA LYS C 247 -34.56 2.26 12.55
C LYS C 247 -33.62 2.29 11.36
N ALA C 248 -34.16 2.62 10.20
CA ALA C 248 -33.40 2.62 8.96
C ALA C 248 -32.65 3.94 8.78
N GLU C 249 -31.72 3.93 7.83
CA GLU C 249 -30.93 5.12 7.56
C GLU C 249 -31.80 6.21 6.95
N PRO C 250 -31.41 7.48 7.09
CA PRO C 250 -32.22 8.57 6.52
C PRO C 250 -32.29 8.46 5.01
N GLY C 251 -33.42 8.89 4.46
CA GLY C 251 -33.67 8.83 3.04
C GLY C 251 -34.16 7.51 2.52
N THR C 252 -34.42 6.54 3.40
CA THR C 252 -34.90 5.24 2.95
C THR C 252 -36.28 5.39 2.30
N HIS C 253 -36.50 4.62 1.24
CA HIS C 253 -37.71 4.75 0.44
C HIS C 253 -38.90 4.07 1.13
N LEU C 254 -40.08 4.32 0.58
CA LEU C 254 -41.34 3.76 1.05
C LEU C 254 -41.96 2.92 -0.07
N CYS C 255 -43.20 2.50 0.13
CA CYS C 255 -43.96 1.86 -0.94
C CYS C 255 -43.84 2.67 -2.22
N ILE C 256 -43.56 1.97 -3.32
CA ILE C 256 -43.39 2.66 -4.59
C ILE C 256 -44.69 3.31 -5.04
N ASP C 257 -45.83 2.74 -4.67
CA ASP C 257 -47.10 3.37 -5.04
C ASP C 257 -47.27 4.72 -4.36
N VAL C 258 -46.93 4.79 -3.07
CA VAL C 258 -47.04 6.05 -2.33
C VAL C 258 -46.13 7.10 -2.95
N GLU C 259 -44.88 6.72 -3.24
CA GLU C 259 -43.94 7.68 -3.82
C GLU C 259 -44.38 8.12 -5.21
N ASP C 260 -44.93 7.20 -6.01
CA ASP C 260 -45.40 7.56 -7.33
C ASP C 260 -46.56 8.54 -7.26
N ALA C 261 -47.49 8.31 -6.32
CA ALA C 261 -48.59 9.25 -6.14
C ALA C 261 -48.07 10.61 -5.67
N MET C 262 -47.14 10.60 -4.72
CA MET C 262 -46.54 11.84 -4.22
C MET C 262 -45.94 12.62 -5.37
N ASN C 263 -45.20 11.93 -6.23
CA ASN C 263 -44.52 12.59 -7.34
C ASN C 263 -45.50 13.08 -8.39
N ILE C 264 -46.56 12.32 -8.66
CA ILE C 264 -47.57 12.80 -9.60
C ILE C 264 -48.18 14.09 -9.09
N THR C 265 -48.51 14.13 -7.79
CA THR C 265 -49.05 15.35 -7.20
C THR C 265 -48.04 16.49 -7.28
N ARG C 266 -46.78 16.20 -6.98
CA ARG C 266 -45.75 17.25 -6.98
C ARG C 266 -45.58 17.83 -8.36
N LYS C 267 -45.56 16.97 -9.39
CA LYS C 267 -45.44 17.44 -10.76
C LYS C 267 -46.65 18.26 -11.17
N LEU C 268 -47.85 17.82 -10.76
CA LEU C 268 -49.04 18.58 -11.08
C LEU C 268 -49.00 19.97 -10.44
N TRP C 269 -48.53 20.04 -9.20
CA TRP C 269 -48.52 21.30 -8.46
C TRP C 269 -47.46 22.26 -9.00
N SER C 270 -46.21 21.81 -9.04
CA SER C 270 -45.08 22.72 -9.24
C SER C 270 -44.94 23.18 -10.68
N ARG C 271 -45.28 22.31 -11.63
CA ARG C 271 -45.03 22.49 -13.05
C ARG C 271 -46.26 22.68 -13.92
N THR C 272 -47.17 21.72 -13.97
CA THR C 272 -48.31 21.84 -14.89
C THR C 272 -49.15 23.05 -14.53
N PHE C 273 -49.37 23.26 -13.24
CA PHE C 273 -50.12 24.42 -12.75
C PHE C 273 -49.21 25.53 -12.23
N ASN C 274 -48.01 25.20 -11.79
CA ASN C 274 -47.04 26.19 -11.32
C ASN C 274 -47.64 27.05 -10.21
N CYS C 275 -48.26 26.37 -9.23
CA CYS C 275 -48.94 27.06 -8.14
C CYS C 275 -47.99 27.58 -7.08
N SER C 276 -46.76 27.05 -7.01
CA SER C 276 -45.85 27.44 -5.95
C SER C 276 -45.46 28.92 -6.09
N VAL C 277 -45.52 29.64 -4.97
CA VAL C 277 -45.19 31.06 -4.95
C VAL C 277 -44.31 31.35 -3.74
N PRO C 278 -43.04 30.94 -3.74
CA PRO C 278 -42.16 31.28 -2.62
C PRO C 278 -41.99 32.79 -2.50
N CYS C 279 -41.89 33.26 -1.25
CA CYS C 279 -41.73 34.68 -0.99
C CYS C 279 -40.30 35.12 -1.29
N SER C 280 -40.15 36.42 -1.57
CA SER C 280 -38.86 37.00 -1.91
C SER C 280 -38.45 38.00 -0.84
N ASP C 281 -37.21 37.89 -0.39
CA ASP C 281 -36.63 38.78 0.62
C ASP C 281 -35.26 39.26 0.17
N THR C 282 -35.18 39.71 -1.09
CA THR C 282 -33.88 40.06 -1.67
C THR C 282 -33.23 41.22 -0.92
N VAL C 283 -34.00 42.27 -0.63
CA VAL C 283 -33.41 43.49 -0.06
C VAL C 283 -32.79 43.23 1.32
N PRO C 284 -33.49 42.64 2.28
CA PRO C 284 -32.86 42.40 3.59
C PRO C 284 -31.62 41.52 3.50
N VAL C 285 -31.69 40.44 2.72
CA VAL C 285 -30.55 39.53 2.59
C VAL C 285 -29.36 40.27 2.00
N ILE C 286 -29.60 41.04 0.94
CA ILE C 286 -28.51 41.75 0.28
C ILE C 286 -27.89 42.76 1.23
N ALA C 287 -28.71 43.52 1.94
CA ALA C 287 -28.19 44.53 2.85
C ALA C 287 -27.35 43.89 3.96
N VAL C 288 -27.87 42.82 4.57
CA VAL C 288 -27.18 42.17 5.67
C VAL C 288 -25.84 41.61 5.19
N SER C 289 -25.87 40.91 4.05
CA SER C 289 -24.65 40.32 3.53
C SER C 289 -23.62 41.39 3.18
N VAL C 290 -24.07 42.49 2.57
CA VAL C 290 -23.15 43.56 2.19
C VAL C 290 -22.50 44.17 3.43
N PHE C 291 -23.29 44.42 4.48
CA PHE C 291 -22.73 44.99 5.70
C PHE C 291 -21.72 44.03 6.33
N ILE C 292 -22.07 42.75 6.40
CA ILE C 292 -21.17 41.78 7.04
C ILE C 292 -19.88 41.65 6.24
N LEU C 293 -19.97 41.75 4.91
CA LEU C 293 -18.77 41.69 4.08
C LEU C 293 -17.95 42.96 4.21
N PHE C 294 -18.61 44.09 4.45
CA PHE C 294 -17.88 45.34 4.69
C PHE C 294 -17.08 45.26 5.98
N LEU C 295 -17.63 44.62 7.01
CA LEU C 295 -16.98 44.62 8.32
C LEU C 295 -15.50 44.26 8.28
N PRO C 296 -15.06 43.14 7.68
CA PRO C 296 -13.63 42.82 7.70
C PRO C 296 -12.76 43.88 7.04
N VAL C 297 -13.25 44.50 5.98
CA VAL C 297 -12.50 45.57 5.32
C VAL C 297 -12.26 46.72 6.30
N VAL C 298 -13.31 47.09 7.03
CA VAL C 298 -13.18 48.15 8.03
C VAL C 298 -12.18 47.73 9.09
N PHE C 299 -12.25 46.48 9.55
CA PHE C 299 -11.32 46.01 10.57
C PHE C 299 -9.87 46.17 10.11
N TYR C 300 -9.56 45.66 8.92
CA TYR C 300 -8.18 45.71 8.45
C TYR C 300 -7.72 47.14 8.19
N LEU C 301 -8.58 47.97 7.58
CA LEU C 301 -8.20 49.36 7.34
C LEU C 301 -7.96 50.11 8.65
N SER C 302 -8.82 49.89 9.64
CA SER C 302 -8.64 50.53 10.93
C SER C 302 -7.33 50.10 11.57
N SER C 303 -7.01 48.81 11.50
CA SER C 303 -5.74 48.35 12.04
C SER C 303 -4.57 49.04 11.34
N PHE C 304 -4.63 49.12 10.02
CA PHE C 304 -3.56 49.76 9.26
C PHE C 304 -3.39 51.21 9.67
N LEU C 305 -4.48 51.98 9.67
CA LEU C 305 -4.40 53.40 9.97
C LEU C 305 -3.95 53.63 11.41
N HIS C 306 -4.47 52.84 12.34
CA HIS C 306 -4.09 53.00 13.75
C HIS C 306 -2.61 52.71 13.95
N SER C 307 -2.10 51.64 13.32
CA SER C 307 -0.68 51.33 13.44
C SER C 307 0.16 52.43 12.81
N GLU C 308 -0.28 52.98 11.67
CA GLU C 308 0.45 54.07 11.05
C GLU C 308 0.50 55.29 11.98
N GLN C 309 -0.63 55.62 12.62
CA GLN C 309 -0.65 56.74 13.55
C GLN C 309 0.25 56.48 14.75
N LYS C 310 0.23 55.26 15.28
CA LYS C 310 1.05 54.90 16.43
C LYS C 310 0.67 55.74 17.64
N SER D 91 15.43 34.04 16.90
CA SER D 91 16.14 32.96 16.22
C SER D 91 17.07 32.23 17.19
N LEU D 92 17.54 32.95 18.21
CA LEU D 92 18.44 32.37 19.21
C LEU D 92 17.70 31.77 20.40
N LYS D 93 16.38 31.92 20.46
CA LYS D 93 15.59 31.24 21.48
C LYS D 93 15.29 29.79 21.13
N TYR D 94 15.61 29.37 19.90
CA TYR D 94 15.37 28.00 19.47
C TYR D 94 16.63 27.18 19.72
N GLU D 95 16.59 26.34 20.75
CA GLU D 95 17.73 25.49 21.08
C GLU D 95 17.71 24.25 20.20
N SER D 96 18.58 23.29 20.49
CA SER D 96 18.71 22.07 19.71
C SER D 96 18.50 20.86 20.60
N LEU D 97 18.23 19.73 19.94
CA LEU D 97 17.97 18.47 20.62
C LEU D 97 19.26 17.66 20.65
N ASP D 98 19.60 17.15 21.84
CA ASP D 98 20.83 16.37 22.04
C ASP D 98 20.58 14.91 21.68
N TYR D 99 20.49 14.67 20.37
CA TYR D 99 20.32 13.30 19.89
C TYR D 99 21.59 12.49 20.01
N ASP D 100 22.75 13.15 19.98
CA ASP D 100 24.03 12.47 20.07
C ASP D 100 24.30 12.11 21.52
N ASN D 101 24.05 10.86 21.88
CA ASN D 101 24.27 10.40 23.24
C ASN D 101 25.76 10.42 23.57
N SER D 102 26.09 10.89 24.77
CA SER D 102 27.47 10.99 25.21
C SER D 102 27.88 9.71 25.90
N GLU D 103 28.89 9.04 25.36
CA GLU D 103 29.36 7.76 25.89
C GLU D 103 30.40 7.98 26.98
N ASN D 104 29.96 8.62 28.07
CA ASN D 104 30.83 8.88 29.21
C ASN D 104 30.96 7.62 30.05
N GLN D 105 31.82 7.70 31.07
CA GLN D 105 32.06 6.54 31.92
C GLN D 105 30.80 6.09 32.65
N LEU D 106 30.00 7.06 33.11
CA LEU D 106 28.78 6.71 33.84
C LEU D 106 27.79 5.99 32.94
N PHE D 107 27.67 6.43 31.69
CA PHE D 107 26.78 5.73 30.75
C PHE D 107 27.26 4.30 30.52
N LEU D 108 28.58 4.11 30.37
CA LEU D 108 29.11 2.78 30.17
C LEU D 108 28.84 1.89 31.38
N GLU D 109 29.03 2.42 32.59
CA GLU D 109 28.74 1.65 33.79
C GLU D 109 27.27 1.31 33.88
N GLU D 110 26.39 2.25 33.55
CA GLU D 110 24.96 1.98 33.60
C GLU D 110 24.58 0.88 32.62
N GLU D 111 25.12 0.94 31.40
CA GLU D 111 24.83 -0.11 30.42
C GLU D 111 25.37 -1.46 30.88
N ARG D 112 26.59 -1.47 31.45
CA ARG D 112 27.15 -2.72 31.95
C ARG D 112 26.27 -3.33 33.02
N ARG D 113 25.84 -2.51 33.98
CA ARG D 113 24.97 -3.01 35.05
C ARG D 113 23.64 -3.51 34.48
N ILE D 114 23.06 -2.76 33.54
CA ILE D 114 21.78 -3.15 32.97
C ILE D 114 21.90 -4.51 32.27
N ASN D 115 22.96 -4.68 31.47
CA ASN D 115 23.17 -5.95 30.78
C ASN D 115 23.62 -7.05 31.71
N HIS D 116 24.03 -6.73 32.94
CA HIS D 116 24.45 -7.73 33.92
C HIS D 116 23.33 -8.10 34.89
N THR D 117 22.09 -7.75 34.56
CA THR D 117 20.95 -8.05 35.42
C THR D 117 20.32 -9.40 35.10
N ALA D 118 20.86 -10.14 34.13
CA ALA D 118 20.36 -11.44 33.68
C ALA D 118 19.10 -11.34 32.86
N PHE D 119 18.54 -10.14 32.67
CA PHE D 119 17.33 -9.96 31.88
C PHE D 119 17.26 -8.50 31.44
N ARG D 120 16.88 -8.29 30.18
CA ARG D 120 16.76 -6.96 29.61
C ARG D 120 15.29 -6.67 29.33
N THR D 121 14.81 -5.55 29.87
CA THR D 121 13.42 -5.15 29.74
C THR D 121 13.23 -3.88 28.92
N VAL D 122 14.32 -3.25 28.48
CA VAL D 122 14.22 -1.97 27.78
C VAL D 122 13.45 -2.14 26.47
N GLU D 123 13.74 -3.19 25.71
CA GLU D 123 13.06 -3.39 24.44
C GLU D 123 11.58 -3.66 24.64
N ILE D 124 11.24 -4.47 25.65
CA ILE D 124 9.84 -4.75 25.94
C ILE D 124 9.11 -3.47 26.30
N LYS D 125 9.75 -2.63 27.12
CA LYS D 125 9.14 -1.35 27.50
C LYS D 125 8.96 -0.45 26.29
N ARG D 126 9.93 -0.44 25.37
CA ARG D 126 9.79 0.36 24.16
C ARG D 126 8.59 -0.10 23.33
N TRP D 127 8.45 -1.42 23.17
CA TRP D 127 7.31 -1.94 22.41
C TRP D 127 5.99 -1.59 23.08
N VAL D 128 5.94 -1.73 24.40
CA VAL D 128 4.73 -1.37 25.15
C VAL D 128 4.41 0.10 24.96
N ILE D 129 5.42 0.96 25.00
CA ILE D 129 5.20 2.40 24.85
C ILE D 129 4.65 2.71 23.47
N CYS D 130 5.20 2.07 22.44
CA CYS D 130 4.67 2.29 21.10
C CYS D 130 3.21 1.84 21.01
N ALA D 131 2.87 0.70 21.63
CA ALA D 131 1.50 0.22 21.60
C ALA D 131 0.55 1.21 22.28
N LEU D 132 0.91 1.68 23.48
CA LEU D 132 0.11 2.72 24.14
C LEU D 132 0.01 4.00 23.32
N ILE D 133 1.10 4.40 22.65
CA ILE D 133 1.04 5.61 21.83
C ILE D 133 -0.01 5.45 20.74
N GLY D 134 0.03 4.31 20.04
CA GLY D 134 -0.96 4.07 19.00
C GLY D 134 -2.38 4.02 19.54
N ILE D 135 -2.58 3.30 20.65
CA ILE D 135 -3.92 3.16 21.21
C ILE D 135 -4.48 4.53 21.59
N LEU D 136 -3.68 5.35 22.26
CA LEU D 136 -4.18 6.63 22.72
C LEU D 136 -4.42 7.59 21.56
N THR D 137 -3.56 7.55 20.54
CA THR D 137 -3.82 8.37 19.36
C THR D 137 -5.12 7.97 18.69
N GLY D 138 -5.38 6.66 18.57
CA GLY D 138 -6.63 6.22 18.01
C GLY D 138 -7.83 6.67 18.83
N LEU D 139 -7.74 6.58 20.15
CA LEU D 139 -8.84 7.01 21.00
C LEU D 139 -9.08 8.51 20.85
N VAL D 140 -8.01 9.30 20.76
CA VAL D 140 -8.17 10.74 20.58
C VAL D 140 -8.88 11.03 19.26
N ALA D 141 -8.47 10.34 18.19
CA ALA D 141 -9.13 10.53 16.91
C ALA D 141 -10.61 10.17 16.99
N CYS D 142 -10.93 9.06 17.66
CA CYS D 142 -12.33 8.67 17.80
C CYS D 142 -13.13 9.74 18.55
N PHE D 143 -12.57 10.26 19.64
CA PHE D 143 -13.25 11.28 20.41
C PHE D 143 -13.51 12.52 19.56
N ILE D 144 -12.49 12.95 18.80
CA ILE D 144 -12.65 14.12 17.94
C ILE D 144 -13.76 13.88 16.93
N ASP D 145 -13.74 12.70 16.29
CA ASP D 145 -14.73 12.42 15.25
C ASP D 145 -16.14 12.43 15.83
N ILE D 146 -16.33 11.79 16.99
CA ILE D 146 -17.66 11.71 17.58
C ILE D 146 -18.17 13.10 17.94
N VAL D 147 -17.33 13.89 18.61
CA VAL D 147 -17.77 15.22 19.05
C VAL D 147 -18.10 16.08 17.85
N VAL D 148 -17.24 16.08 16.83
CA VAL D 148 -17.50 16.87 15.64
C VAL D 148 -18.81 16.45 14.99
N GLU D 149 -19.00 15.14 14.84
CA GLU D 149 -20.23 14.65 14.21
C GLU D 149 -21.46 15.19 14.95
N ASN D 150 -21.50 15.00 16.26
CA ASN D 150 -22.70 15.40 17.00
C ASN D 150 -22.92 16.91 16.93
N LEU D 151 -21.88 17.70 17.22
CA LEU D 151 -22.07 19.15 17.29
C LEU D 151 -22.42 19.73 15.93
N ALA D 152 -21.70 19.31 14.88
CA ALA D 152 -21.99 19.82 13.55
C ALA D 152 -23.38 19.39 13.09
N GLY D 153 -23.79 18.16 13.44
CA GLY D 153 -25.12 17.73 13.09
C GLY D 153 -26.18 18.62 13.71
N LEU D 154 -26.03 18.93 15.01
CA LEU D 154 -27.02 19.80 15.65
C LEU D 154 -27.03 21.19 15.03
N LYS D 155 -25.84 21.74 14.77
CA LYS D 155 -25.78 23.09 14.18
C LYS D 155 -26.48 23.12 12.83
N TYR D 156 -26.17 22.15 11.97
CA TYR D 156 -26.76 22.11 10.65
C TYR D 156 -28.27 21.88 10.73
N ARG D 157 -28.71 21.04 11.65
CA ARG D 157 -30.14 20.81 11.81
C ARG D 157 -30.86 22.09 12.21
N VAL D 158 -30.28 22.84 13.16
CA VAL D 158 -30.91 24.09 13.58
C VAL D 158 -31.00 25.07 12.42
N ILE D 159 -29.89 25.22 11.69
CA ILE D 159 -29.87 26.18 10.59
C ILE D 159 -30.87 25.78 9.52
N LYS D 160 -30.91 24.49 9.18
CA LYS D 160 -31.82 24.02 8.14
C LYS D 160 -33.28 24.20 8.56
N GLY D 161 -33.59 23.91 9.83
CA GLY D 161 -34.95 24.13 10.30
C GLY D 161 -35.36 25.58 10.22
N ASN D 162 -34.45 26.48 10.62
CA ASN D 162 -34.75 27.90 10.53
C ASN D 162 -34.96 28.32 9.07
N ILE D 163 -34.13 27.82 8.16
CA ILE D 163 -34.25 28.21 6.76
C ILE D 163 -35.58 27.72 6.19
N ASP D 164 -35.92 26.46 6.44
CA ASP D 164 -37.18 25.92 5.94
C ASP D 164 -38.38 26.68 6.53
N LYS D 165 -38.31 27.02 7.80
CA LYS D 165 -39.42 27.72 8.45
C LYS D 165 -39.65 29.09 7.83
N PHE D 166 -38.59 29.78 7.43
CA PHE D 166 -38.68 31.13 6.89
C PHE D 166 -38.73 31.17 5.36
N THR D 167 -38.73 30.01 4.69
CA THR D 167 -38.67 30.02 3.23
C THR D 167 -39.88 30.71 2.62
N GLU D 168 -41.09 30.29 3.02
CA GLU D 168 -42.30 30.83 2.43
C GLU D 168 -42.86 32.01 3.22
N LYS D 169 -42.71 31.99 4.54
CA LYS D 169 -43.20 33.11 5.35
C LYS D 169 -42.40 34.38 5.08
N GLY D 170 -41.15 34.24 4.69
CA GLY D 170 -40.27 35.37 4.44
C GLY D 170 -39.23 35.51 5.53
N GLY D 171 -38.54 36.65 5.49
CA GLY D 171 -37.54 36.94 6.51
C GLY D 171 -36.39 35.96 6.55
N LEU D 172 -35.87 35.58 5.38
CA LEU D 172 -34.72 34.68 5.32
C LEU D 172 -33.44 35.31 5.87
N SER D 173 -33.43 36.63 6.07
CA SER D 173 -32.24 37.27 6.63
C SER D 173 -31.93 36.75 8.02
N PHE D 174 -32.96 36.52 8.84
CA PHE D 174 -32.74 36.03 10.19
C PHE D 174 -31.97 34.71 10.20
N SER D 175 -32.19 33.87 9.19
CA SER D 175 -31.41 32.64 9.08
C SER D 175 -29.94 32.93 8.87
N LEU D 176 -29.64 33.92 8.03
CA LEU D 176 -28.25 34.34 7.83
C LEU D 176 -27.65 34.86 9.12
N LEU D 177 -28.41 35.67 9.86
CA LEU D 177 -27.92 36.16 11.15
C LEU D 177 -27.62 35.01 12.10
N LEU D 178 -28.51 34.02 12.15
CA LEU D 178 -28.32 32.89 13.06
C LEU D 178 -27.09 32.08 12.68
N TRP D 179 -26.93 31.79 11.39
CA TRP D 179 -25.75 31.07 10.92
C TRP D 179 -24.48 31.80 11.32
N ALA D 180 -24.41 33.10 11.01
CA ALA D 180 -23.22 33.88 11.32
C ALA D 180 -22.98 33.91 12.82
N THR D 181 -24.03 34.06 13.62
CA THR D 181 -23.86 34.15 15.07
C THR D 181 -23.32 32.85 15.65
N LEU D 182 -23.86 31.71 15.21
CA LEU D 182 -23.36 30.43 15.72
C LEU D 182 -21.90 30.24 15.34
N ASN D 183 -21.57 30.49 14.07
CA ASN D 183 -20.18 30.38 13.64
C ASN D 183 -19.28 31.27 14.48
N ALA D 184 -19.71 32.52 14.69
CA ALA D 184 -18.91 33.48 15.42
C ALA D 184 -18.71 33.05 16.86
N ALA D 185 -19.76 32.51 17.49
CA ALA D 185 -19.63 32.08 18.89
C ALA D 185 -18.62 30.95 19.02
N PHE D 186 -18.75 29.91 18.20
CA PHE D 186 -17.82 28.79 18.29
C PHE D 186 -16.39 29.25 18.01
N VAL D 187 -16.20 30.02 16.95
CA VAL D 187 -14.87 30.48 16.59
C VAL D 187 -14.33 31.43 17.66
N LEU D 188 -15.19 32.20 18.31
CA LEU D 188 -14.76 33.07 19.38
C LEU D 188 -14.19 32.27 20.53
N VAL D 189 -14.89 31.21 20.95
CA VAL D 189 -14.37 30.40 22.04
C VAL D 189 -13.02 29.80 21.64
N GLY D 190 -12.94 29.25 20.42
CA GLY D 190 -11.69 28.64 19.99
C GLY D 190 -10.54 29.62 19.96
N SER D 191 -10.76 30.79 19.37
CA SER D 191 -9.70 31.77 19.24
C SER D 191 -9.32 32.37 20.59
N VAL D 192 -10.27 32.47 21.52
CA VAL D 192 -9.93 32.93 22.86
C VAL D 192 -9.03 31.92 23.56
N ILE D 193 -9.38 30.63 23.47
CA ILE D 193 -8.54 29.65 24.16
C ILE D 193 -7.16 29.58 23.53
N VAL D 194 -7.05 29.78 22.21
CA VAL D 194 -5.75 29.63 21.57
C VAL D 194 -4.90 30.89 21.73
N ALA D 195 -5.44 32.05 21.34
CA ALA D 195 -4.66 33.27 21.29
C ALA D 195 -4.13 33.68 22.65
N PHE D 196 -4.93 33.53 23.70
CA PHE D 196 -4.58 34.01 25.03
C PHE D 196 -3.85 32.98 25.87
N ILE D 197 -4.34 31.74 25.89
CA ILE D 197 -3.75 30.73 26.79
C ILE D 197 -2.52 30.10 26.15
N GLU D 198 -2.63 29.62 24.91
CA GLU D 198 -1.56 28.87 24.26
C GLU D 198 -1.48 29.24 22.80
N PRO D 199 -0.75 30.30 22.45
CA PRO D 199 -0.60 30.66 21.03
C PRO D 199 0.13 29.61 20.21
N VAL D 200 0.90 28.73 20.84
CA VAL D 200 1.63 27.72 20.09
C VAL D 200 0.68 26.74 19.41
N ALA D 201 -0.52 26.57 19.95
CA ALA D 201 -1.48 25.61 19.41
C ALA D 201 -2.06 26.05 18.06
N ALA D 202 -1.77 27.28 17.63
CA ALA D 202 -2.30 27.74 16.35
C ALA D 202 -1.73 26.93 15.20
N GLY D 203 -2.52 26.80 14.14
CA GLY D 203 -2.11 26.08 12.97
C GLY D 203 -2.28 24.59 13.10
N SER D 204 -1.77 23.88 12.09
CA SER D 204 -1.89 22.43 12.04
C SER D 204 -0.94 21.75 13.02
N GLY D 205 0.20 22.37 13.32
CA GLY D 205 1.20 21.76 14.16
C GLY D 205 2.18 20.87 13.45
N ILE D 206 2.06 20.70 12.14
CA ILE D 206 2.96 19.85 11.36
C ILE D 206 4.31 20.53 11.22
N PRO D 207 4.37 21.85 10.97
CA PRO D 207 5.69 22.50 10.95
C PRO D 207 6.45 22.35 12.24
N GLN D 208 5.74 22.43 13.38
CA GLN D 208 6.41 22.28 14.67
C GLN D 208 7.05 20.90 14.80
N ILE D 209 6.33 19.85 14.41
CA ILE D 209 6.88 18.49 14.51
C ILE D 209 7.98 18.29 13.47
N LYS D 210 7.87 18.90 12.31
CA LYS D 210 8.95 18.85 11.34
C LYS D 210 10.23 19.44 11.92
N CYS D 211 10.10 20.60 12.57
CA CYS D 211 11.25 21.20 13.24
C CYS D 211 11.78 20.30 14.34
N PHE D 212 10.88 19.70 15.12
CA PHE D 212 11.27 18.84 16.23
C PHE D 212 12.09 17.66 15.74
N LEU D 213 11.63 17.00 14.67
CA LEU D 213 12.36 15.85 14.13
C LEU D 213 13.62 16.30 13.41
N ASN D 214 13.64 17.54 12.91
CA ASN D 214 14.86 18.11 12.38
C ASN D 214 15.90 18.38 13.47
N GLY D 215 15.46 18.52 14.72
CA GLY D 215 16.35 18.74 15.84
C GLY D 215 16.18 20.07 16.53
N VAL D 216 15.20 20.88 16.13
CA VAL D 216 14.97 22.20 16.75
C VAL D 216 13.79 22.05 17.72
N LYS D 217 13.96 22.59 18.92
CA LYS D 217 12.92 22.56 19.94
C LYS D 217 12.23 23.92 19.98
N ILE D 218 10.94 23.93 19.66
CA ILE D 218 10.11 25.12 19.83
C ILE D 218 9.53 25.05 21.25
N PRO D 219 9.42 26.17 21.96
CA PRO D 219 9.33 26.09 23.43
C PRO D 219 8.21 25.23 23.99
N HIS D 220 7.00 25.28 23.43
CA HIS D 220 5.83 24.63 24.04
C HIS D 220 5.12 23.71 23.05
N VAL D 221 5.87 22.83 22.40
CA VAL D 221 5.27 21.98 21.38
C VAL D 221 4.68 20.69 21.95
N VAL D 222 5.26 20.14 23.01
CA VAL D 222 4.87 18.82 23.50
C VAL D 222 4.31 18.91 24.91
N ARG D 223 3.62 20.01 25.21
CA ARG D 223 3.03 20.20 26.53
C ARG D 223 1.58 19.73 26.55
N LEU D 224 1.13 19.34 27.74
CA LEU D 224 -0.26 18.87 27.90
C LEU D 224 -1.25 19.97 27.57
N LYS D 225 -0.98 21.19 28.03
CA LYS D 225 -1.84 22.32 27.71
C LYS D 225 -2.01 22.45 26.20
N THR D 226 -0.93 22.26 25.45
CA THR D 226 -1.00 22.34 24.00
C THR D 226 -1.93 21.28 23.44
N LEU D 227 -1.85 20.05 23.96
CA LEU D 227 -2.74 18.99 23.49
C LEU D 227 -4.20 19.34 23.73
N VAL D 228 -4.52 19.73 24.96
CA VAL D 228 -5.91 20.04 25.30
C VAL D 228 -6.41 21.19 24.43
N ILE D 229 -5.60 22.25 24.32
CA ILE D 229 -6.01 23.42 23.56
C ILE D 229 -6.21 23.08 22.10
N LYS D 230 -5.31 22.26 21.54
CA LYS D 230 -5.43 21.91 20.13
C LYS D 230 -6.67 21.08 19.86
N VAL D 231 -6.96 20.11 20.73
CA VAL D 231 -8.16 19.29 20.54
C VAL D 231 -9.41 20.18 20.61
N SER D 232 -9.50 21.00 21.66
CA SER D 232 -10.68 21.87 21.79
C SER D 232 -10.80 22.83 20.62
N GLY D 233 -9.67 23.40 20.18
CA GLY D 233 -9.71 24.37 19.10
C GLY D 233 -10.09 23.75 17.77
N VAL D 234 -9.59 22.55 17.48
CA VAL D 234 -10.00 21.90 16.24
C VAL D 234 -11.48 21.56 16.29
N ILE D 235 -11.98 21.09 17.44
CA ILE D 235 -13.40 20.82 17.57
C ILE D 235 -14.19 22.09 17.26
N LEU D 236 -13.83 23.20 17.91
CA LEU D 236 -14.61 24.43 17.78
C LEU D 236 -14.51 25.01 16.37
N SER D 237 -13.32 24.95 15.76
CA SER D 237 -13.15 25.50 14.43
C SER D 237 -13.90 24.69 13.39
N VAL D 238 -13.86 23.36 13.50
CA VAL D 238 -14.62 22.53 12.57
C VAL D 238 -16.11 22.78 12.75
N VAL D 239 -16.58 22.83 14.00
CA VAL D 239 -17.97 23.16 14.26
C VAL D 239 -18.25 24.63 14.00
N GLY D 240 -17.21 25.46 13.92
CA GLY D 240 -17.37 26.88 13.68
C GLY D 240 -17.57 27.26 12.23
N GLY D 241 -17.61 26.30 11.32
CA GLY D 241 -17.87 26.60 9.93
C GLY D 241 -16.70 27.16 9.16
N LEU D 242 -15.47 26.94 9.61
CA LEU D 242 -14.30 27.44 8.92
C LEU D 242 -13.82 26.44 7.89
N ALA D 243 -13.13 26.95 6.87
CA ALA D 243 -12.54 26.12 5.82
C ALA D 243 -11.24 25.50 6.34
N VAL D 244 -11.41 24.52 7.22
CA VAL D 244 -10.29 23.87 7.91
C VAL D 244 -10.54 22.37 7.94
N GLY D 245 -9.54 21.64 8.45
CA GLY D 245 -9.63 20.21 8.57
C GLY D 245 -9.14 19.75 9.94
N LYS D 246 -9.58 18.55 10.31
CA LYS D 246 -9.24 17.95 11.60
C LYS D 246 -8.28 16.78 11.46
N GLU D 247 -7.52 16.71 10.37
CA GLU D 247 -6.65 15.59 10.09
C GLU D 247 -5.19 15.88 10.43
N GLY D 248 -4.66 17.02 10.00
CA GLY D 248 -3.29 17.38 10.27
C GLY D 248 -2.96 17.43 11.75
N PRO D 249 -3.82 18.10 12.53
CA PRO D 249 -3.54 18.25 13.97
C PRO D 249 -3.28 16.93 14.67
N MET D 250 -3.91 15.85 14.23
CA MET D 250 -3.69 14.56 14.86
C MET D 250 -2.20 14.25 14.96
N ILE D 251 -1.45 14.53 13.89
CA ILE D 251 -0.01 14.35 13.92
C ILE D 251 0.56 14.97 15.19
N HIS D 252 0.36 16.28 15.33
CA HIS D 252 0.83 16.98 16.52
C HIS D 252 0.40 16.26 17.78
N SER D 253 -0.90 15.96 17.87
CA SER D 253 -1.41 15.28 19.06
C SER D 253 -0.59 14.05 19.38
N GLY D 254 -0.39 13.19 18.38
CA GLY D 254 0.34 11.97 18.63
C GLY D 254 1.72 12.26 19.21
N SER D 255 2.43 13.21 18.61
CA SER D 255 3.74 13.58 19.11
C SER D 255 3.68 13.86 20.60
N VAL D 256 2.73 14.70 21.01
CA VAL D 256 2.64 15.07 22.42
C VAL D 256 2.54 13.82 23.27
N ILE D 257 1.64 12.92 22.91
CA ILE D 257 1.45 11.71 23.69
C ILE D 257 2.77 10.96 23.80
N ALA D 258 3.45 10.80 22.67
CA ALA D 258 4.72 10.08 22.69
C ALA D 258 5.72 10.76 23.59
N ALA D 259 5.76 12.09 23.57
CA ALA D 259 6.69 12.82 24.42
C ALA D 259 6.28 12.77 25.89
N GLY D 260 5.01 12.49 26.17
CA GLY D 260 4.54 12.54 27.54
C GLY D 260 4.64 11.23 28.28
N ILE D 261 4.04 10.17 27.73
CA ILE D 261 4.02 8.89 28.43
C ILE D 261 5.40 8.24 28.43
N SER D 262 6.28 8.65 27.53
CA SER D 262 7.63 8.09 27.50
C SER D 262 8.40 8.45 28.76
N GLN D 263 8.24 9.68 29.25
CA GLN D 263 9.00 10.13 30.41
C GLN D 263 8.53 9.46 31.71
N GLY D 264 7.30 8.96 31.75
CA GLY D 264 6.79 8.33 32.95
C GLY D 264 6.37 9.28 34.05
N ARG D 265 6.20 10.57 33.75
CA ARG D 265 5.81 11.53 34.75
C ARG D 265 5.16 12.72 34.07
N SER D 266 4.43 13.51 34.87
CA SER D 266 3.74 14.70 34.40
C SER D 266 4.37 15.92 35.06
N THR D 267 5.22 16.63 34.31
CA THR D 267 5.82 17.86 34.83
C THR D 267 4.77 18.92 35.10
N SER D 268 3.82 19.09 34.16
CA SER D 268 2.81 20.13 34.33
C SER D 268 1.95 19.87 35.55
N LEU D 269 1.53 18.62 35.76
CA LEU D 269 0.71 18.25 36.90
C LEU D 269 1.53 17.92 38.14
N LYS D 270 2.86 17.86 38.02
CA LYS D 270 3.74 17.56 39.14
C LYS D 270 3.38 16.22 39.78
N ARG D 271 3.02 15.25 38.94
CA ARG D 271 2.75 13.88 39.38
C ARG D 271 3.73 12.94 38.70
N ASP D 272 4.43 12.14 39.49
CA ASP D 272 5.48 11.25 39.02
C ASP D 272 5.09 9.81 39.29
N PHE D 273 5.16 8.97 38.26
CA PHE D 273 5.02 7.53 38.41
C PHE D 273 6.36 6.86 38.15
N LYS D 274 6.63 5.80 38.91
CA LYS D 274 7.94 5.15 38.94
C LYS D 274 8.09 4.12 37.81
N ILE D 275 8.05 4.63 36.57
CA ILE D 275 8.33 3.81 35.40
C ILE D 275 9.01 4.67 34.34
N PHE D 276 9.69 4.00 33.42
CA PHE D 276 10.28 4.66 32.25
C PHE D 276 11.29 5.74 32.65
N GLU D 277 12.11 5.47 33.67
CA GLU D 277 13.18 6.41 33.97
C GLU D 277 14.28 6.35 32.92
N TYR D 278 14.48 5.18 32.31
CA TYR D 278 15.57 5.01 31.35
C TYR D 278 15.39 5.94 30.16
N PHE D 279 14.15 6.13 29.69
CA PHE D 279 13.87 6.86 28.47
C PHE D 279 13.75 8.35 28.69
N ARG D 280 14.29 8.87 29.80
CA ARG D 280 14.28 10.31 30.04
C ARG D 280 15.53 10.93 29.40
N ARG D 281 15.53 10.90 28.08
CA ARG D 281 16.62 11.44 27.29
C ARG D 281 16.10 11.85 25.92
N ASP D 282 16.89 12.66 25.22
CA ASP D 282 16.42 13.25 23.97
C ASP D 282 16.29 12.20 22.88
N THR D 283 17.18 11.20 22.84
CA THR D 283 17.15 10.23 21.75
C THR D 283 15.87 9.42 21.77
N GLU D 284 15.54 8.83 22.92
CA GLU D 284 14.31 8.05 23.03
C GLU D 284 13.09 8.94 22.81
N LYS D 285 13.15 10.18 23.27
CA LYS D 285 12.06 11.10 23.08
C LYS D 285 11.79 11.33 21.60
N ARG D 286 12.85 11.57 20.82
CA ARG D 286 12.69 11.77 19.39
C ARG D 286 12.18 10.52 18.70
N ASP D 287 12.68 9.35 19.11
CA ASP D 287 12.21 8.11 18.52
C ASP D 287 10.70 7.94 18.75
N PHE D 288 10.27 8.11 20.00
CA PHE D 288 8.86 7.97 20.32
C PHE D 288 8.01 9.02 19.61
N VAL D 289 8.55 10.23 19.44
CA VAL D 289 7.81 11.28 18.77
C VAL D 289 7.62 10.94 17.29
N SER D 290 8.64 10.36 16.67
CA SER D 290 8.50 9.89 15.29
C SER D 290 7.42 8.82 15.21
N ALA D 291 7.43 7.88 16.15
CA ALA D 291 6.39 6.85 16.18
C ALA D 291 5.00 7.48 16.31
N GLY D 292 4.88 8.47 17.20
CA GLY D 292 3.58 9.12 17.40
C GLY D 292 3.10 9.89 16.18
N ALA D 293 4.01 10.58 15.51
CA ALA D 293 3.64 11.28 14.28
C ALA D 293 3.18 10.31 13.21
N ALA D 294 3.88 9.17 13.08
CA ALA D 294 3.44 8.17 12.13
C ALA D 294 2.06 7.63 12.49
N ALA D 295 1.82 7.39 13.78
CA ALA D 295 0.51 6.92 14.22
C ALA D 295 -0.57 7.94 13.90
N GLY D 296 -0.27 9.23 14.10
CA GLY D 296 -1.23 10.26 13.78
C GLY D 296 -1.57 10.31 12.30
N VAL D 297 -0.55 10.20 11.45
CA VAL D 297 -0.80 10.17 10.02
C VAL D 297 -1.67 8.97 9.65
N SER D 298 -1.34 7.80 10.21
CA SER D 298 -2.10 6.59 9.91
C SER D 298 -3.56 6.73 10.34
N ALA D 299 -3.79 7.28 11.53
CA ALA D 299 -5.16 7.47 12.00
C ALA D 299 -5.90 8.47 11.12
N ALA D 300 -5.21 9.53 10.68
CA ALA D 300 -5.88 10.56 9.88
C ALA D 300 -6.26 10.03 8.51
N PHE D 301 -5.36 9.27 7.87
CA PHE D 301 -5.59 8.84 6.49
C PHE D 301 -5.68 7.32 6.33
N GLY D 302 -5.52 6.56 7.40
CA GLY D 302 -5.48 5.11 7.26
C GLY D 302 -4.30 4.64 6.43
N ALA D 303 -3.14 5.28 6.62
CA ALA D 303 -1.95 5.03 5.81
C ALA D 303 -0.75 4.81 6.73
N PRO D 304 -0.63 3.61 7.31
CA PRO D 304 0.53 3.37 8.19
C PRO D 304 1.87 3.54 7.51
N VAL D 305 2.04 2.96 6.32
CA VAL D 305 3.31 3.07 5.62
C VAL D 305 3.59 4.52 5.25
N GLY D 306 2.54 5.27 4.90
CA GLY D 306 2.72 6.68 4.62
C GLY D 306 3.23 7.46 5.81
N GLY D 307 2.69 7.18 7.00
CA GLY D 307 3.19 7.82 8.20
C GLY D 307 4.62 7.43 8.52
N VAL D 308 4.95 6.15 8.33
CA VAL D 308 6.32 5.69 8.54
C VAL D 308 7.26 6.46 7.62
N LEU D 309 6.89 6.61 6.35
CA LEU D 309 7.72 7.33 5.40
C LEU D 309 7.82 8.81 5.77
N PHE D 310 6.72 9.41 6.23
CA PHE D 310 6.77 10.80 6.67
C PHE D 310 7.78 10.98 7.79
N SER D 311 7.71 10.12 8.80
CA SER D 311 8.64 10.21 9.92
C SER D 311 10.08 9.98 9.46
N LEU D 312 10.29 9.01 8.57
CA LEU D 312 11.64 8.74 8.07
C LEU D 312 12.19 9.94 7.31
N GLU D 313 11.38 10.57 6.48
CA GLU D 313 11.82 11.73 5.73
C GLU D 313 12.17 12.88 6.65
N GLU D 314 11.32 13.15 7.64
CA GLU D 314 11.58 14.28 8.53
C GLU D 314 12.82 14.02 9.38
N GLY D 315 12.97 12.82 9.93
CA GLY D 315 14.18 12.50 10.67
C GLY D 315 15.42 12.53 9.81
N ALA D 316 15.36 11.89 8.64
CA ALA D 316 16.45 11.89 7.67
C ALA D 316 17.78 11.51 8.34
N SER D 317 17.76 10.37 9.02
CA SER D 317 18.89 9.92 9.82
C SER D 317 19.44 8.60 9.28
N PHE D 318 20.40 8.05 10.01
CA PHE D 318 20.92 6.72 9.70
C PHE D 318 19.80 5.70 9.79
N TRP D 319 19.80 4.74 8.89
CA TRP D 319 18.77 3.71 8.89
C TRP D 319 18.80 2.94 10.20
N ASN D 320 17.64 2.79 10.82
CA ASN D 320 17.48 2.01 12.05
C ASN D 320 16.35 1.02 11.82
N GLN D 321 16.69 -0.27 11.83
CA GLN D 321 15.70 -1.30 11.51
C GLN D 321 14.67 -1.44 12.62
N PHE D 322 15.12 -1.52 13.86
CA PHE D 322 14.20 -1.77 14.97
C PHE D 322 13.29 -0.57 15.21
N LEU D 323 13.83 0.63 15.09
CA LEU D 323 13.00 1.82 15.23
C LEU D 323 11.93 1.88 14.14
N THR D 324 12.29 1.53 12.91
CA THR D 324 11.31 1.52 11.83
C THR D 324 10.24 0.47 12.09
N TRP D 325 10.64 -0.71 12.57
CA TRP D 325 9.67 -1.73 12.96
C TRP D 325 8.70 -1.18 14.00
N ARG D 326 9.23 -0.49 15.02
CA ARG D 326 8.39 0.02 16.09
C ARG D 326 7.43 1.09 15.57
N ILE D 327 7.90 1.96 14.68
CA ILE D 327 7.04 2.99 14.10
C ILE D 327 5.91 2.35 13.30
N PHE D 328 6.25 1.34 12.50
CA PHE D 328 5.25 0.61 11.74
C PHE D 328 4.21 -0.02 12.67
N PHE D 329 4.69 -0.64 13.74
CA PHE D 329 3.81 -1.25 14.73
C PHE D 329 2.86 -0.22 15.33
N ALA D 330 3.38 0.93 15.73
CA ALA D 330 2.54 1.96 16.34
C ALA D 330 1.49 2.46 15.36
N SER D 331 1.88 2.73 14.12
CA SER D 331 0.93 3.22 13.13
C SER D 331 -0.20 2.22 12.91
N MET D 332 0.15 0.94 12.79
CA MET D 332 -0.87 -0.06 12.51
C MET D 332 -1.79 -0.25 13.71
N ILE D 333 -1.24 -0.23 14.93
CA ILE D 333 -2.08 -0.29 16.11
C ILE D 333 -3.03 0.90 16.16
N SER D 334 -2.54 2.08 15.76
CA SER D 334 -3.40 3.26 15.75
C SER D 334 -4.58 3.07 14.79
N THR D 335 -4.30 2.61 13.58
CA THR D 335 -5.38 2.39 12.62
C THR D 335 -6.37 1.36 13.13
N PHE D 336 -5.87 0.25 13.67
CA PHE D 336 -6.75 -0.78 14.19
C PHE D 336 -7.63 -0.26 15.32
N THR D 337 -7.04 0.50 16.24
CA THR D 337 -7.80 1.03 17.36
C THR D 337 -8.89 1.98 16.87
N LEU D 338 -8.55 2.88 15.96
CA LEU D 338 -9.55 3.80 15.43
C LEU D 338 -10.70 3.02 14.81
N ASN D 339 -10.39 2.08 13.92
CA ASN D 339 -11.45 1.33 13.25
C ASN D 339 -12.31 0.56 14.24
N PHE D 340 -11.68 -0.14 15.18
CA PHE D 340 -12.42 -0.97 16.12
C PHE D 340 -13.33 -0.13 17.00
N VAL D 341 -12.82 0.98 17.53
CA VAL D 341 -13.62 1.80 18.44
C VAL D 341 -14.77 2.46 17.68
N LEU D 342 -14.52 2.96 16.47
CA LEU D 342 -15.60 3.55 15.71
C LEU D 342 -16.66 2.50 15.38
N SER D 343 -16.24 1.29 15.02
CA SER D 343 -17.19 0.24 14.70
C SER D 343 -18.07 -0.11 15.91
N ILE D 344 -17.44 -0.26 17.08
CA ILE D 344 -18.22 -0.62 18.26
C ILE D 344 -19.15 0.52 18.66
N TYR D 345 -18.70 1.76 18.49
CA TYR D 345 -19.57 2.90 18.78
C TYR D 345 -20.78 2.91 17.85
N HIS D 346 -20.57 2.64 16.57
CA HIS D 346 -21.66 2.65 15.59
C HIS D 346 -22.48 1.37 15.61
N GLY D 347 -22.09 0.37 16.40
CA GLY D 347 -22.82 -0.89 16.44
C GLY D 347 -22.02 -2.04 15.84
N ASN D 348 -22.44 -2.51 14.67
CA ASN D 348 -21.76 -3.61 14.00
C ASN D 348 -20.30 -3.26 13.72
N LEU D 352 -15.43 -2.99 10.23
CA LEU D 352 -14.04 -2.86 9.78
C LEU D 352 -13.98 -2.11 8.45
N SER D 353 -14.56 -0.91 8.44
CA SER D 353 -14.58 -0.10 7.23
C SER D 353 -14.24 1.37 7.49
N SER D 354 -13.53 1.67 8.58
CA SER D 354 -13.14 3.04 8.92
C SER D 354 -11.66 3.07 9.28
N PRO D 355 -10.77 2.85 8.31
CA PRO D 355 -9.34 2.91 8.62
C PRO D 355 -8.88 4.26 9.13
N GLY D 356 -9.48 5.36 8.64
CA GLY D 356 -9.04 6.68 9.01
C GLY D 356 -10.21 7.63 9.18
N LEU D 357 -9.88 8.85 9.59
CA LEU D 357 -10.91 9.88 9.79
C LEU D 357 -11.53 10.29 8.46
N ILE D 358 -10.71 10.57 7.46
CA ILE D 358 -11.17 10.82 6.10
C ILE D 358 -10.93 9.56 5.30
N ASN D 359 -11.95 9.11 4.59
CA ASN D 359 -11.88 7.89 3.79
C ASN D 359 -12.43 8.18 2.41
N PHE D 360 -11.54 8.16 1.42
CA PHE D 360 -11.88 8.59 0.06
C PHE D 360 -12.88 7.65 -0.58
N GLY D 361 -12.90 6.39 -0.16
CA GLY D 361 -13.79 5.39 -0.72
C GLY D 361 -13.03 4.34 -1.51
N ARG D 362 -13.79 3.57 -2.30
CA ARG D 362 -13.24 2.50 -3.10
C ARG D 362 -13.21 2.93 -4.56
N PHE D 363 -12.02 2.84 -5.17
CA PHE D 363 -11.83 3.18 -6.57
C PHE D 363 -11.68 1.95 -7.44
N ASP D 364 -11.99 0.77 -6.92
CA ASP D 364 -11.87 -0.48 -7.67
C ASP D 364 -13.07 -0.59 -8.60
N SER D 365 -12.93 -0.06 -9.81
CA SER D 365 -14.02 -0.08 -10.78
C SER D 365 -13.44 0.07 -12.18
N GLU D 366 -14.23 -0.35 -13.16
CA GLU D 366 -13.81 -0.19 -14.55
C GLU D 366 -13.82 1.27 -14.97
N LYS D 367 -14.70 2.08 -14.40
CA LYS D 367 -14.72 3.50 -14.70
C LYS D 367 -13.38 4.15 -14.35
N MET D 368 -12.79 3.74 -13.23
CA MET D 368 -11.50 4.27 -12.78
C MET D 368 -10.41 3.40 -13.40
N ALA D 369 -9.96 3.79 -14.59
CA ALA D 369 -8.87 3.10 -15.26
C ALA D 369 -8.27 4.06 -16.29
N TYR D 370 -6.95 4.03 -16.41
CA TYR D 370 -6.22 4.99 -17.24
C TYR D 370 -5.45 4.26 -18.33
N THR D 371 -5.45 4.86 -19.52
CA THR D 371 -4.65 4.37 -20.64
C THR D 371 -3.32 5.13 -20.68
N ILE D 372 -2.42 4.64 -21.54
CA ILE D 372 -1.14 5.32 -21.72
C ILE D 372 -1.35 6.73 -22.26
N HIS D 373 -2.33 6.89 -23.15
CA HIS D 373 -2.57 8.20 -23.75
C HIS D 373 -2.99 9.23 -22.72
N GLU D 374 -3.40 8.81 -21.53
CA GLU D 374 -3.76 9.74 -20.46
C GLU D 374 -2.58 10.21 -19.64
N ILE D 375 -1.38 9.65 -19.86
CA ILE D 375 -0.21 10.10 -19.12
C ILE D 375 0.10 11.57 -19.39
N PRO D 376 0.12 12.05 -20.63
CA PRO D 376 0.39 13.48 -20.83
C PRO D 376 -0.59 14.39 -20.11
N VAL D 377 -1.89 14.16 -20.26
CA VAL D 377 -2.87 15.08 -19.69
C VAL D 377 -2.67 15.21 -18.18
N PHE D 378 -2.51 14.07 -17.50
CA PHE D 378 -2.20 14.11 -16.08
C PHE D 378 -1.10 15.11 -15.79
N ILE D 379 0.03 14.97 -16.49
CA ILE D 379 1.15 15.86 -16.27
C ILE D 379 0.72 17.31 -16.45
N ALA D 380 0.04 17.59 -17.56
CA ALA D 380 -0.42 18.97 -17.80
C ALA D 380 -1.19 19.46 -16.60
N MET D 381 -2.08 18.62 -16.07
CA MET D 381 -2.93 19.04 -14.97
C MET D 381 -2.08 19.34 -13.74
N GLY D 382 -1.06 18.52 -13.49
CA GLY D 382 -0.13 18.82 -12.42
C GLY D 382 0.46 20.20 -12.55
N VAL D 383 0.86 20.58 -13.77
CA VAL D 383 1.36 21.93 -14.00
C VAL D 383 0.41 22.94 -13.36
N VAL D 384 -0.87 22.87 -13.75
CA VAL D 384 -1.84 23.81 -13.21
C VAL D 384 -1.75 23.82 -11.69
N GLY D 385 -1.80 22.64 -11.08
CA GLY D 385 -1.68 22.53 -9.64
C GLY D 385 -0.56 23.40 -9.14
N GLY D 386 0.67 23.11 -9.57
CA GLY D 386 1.81 23.89 -9.17
C GLY D 386 1.49 25.37 -9.24
N VAL D 387 1.14 25.84 -10.44
CA VAL D 387 0.84 27.26 -10.62
C VAL D 387 -0.14 27.71 -9.53
N LEU D 388 -1.32 27.09 -9.50
CA LEU D 388 -2.32 27.48 -8.53
C LEU D 388 -1.75 27.42 -7.13
N GLY D 389 -1.10 26.30 -6.79
CA GLY D 389 -0.52 26.20 -5.47
C GLY D 389 0.38 27.38 -5.17
N ALA D 390 1.29 27.69 -6.09
CA ALA D 390 2.18 28.82 -5.88
C ALA D 390 1.38 30.05 -5.53
N VAL D 391 0.38 30.37 -6.36
CA VAL D 391 -0.41 31.57 -6.12
C VAL D 391 -0.98 31.53 -4.72
N PHE D 392 -1.62 30.41 -4.36
CA PHE D 392 -2.11 30.24 -3.00
C PHE D 392 -1.04 30.67 -2.01
N ASN D 393 0.08 29.97 -2.01
CA ASN D 393 1.14 30.25 -1.05
C ASN D 393 1.53 31.72 -1.13
N ALA D 394 1.73 32.22 -2.35
CA ALA D 394 2.15 33.61 -2.50
C ALA D 394 1.21 34.53 -1.72
N LEU D 395 -0.10 34.39 -1.98
CA LEU D 395 -1.03 35.29 -1.32
C LEU D 395 -0.92 35.16 0.19
N ASN D 396 -0.84 33.93 0.68
CA ASN D 396 -0.74 33.73 2.12
C ASN D 396 0.45 34.50 2.68
N TYR D 397 1.57 34.46 1.98
CA TYR D 397 2.74 35.22 2.43
C TYR D 397 2.36 36.67 2.64
N TRP D 398 1.78 37.30 1.60
CA TRP D 398 1.40 38.71 1.72
C TRP D 398 0.42 38.91 2.87
N LEU D 399 -0.42 37.91 3.13
CA LEU D 399 -1.31 37.99 4.28
C LEU D 399 -0.51 37.93 5.58
N THR D 400 0.36 36.92 5.70
CA THR D 400 1.04 36.69 6.97
C THR D 400 1.79 37.93 7.42
N MET D 401 2.57 38.53 6.52
CA MET D 401 3.29 39.74 6.87
C MET D 401 2.36 40.76 7.47
N PHE D 402 1.24 41.04 6.81
CA PHE D 402 0.28 41.99 7.33
C PHE D 402 -0.09 41.62 8.76
N ARG D 403 -0.47 40.37 8.99
CA ARG D 403 -0.86 39.95 10.32
C ARG D 403 0.29 40.12 11.31
N ILE D 404 1.51 39.80 10.89
CA ILE D 404 2.63 39.91 11.80
C ILE D 404 2.84 41.35 12.25
N ARG D 405 2.44 42.32 11.43
CA ARG D 405 2.85 43.70 11.66
C ARG D 405 1.71 44.67 11.92
N TYR D 406 0.46 44.27 11.71
CA TYR D 406 -0.68 45.03 12.23
C TYR D 406 -1.53 44.20 13.20
N ILE D 407 -1.97 43.02 12.80
CA ILE D 407 -2.84 42.19 13.64
C ILE D 407 -1.94 41.21 14.39
N HIS D 408 -1.40 41.67 15.53
CA HIS D 408 -0.63 40.80 16.41
C HIS D 408 -1.16 40.79 17.83
N ARG D 409 -2.00 41.74 18.22
CA ARG D 409 -2.60 41.73 19.55
C ARG D 409 -3.64 40.62 19.62
N PRO D 410 -3.72 39.88 20.74
CA PRO D 410 -4.64 38.72 20.78
C PRO D 410 -6.09 39.08 20.52
N CYS D 411 -6.57 40.21 21.03
CA CYS D 411 -7.97 40.58 20.80
C CYS D 411 -8.22 40.83 19.32
N LEU D 412 -7.27 41.44 18.63
CA LEU D 412 -7.40 41.62 17.18
C LEU D 412 -7.47 40.27 16.48
N GLN D 413 -6.68 39.30 16.95
CA GLN D 413 -6.75 37.96 16.37
C GLN D 413 -8.13 37.34 16.57
N VAL D 414 -8.69 37.49 17.77
CA VAL D 414 -10.03 36.95 18.03
C VAL D 414 -11.05 37.61 17.11
N ILE D 415 -10.97 38.94 16.97
CA ILE D 415 -11.90 39.65 16.10
C ILE D 415 -11.75 39.18 14.66
N GLU D 416 -10.51 38.99 14.20
CA GLU D 416 -10.28 38.52 12.84
C GLU D 416 -10.89 37.14 12.62
N ALA D 417 -10.70 36.23 13.58
CA ALA D 417 -11.28 34.89 13.43
C ALA D 417 -12.80 34.95 13.38
N VAL D 418 -13.41 35.74 14.27
CA VAL D 418 -14.86 35.85 14.29
C VAL D 418 -15.38 36.42 12.98
N LEU D 419 -14.72 37.47 12.47
CA LEU D 419 -15.15 38.08 11.23
C LEU D 419 -15.00 37.12 10.06
N VAL D 420 -13.91 36.34 10.05
CA VAL D 420 -13.71 35.38 8.97
C VAL D 420 -14.82 34.33 8.99
N ALA D 421 -15.18 33.84 10.18
CA ALA D 421 -16.26 32.87 10.27
C ALA D 421 -17.58 33.46 9.78
N ALA D 422 -17.88 34.68 10.21
CA ALA D 422 -19.12 35.32 9.78
C ALA D 422 -19.16 35.52 8.27
N VAL D 423 -18.03 35.93 7.69
CA VAL D 423 -17.98 36.16 6.24
C VAL D 423 -18.11 34.85 5.49
N THR D 424 -17.50 33.78 6.01
CA THR D 424 -17.66 32.46 5.40
C THR D 424 -19.13 32.07 5.36
N ALA D 425 -19.81 32.21 6.50
CA ALA D 425 -21.23 31.86 6.55
C ALA D 425 -22.04 32.72 5.58
N THR D 426 -21.75 34.02 5.55
CA THR D 426 -22.50 34.92 4.67
C THR D 426 -22.30 34.56 3.20
N VAL D 427 -21.05 34.25 2.82
CA VAL D 427 -20.77 33.91 1.44
C VAL D 427 -21.48 32.62 1.06
N ALA D 428 -21.42 31.62 1.94
CA ALA D 428 -22.13 30.37 1.66
C ALA D 428 -23.62 30.60 1.49
N PHE D 429 -24.21 31.40 2.40
CA PHE D 429 -25.64 31.66 2.31
C PHE D 429 -26.00 32.39 1.03
N VAL D 430 -25.19 33.37 0.65
CA VAL D 430 -25.49 34.14 -0.56
C VAL D 430 -25.40 33.24 -1.79
N LEU D 431 -24.37 32.40 -1.86
CA LEU D 431 -24.23 31.50 -3.00
C LEU D 431 -25.39 30.52 -3.08
N ILE D 432 -25.83 30.00 -1.94
CA ILE D 432 -26.97 29.11 -1.92
C ILE D 432 -28.23 29.84 -2.36
N TYR D 433 -28.42 31.06 -1.87
CA TYR D 433 -29.62 31.83 -2.19
C TYR D 433 -29.70 32.13 -3.68
N SER D 434 -28.58 32.52 -4.28
CA SER D 434 -28.56 32.87 -5.70
C SER D 434 -28.55 31.66 -6.61
N SER D 435 -28.38 30.46 -6.06
CA SER D 435 -28.37 29.26 -6.88
C SER D 435 -29.74 29.04 -7.51
N ARG D 436 -29.74 28.47 -8.72
CA ARG D 436 -30.97 28.17 -9.44
C ARG D 436 -31.00 26.73 -9.94
N ASP D 437 -30.04 25.90 -9.55
CA ASP D 437 -29.96 24.52 -10.00
C ASP D 437 -30.56 23.62 -8.91
N CYS D 438 -31.73 23.08 -9.18
CA CYS D 438 -32.39 22.16 -8.27
C CYS D 438 -32.25 20.74 -8.80
N GLN D 439 -31.88 19.82 -7.90
CA GLN D 439 -31.63 18.44 -8.28
C GLN D 439 -32.48 17.48 -7.46
N PRO D 440 -32.95 16.38 -8.04
CA PRO D 440 -33.64 15.37 -7.22
C PRO D 440 -32.70 14.73 -6.21
N LEU D 441 -33.28 14.33 -5.09
CA LEU D 441 -32.53 13.73 -3.99
C LEU D 441 -32.67 12.22 -4.04
N GLN D 442 -31.52 11.53 -4.07
CA GLN D 442 -31.55 10.07 -4.13
C GLN D 442 -32.16 9.48 -2.86
N GLY D 443 -31.91 10.11 -1.72
CA GLY D 443 -32.33 9.57 -0.45
C GLY D 443 -31.14 9.15 0.39
N GLY D 444 -30.76 9.99 1.35
CA GLY D 444 -29.55 9.76 2.11
C GLY D 444 -28.28 10.24 1.47
N SER D 445 -28.36 10.81 0.26
CA SER D 445 -27.18 11.38 -0.37
C SER D 445 -26.61 12.51 0.48
N MET D 446 -27.49 13.34 1.03
CA MET D 446 -27.10 14.40 1.95
C MET D 446 -27.80 14.20 3.28
N SER D 447 -27.04 14.38 4.36
CA SER D 447 -27.61 14.22 5.70
C SER D 447 -28.70 15.25 5.97
N TYR D 448 -28.50 16.48 5.51
CA TYR D 448 -29.41 17.58 5.76
C TYR D 448 -29.73 18.28 4.45
N PRO D 449 -30.62 17.70 3.64
CA PRO D 449 -30.96 18.33 2.35
C PRO D 449 -31.77 19.59 2.56
N LEU D 450 -31.35 20.67 1.92
CA LEU D 450 -31.97 21.98 2.06
C LEU D 450 -32.71 22.32 0.77
N GLN D 451 -33.98 22.66 0.90
CA GLN D 451 -34.81 23.11 -0.22
C GLN D 451 -35.11 24.58 -0.02
N LEU D 452 -34.77 25.39 -1.02
CA LEU D 452 -34.92 26.84 -0.92
C LEU D 452 -35.12 27.39 -2.33
N PHE D 453 -36.33 27.86 -2.61
CA PHE D 453 -36.72 28.29 -3.96
C PHE D 453 -36.53 27.16 -4.97
N CYS D 454 -36.78 25.93 -4.54
CA CYS D 454 -36.70 24.76 -5.40
C CYS D 454 -38.01 23.98 -5.30
N ALA D 455 -38.36 23.30 -6.38
CA ALA D 455 -39.62 22.56 -6.41
C ALA D 455 -39.59 21.44 -5.37
N ASP D 456 -40.78 21.07 -4.90
CA ASP D 456 -40.88 20.05 -3.88
C ASP D 456 -40.25 18.74 -4.38
N GLY D 457 -39.56 18.06 -3.47
CA GLY D 457 -38.83 16.86 -3.83
C GLY D 457 -37.47 17.11 -4.43
N GLU D 458 -36.97 18.34 -4.36
CA GLU D 458 -35.68 18.69 -4.94
C GLU D 458 -34.85 19.44 -3.91
N TYR D 459 -33.55 19.52 -4.18
CA TYR D 459 -32.58 20.15 -3.29
C TYR D 459 -31.71 21.12 -4.08
N ASN D 460 -30.93 21.91 -3.33
CA ASN D 460 -29.99 22.87 -3.90
C ASN D 460 -28.58 22.32 -3.77
N SER D 461 -27.85 22.28 -4.90
CA SER D 461 -26.52 21.70 -4.92
C SER D 461 -25.53 22.57 -4.16
N MET D 462 -25.65 23.90 -4.27
CA MET D 462 -24.76 24.79 -3.54
C MET D 462 -24.82 24.52 -2.05
N ALA D 463 -26.01 24.23 -1.53
CA ALA D 463 -26.12 23.82 -0.13
C ALA D 463 -25.30 22.57 0.12
N ALA D 464 -25.40 21.59 -0.78
CA ALA D 464 -24.59 20.39 -0.65
C ALA D 464 -23.12 20.74 -0.53
N ALA D 465 -22.66 21.70 -1.33
CA ALA D 465 -21.24 22.07 -1.31
C ALA D 465 -20.87 22.75 0.00
N PHE D 466 -21.68 23.72 0.43
CA PHE D 466 -21.35 24.53 1.60
C PHE D 466 -21.97 24.01 2.88
N PHE D 467 -23.07 23.27 2.80
CA PHE D 467 -23.85 22.87 3.97
C PHE D 467 -23.53 21.43 4.36
N ASN D 468 -22.28 21.02 4.16
CA ASN D 468 -21.87 19.63 4.35
C ASN D 468 -20.42 19.60 4.80
N THR D 469 -20.00 18.45 5.30
CA THR D 469 -18.62 18.30 5.74
C THR D 469 -17.68 18.24 4.54
N PRO D 470 -16.50 18.86 4.61
CA PRO D 470 -15.58 18.79 3.46
C PRO D 470 -15.17 17.38 3.09
N GLU D 471 -15.03 16.48 4.06
CA GLU D 471 -14.54 15.13 3.77
C GLU D 471 -15.48 14.38 2.85
N LYS D 472 -16.77 14.32 3.22
CA LYS D 472 -17.71 13.61 2.37
C LYS D 472 -18.01 14.38 1.10
N SER D 473 -17.83 15.70 1.09
CA SER D 473 -17.89 16.45 -0.16
C SER D 473 -16.80 15.97 -1.12
N VAL D 474 -15.58 15.79 -0.61
CA VAL D 474 -14.50 15.26 -1.43
C VAL D 474 -14.85 13.86 -1.91
N VAL D 475 -15.37 13.03 -1.01
CA VAL D 475 -15.72 11.65 -1.37
C VAL D 475 -16.73 11.65 -2.51
N SER D 476 -17.76 12.49 -2.40
CA SER D 476 -18.75 12.58 -3.46
C SER D 476 -18.13 13.07 -4.76
N LEU D 477 -17.28 14.09 -4.68
CA LEU D 477 -16.60 14.59 -5.88
C LEU D 477 -15.83 13.48 -6.57
N PHE D 478 -15.25 12.56 -5.79
CA PHE D 478 -14.53 11.45 -6.39
C PHE D 478 -15.47 10.38 -6.94
N HIS D 479 -16.63 10.19 -6.31
CA HIS D 479 -17.56 9.14 -6.68
C HIS D 479 -18.94 9.74 -6.97
N ASP D 480 -19.16 10.16 -8.21
CA ASP D 480 -20.46 10.61 -8.67
C ASP D 480 -20.56 10.29 -10.15
N PRO D 481 -21.79 10.20 -10.69
CA PRO D 481 -21.94 9.92 -12.11
C PRO D 481 -21.48 11.09 -12.95
N PRO D 482 -21.29 10.89 -14.26
CA PRO D 482 -20.71 11.97 -15.09
C PRO D 482 -21.49 13.27 -15.03
N GLY D 483 -22.82 13.22 -14.96
CA GLY D 483 -23.63 14.43 -15.01
C GLY D 483 -24.22 14.81 -13.68
N SER D 484 -23.43 14.68 -12.61
CA SER D 484 -23.89 14.96 -11.26
C SER D 484 -23.62 16.40 -10.82
N TYR D 485 -22.97 17.20 -11.66
CA TYR D 485 -22.55 18.55 -11.26
C TYR D 485 -22.83 19.53 -12.39
N ASN D 486 -23.04 20.78 -12.01
CA ASN D 486 -23.16 21.89 -12.94
C ASN D 486 -21.84 22.65 -13.00
N PRO D 487 -21.25 22.86 -14.18
CA PRO D 487 -19.92 23.50 -14.22
C PRO D 487 -19.87 24.86 -13.54
N LEU D 488 -20.92 25.67 -13.69
CA LEU D 488 -20.88 27.02 -13.13
C LEU D 488 -20.83 26.98 -11.61
N THR D 489 -21.69 26.18 -10.98
CA THR D 489 -21.70 26.10 -9.53
C THR D 489 -20.37 25.56 -9.01
N LEU D 490 -19.84 24.53 -9.66
CA LEU D 490 -18.57 23.96 -9.24
C LEU D 490 -17.44 24.98 -9.35
N GLY D 491 -17.42 25.75 -10.44
CA GLY D 491 -16.38 26.77 -10.57
C GLY D 491 -16.49 27.86 -9.53
N LEU D 492 -17.71 28.34 -9.28
CA LEU D 492 -17.91 29.35 -8.24
C LEU D 492 -17.44 28.83 -6.89
N PHE D 493 -17.84 27.61 -6.55
CA PHE D 493 -17.45 27.03 -5.28
C PHE D 493 -15.94 26.88 -5.20
N THR D 494 -15.30 26.41 -6.28
CA THR D 494 -13.85 26.26 -6.28
C THR D 494 -13.17 27.58 -6.00
N LEU D 495 -13.54 28.63 -6.75
CA LEU D 495 -12.91 29.93 -6.57
C LEU D 495 -13.09 30.45 -5.14
N VAL D 496 -14.34 30.43 -4.66
CA VAL D 496 -14.63 31.01 -3.36
C VAL D 496 -13.93 30.23 -2.25
N TYR D 497 -13.97 28.90 -2.32
CA TYR D 497 -13.31 28.08 -1.30
C TYR D 497 -11.80 28.23 -1.36
N PHE D 498 -11.24 28.37 -2.55
CA PHE D 498 -9.81 28.63 -2.66
C PHE D 498 -9.44 29.89 -1.90
N PHE D 499 -10.15 30.99 -2.16
CA PHE D 499 -9.84 32.24 -1.49
C PHE D 499 -10.08 32.13 0.02
N LEU D 500 -11.17 31.48 0.43
CA LEU D 500 -11.47 31.35 1.85
C LEU D 500 -10.40 30.54 2.57
N ALA D 501 -9.97 29.43 1.98
CA ALA D 501 -8.94 28.60 2.61
C ALA D 501 -7.62 29.32 2.67
N CYS D 502 -7.29 30.11 1.63
CA CYS D 502 -6.09 30.94 1.70
C CYS D 502 -6.19 31.93 2.85
N TRP D 503 -7.37 32.53 3.03
CA TRP D 503 -7.57 33.49 4.10
C TRP D 503 -7.46 32.84 5.48
N THR D 504 -7.98 31.62 5.62
CA THR D 504 -8.21 31.03 6.94
C THR D 504 -7.00 30.34 7.53
N TYR D 505 -5.96 30.04 6.75
CA TYR D 505 -4.89 29.18 7.27
C TYR D 505 -4.16 29.85 8.43
N GLY D 506 -3.84 31.12 8.31
CA GLY D 506 -3.02 31.79 9.29
C GLY D 506 -3.74 32.29 10.53
N LEU D 507 -5.03 32.00 10.66
CA LEU D 507 -5.77 32.48 11.82
C LEU D 507 -5.27 31.82 13.09
N THR D 508 -5.53 32.48 14.21
CA THR D 508 -5.10 32.00 15.52
C THR D 508 -6.10 30.97 16.07
N VAL D 509 -6.24 29.88 15.32
CA VAL D 509 -7.12 28.78 15.68
C VAL D 509 -6.51 27.49 15.18
N SER D 510 -6.74 26.41 15.93
CA SER D 510 -6.34 25.09 15.46
C SER D 510 -7.11 24.75 14.19
N ALA D 511 -6.40 24.23 13.20
CA ALA D 511 -6.99 24.02 11.87
C ALA D 511 -6.06 23.10 11.09
N GLY D 512 -6.37 22.95 9.80
CA GLY D 512 -5.55 22.16 8.91
C GLY D 512 -5.73 22.63 7.48
N VAL D 513 -4.81 22.22 6.62
CA VAL D 513 -4.80 22.66 5.23
C VAL D 513 -4.75 21.50 4.25
N PHE D 514 -4.75 20.26 4.72
CA PHE D 514 -4.79 19.11 3.81
C PHE D 514 -6.14 19.02 3.11
N ILE D 515 -7.22 18.90 3.90
CA ILE D 515 -8.54 18.66 3.32
C ILE D 515 -8.99 19.80 2.43
N PRO D 516 -8.84 21.07 2.81
CA PRO D 516 -9.25 22.15 1.88
C PRO D 516 -8.53 22.10 0.55
N SER D 517 -7.23 21.81 0.57
CA SER D 517 -6.49 21.71 -0.69
C SER D 517 -6.97 20.53 -1.51
N LEU D 518 -7.23 19.39 -0.85
CA LEU D 518 -7.77 18.23 -1.56
C LEU D 518 -9.11 18.58 -2.21
N LEU D 519 -9.95 19.32 -1.48
CA LEU D 519 -11.27 19.67 -2.01
C LEU D 519 -11.17 20.60 -3.20
N ILE D 520 -10.32 21.63 -3.11
CA ILE D 520 -10.12 22.53 -4.24
C ILE D 520 -9.63 21.76 -5.46
N GLY D 521 -8.63 20.89 -5.24
CA GLY D 521 -8.11 20.10 -6.34
C GLY D 521 -9.16 19.20 -6.95
N ALA D 522 -9.97 18.54 -6.10
CA ALA D 522 -11.01 17.66 -6.62
C ALA D 522 -12.03 18.45 -7.43
N ALA D 523 -12.41 19.63 -6.95
CA ALA D 523 -13.40 20.42 -7.66
C ALA D 523 -12.91 20.81 -9.05
N TRP D 524 -11.72 21.42 -9.13
CA TRP D 524 -11.28 21.85 -10.46
C TRP D 524 -10.85 20.67 -11.32
N GLY D 525 -10.46 19.54 -10.72
CA GLY D 525 -10.20 18.35 -11.49
C GLY D 525 -11.45 17.77 -12.12
N ARG D 526 -12.55 17.75 -11.37
CA ARG D 526 -13.82 17.31 -11.94
C ARG D 526 -14.28 18.28 -13.02
N LEU D 527 -14.03 19.58 -12.84
CA LEU D 527 -14.33 20.52 -13.92
C LEU D 527 -13.53 20.18 -15.17
N PHE D 528 -12.24 19.87 -15.00
CA PHE D 528 -11.43 19.46 -16.13
C PHE D 528 -11.98 18.19 -16.78
N GLY D 529 -12.41 17.23 -15.96
CA GLY D 529 -12.95 15.99 -16.50
C GLY D 529 -14.21 16.21 -17.30
N ILE D 530 -15.10 17.08 -16.81
CA ILE D 530 -16.31 17.41 -17.56
C ILE D 530 -15.94 18.09 -18.87
N SER D 531 -14.98 19.01 -18.83
CA SER D 531 -14.55 19.66 -20.07
C SER D 531 -14.00 18.65 -21.06
N LEU D 532 -13.20 17.70 -20.58
CA LEU D 532 -12.66 16.67 -21.47
C LEU D 532 -13.77 15.81 -22.07
N SER D 533 -14.73 15.41 -21.23
CA SER D 533 -15.83 14.59 -21.73
C SER D 533 -16.61 15.33 -22.81
N TYR D 534 -16.85 16.62 -22.61
CA TYR D 534 -17.49 17.40 -23.66
C TYR D 534 -16.64 17.47 -24.92
N LEU D 535 -15.33 17.66 -24.75
CA LEU D 535 -14.44 17.77 -25.90
C LEU D 535 -14.29 16.45 -26.63
N THR D 536 -14.24 15.35 -25.88
CA THR D 536 -13.95 14.03 -26.45
C THR D 536 -15.20 13.28 -26.86
N GLY D 537 -16.36 13.95 -26.92
CA GLY D 537 -17.58 13.29 -27.33
C GLY D 537 -18.03 12.20 -26.39
N ALA D 538 -18.00 12.48 -25.09
CA ALA D 538 -18.46 11.53 -24.07
C ALA D 538 -17.68 10.23 -24.13
N ALA D 539 -16.36 10.34 -24.28
CA ALA D 539 -15.51 9.16 -24.32
C ALA D 539 -15.52 8.44 -22.98
N ILE D 540 -15.36 7.12 -23.05
CA ILE D 540 -15.42 6.29 -21.84
C ILE D 540 -14.25 6.61 -20.91
N TRP D 541 -13.07 6.85 -21.47
CA TRP D 541 -11.90 7.10 -20.64
C TRP D 541 -11.97 8.42 -19.90
N ALA D 542 -12.86 9.33 -20.32
CA ALA D 542 -12.99 10.65 -19.69
C ALA D 542 -14.01 10.55 -18.55
N ASP D 543 -13.55 9.97 -17.44
CA ASP D 543 -14.37 9.86 -16.24
C ASP D 543 -14.02 11.00 -15.30
N PRO D 544 -14.97 11.89 -14.95
CA PRO D 544 -14.60 13.06 -14.14
C PRO D 544 -14.04 12.71 -12.77
N GLY D 545 -14.43 11.58 -12.17
CA GLY D 545 -13.96 11.27 -10.83
C GLY D 545 -12.46 11.00 -10.77
N LYS D 546 -11.95 10.26 -11.76
CA LYS D 546 -10.52 9.98 -11.81
C LYS D 546 -9.71 11.27 -11.95
N TYR D 547 -10.17 12.17 -12.81
CA TYR D 547 -9.50 13.45 -12.96
C TYR D 547 -9.64 14.32 -11.72
N ALA D 548 -10.75 14.17 -10.99
CA ALA D 548 -10.90 14.86 -9.72
C ALA D 548 -9.86 14.37 -8.71
N LEU D 549 -9.65 13.06 -8.64
CA LEU D 549 -8.61 12.53 -7.77
C LEU D 549 -7.24 13.06 -8.17
N MET D 550 -6.97 13.07 -9.48
CA MET D 550 -5.68 13.59 -9.95
C MET D 550 -5.51 15.05 -9.57
N GLY D 551 -6.57 15.85 -9.73
CA GLY D 551 -6.47 17.25 -9.37
C GLY D 551 -6.29 17.47 -7.88
N ALA D 552 -6.96 16.65 -7.07
CA ALA D 552 -6.75 16.73 -5.62
C ALA D 552 -5.30 16.46 -5.28
N ALA D 553 -4.73 15.40 -5.85
CA ALA D 553 -3.32 15.11 -5.60
C ALA D 553 -2.43 16.25 -6.06
N ALA D 554 -2.71 16.80 -7.25
CA ALA D 554 -1.88 17.86 -7.80
C ALA D 554 -1.91 19.10 -6.93
N GLN D 555 -3.11 19.51 -6.50
CA GLN D 555 -3.22 20.70 -5.65
C GLN D 555 -2.55 20.47 -4.30
N LEU D 556 -2.77 19.31 -3.70
CA LEU D 556 -2.13 19.01 -2.42
C LEU D 556 -0.62 19.07 -2.55
N GLY D 557 -0.06 18.47 -3.60
CA GLY D 557 1.37 18.56 -3.81
C GLY D 557 1.84 19.97 -4.05
N GLY D 558 1.09 20.75 -4.83
CA GLY D 558 1.50 22.11 -5.14
C GLY D 558 1.56 22.99 -3.90
N ILE D 559 0.59 22.84 -3.00
CA ILE D 559 0.57 23.68 -1.81
C ILE D 559 1.60 23.20 -0.79
N VAL D 560 1.43 21.98 -0.29
CA VAL D 560 2.45 21.32 0.52
C VAL D 560 3.18 20.34 -0.39
N ARG D 561 4.48 20.55 -0.56
CA ARG D 561 5.22 19.89 -1.63
C ARG D 561 5.92 18.65 -1.08
N MET D 562 5.12 17.59 -0.95
CA MET D 562 5.58 16.26 -0.59
C MET D 562 5.33 15.32 -1.76
N THR D 563 6.24 14.38 -1.97
CA THR D 563 6.17 13.49 -3.11
C THR D 563 6.03 12.02 -2.71
N LEU D 564 6.93 11.52 -1.85
CA LEU D 564 6.99 10.09 -1.59
C LEU D 564 5.92 9.67 -0.58
N SER D 565 5.98 10.22 0.63
CA SER D 565 5.01 9.86 1.65
C SER D 565 3.60 10.26 1.23
N LEU D 566 3.46 11.41 0.57
CA LEU D 566 2.16 11.81 0.05
C LEU D 566 1.66 10.82 -0.99
N THR D 567 2.54 10.36 -1.88
CA THR D 567 2.14 9.37 -2.88
C THR D 567 1.67 8.09 -2.22
N VAL D 568 2.40 7.62 -1.21
CA VAL D 568 1.99 6.39 -0.53
C VAL D 568 0.68 6.59 0.22
N ILE D 569 0.50 7.77 0.82
CA ILE D 569 -0.75 8.05 1.53
C ILE D 569 -1.92 8.00 0.58
N MET D 570 -1.78 8.64 -0.58
CA MET D 570 -2.85 8.63 -1.56
C MET D 570 -3.10 7.22 -2.09
N MET D 571 -2.04 6.45 -2.29
CA MET D 571 -2.22 5.07 -2.76
C MET D 571 -3.00 4.24 -1.73
N GLU D 572 -2.63 4.34 -0.46
CA GLU D 572 -3.32 3.58 0.57
C GLU D 572 -4.76 4.02 0.73
N ALA D 573 -5.00 5.33 0.73
CA ALA D 573 -6.37 5.84 0.87
C ALA D 573 -7.22 5.41 -0.32
N THR D 574 -6.67 5.52 -1.53
CA THR D 574 -7.35 5.03 -2.73
C THR D 574 -7.46 3.51 -2.74
N SER D 575 -6.60 2.81 -2.01
CA SER D 575 -6.60 1.35 -1.93
C SER D 575 -6.29 0.70 -3.27
N ASN D 576 -5.69 1.46 -4.20
CA ASN D 576 -5.28 0.94 -5.49
C ASN D 576 -3.81 1.26 -5.72
N VAL D 577 -3.05 0.26 -6.13
CA VAL D 577 -1.61 0.47 -6.36
C VAL D 577 -1.36 1.06 -7.74
N THR D 578 -2.21 0.75 -8.72
CA THR D 578 -1.97 1.21 -10.09
C THR D 578 -2.00 2.72 -10.18
N TYR D 579 -3.05 3.35 -9.62
CA TYR D 579 -3.19 4.79 -9.71
C TYR D 579 -2.01 5.54 -9.09
N GLY D 580 -1.10 4.82 -8.44
CA GLY D 580 0.12 5.46 -7.99
C GLY D 580 0.93 6.04 -9.13
N PHE D 581 1.05 5.31 -10.24
CA PHE D 581 1.93 5.75 -11.32
C PHE D 581 1.51 7.12 -11.86
N PRO D 582 0.24 7.37 -12.16
CA PRO D 582 -0.16 8.75 -12.48
C PRO D 582 0.11 9.72 -11.33
N ILE D 583 -0.24 9.32 -10.11
CA ILE D 583 -0.09 10.22 -8.96
C ILE D 583 1.36 10.66 -8.85
N MET D 584 2.28 9.71 -8.85
CA MET D 584 3.69 10.03 -8.71
C MET D 584 4.12 11.06 -9.75
N LEU D 585 3.53 10.99 -10.95
CA LEU D 585 3.88 11.96 -11.98
C LEU D 585 3.34 13.33 -11.65
N VAL D 586 2.05 13.42 -11.31
CA VAL D 586 1.45 14.74 -11.09
C VAL D 586 2.08 15.40 -9.87
N LEU D 587 2.38 14.59 -8.83
CA LEU D 587 3.09 15.13 -7.69
C LEU D 587 4.52 15.54 -8.05
N MET D 588 5.15 14.82 -8.97
CA MET D 588 6.51 15.15 -9.37
C MET D 588 6.56 16.49 -10.10
N THR D 589 5.70 16.66 -11.11
CA THR D 589 5.70 17.91 -11.86
C THR D 589 5.11 19.05 -11.04
N ALA D 590 3.99 18.81 -10.36
CA ALA D 590 3.37 19.85 -9.54
C ALA D 590 4.39 20.46 -8.58
N LYS D 591 5.20 19.62 -7.93
CA LYS D 591 6.26 20.13 -7.07
C LYS D 591 7.25 20.96 -7.87
N ILE D 592 7.77 20.40 -8.97
CA ILE D 592 8.84 21.06 -9.70
C ILE D 592 8.42 22.46 -10.11
N VAL D 593 7.27 22.56 -10.79
CA VAL D 593 6.80 23.86 -11.24
C VAL D 593 6.69 24.80 -10.04
N GLY D 594 6.14 24.31 -8.93
CA GLY D 594 6.02 25.15 -7.75
C GLY D 594 7.34 25.72 -7.32
N ASP D 595 8.38 24.88 -7.27
CA ASP D 595 9.67 25.33 -6.81
C ASP D 595 10.24 26.44 -7.68
N VAL D 596 9.73 26.60 -8.90
CA VAL D 596 10.20 27.68 -9.76
C VAL D 596 9.76 29.03 -9.22
N PHE D 597 8.54 29.10 -8.67
CA PHE D 597 7.96 30.37 -8.27
C PHE D 597 8.13 30.66 -6.78
N ILE D 598 7.74 29.72 -5.92
CA ILE D 598 7.73 29.95 -4.48
C ILE D 598 7.91 28.62 -3.76
N GLU D 599 8.31 28.70 -2.49
CA GLU D 599 8.50 27.54 -1.66
C GLU D 599 7.16 27.09 -1.06
N GLY D 600 7.20 25.99 -0.32
CA GLY D 600 5.99 25.42 0.24
C GLY D 600 5.47 26.18 1.44
N LEU D 601 4.25 25.81 1.86
CA LEU D 601 3.59 26.49 2.96
C LEU D 601 4.31 26.25 4.28
N TYR D 602 4.57 24.97 4.60
CA TYR D 602 5.22 24.65 5.86
C TYR D 602 6.61 25.25 5.92
N ASP D 603 7.38 25.13 4.84
CA ASP D 603 8.71 25.71 4.81
C ASP D 603 8.64 27.22 4.98
N MET D 604 7.72 27.87 4.26
CA MET D 604 7.61 29.33 4.33
C MET D 604 7.29 29.77 5.76
N HIS D 605 6.35 29.10 6.41
CA HIS D 605 6.01 29.48 7.79
C HIS D 605 7.15 29.18 8.74
N ILE D 606 7.94 28.13 8.48
CA ILE D 606 9.09 27.84 9.33
C ILE D 606 10.12 28.95 9.22
N GLN D 607 10.40 29.41 8.00
CA GLN D 607 11.37 30.51 7.84
C GLN D 607 10.84 31.80 8.47
N LEU D 608 9.56 32.09 8.28
CA LEU D 608 9.02 33.33 8.84
C LEU D 608 9.12 33.37 10.36
N GLN D 609 9.20 32.21 11.01
CA GLN D 609 9.45 32.15 12.45
C GLN D 609 10.93 32.25 12.77
N SER D 610 11.81 32.36 11.77
CA SER D 610 13.25 32.50 11.97
C SER D 610 13.82 31.27 12.68
N VAL D 611 13.28 30.10 12.36
CA VAL D 611 13.77 28.84 12.90
C VAL D 611 14.92 28.34 12.04
N PRO D 612 16.03 27.88 12.64
CA PRO D 612 17.11 27.30 11.84
C PRO D 612 16.77 25.88 11.39
N PHE D 613 16.44 25.74 10.10
CA PHE D 613 15.98 24.48 9.54
C PHE D 613 17.05 23.91 8.61
N LEU D 614 17.45 22.66 8.88
CA LEU D 614 18.42 21.98 8.05
C LEU D 614 17.68 21.16 6.99
N HIS D 615 18.01 21.40 5.72
CA HIS D 615 17.39 20.68 4.63
C HIS D 615 18.08 19.33 4.43
N TRP D 616 17.65 18.61 3.40
CA TRP D 616 18.22 17.28 3.15
C TRP D 616 19.65 17.37 2.67
N GLU D 617 19.99 18.41 1.91
CA GLU D 617 21.31 18.53 1.31
C GLU D 617 21.76 19.98 1.34
N ALA D 618 23.07 20.17 1.26
CA ALA D 618 23.65 21.50 1.19
C ALA D 618 23.39 22.12 -0.17
N PRO D 619 23.52 23.44 -0.30
CA PRO D 619 23.21 24.09 -1.58
C PRO D 619 24.18 23.73 -2.70
N VAL D 620 23.98 24.34 -3.86
CA VAL D 620 24.79 24.00 -5.04
C VAL D 620 26.25 24.37 -4.80
N THR D 621 26.50 25.54 -4.22
CA THR D 621 27.86 25.99 -3.96
C THR D 621 28.54 25.23 -2.82
N SER D 622 27.86 24.25 -2.24
CA SER D 622 28.39 23.55 -1.08
C SER D 622 29.78 22.98 -1.35
N HIS D 623 29.96 22.36 -2.52
CA HIS D 623 31.24 21.74 -2.82
C HIS D 623 32.38 22.75 -2.80
N SER D 624 32.10 24.01 -3.13
CA SER D 624 33.16 25.02 -3.16
C SER D 624 33.67 25.31 -1.74
N LEU D 625 32.75 25.45 -0.79
CA LEU D 625 33.13 25.85 0.57
C LEU D 625 33.72 24.66 1.33
N THR D 626 34.40 24.98 2.42
CA THR D 626 35.01 24.00 3.31
C THR D 626 34.64 24.33 4.75
N ALA D 627 35.07 23.47 5.68
CA ALA D 627 34.73 23.65 7.08
C ALA D 627 35.44 24.81 7.73
N ARG D 628 36.48 25.37 7.11
CA ARG D 628 37.22 26.44 7.74
C ARG D 628 36.37 27.70 7.89
N GLU D 629 35.62 28.05 6.85
CA GLU D 629 34.76 29.23 6.92
C GLU D 629 33.50 28.96 7.73
N VAL D 630 32.98 27.73 7.68
CA VAL D 630 31.77 27.40 8.42
C VAL D 630 32.01 27.50 9.92
N MET D 631 33.14 26.98 10.40
CA MET D 631 33.38 26.93 11.83
C MET D 631 33.53 28.34 12.39
N SER D 632 33.21 28.48 13.68
CA SER D 632 33.26 29.75 14.37
C SER D 632 34.50 29.82 15.26
N THR D 633 35.22 30.93 15.17
CA THR D 633 36.43 31.14 15.96
C THR D 633 36.41 32.55 16.57
N PRO D 634 37.07 32.73 17.72
CA PRO D 634 37.77 31.71 18.50
C PRO D 634 36.81 30.83 19.30
N VAL D 635 37.26 29.66 19.71
CA VAL D 635 36.43 28.69 20.43
C VAL D 635 36.71 28.84 21.91
N THR D 636 35.65 28.77 22.72
CA THR D 636 35.77 28.74 24.16
C THR D 636 35.88 27.29 24.61
N CYS D 637 37.04 26.93 25.14
CA CYS D 637 37.34 25.55 25.52
C CYS D 637 37.61 25.46 27.01
N LEU D 638 37.24 24.32 27.58
CA LEU D 638 37.41 24.05 29.00
C LEU D 638 38.61 23.11 29.15
N ARG D 639 39.56 23.50 29.99
CA ARG D 639 40.68 22.62 30.26
C ARG D 639 40.19 21.37 30.99
N ARG D 640 40.82 20.23 30.68
CA ARG D 640 40.57 19.01 31.42
C ARG D 640 40.77 19.21 32.92
N ARG D 641 41.50 20.25 33.32
CA ARG D 641 41.74 20.61 34.71
C ARG D 641 41.37 22.09 34.84
N GLU D 642 40.10 22.37 35.09
CA GLU D 642 39.60 23.73 35.13
C GLU D 642 39.07 24.07 36.52
N LYS D 643 39.19 25.34 36.87
CA LYS D 643 38.76 25.85 38.17
C LYS D 643 37.28 26.24 38.13
N VAL D 644 36.66 26.22 39.30
CA VAL D 644 35.24 26.55 39.40
C VAL D 644 35.00 28.00 39.02
N GLY D 645 35.92 28.89 39.40
CA GLY D 645 35.73 30.30 39.11
C GLY D 645 35.68 30.58 37.62
N VAL D 646 36.61 29.98 36.86
CA VAL D 646 36.64 30.19 35.42
C VAL D 646 35.38 29.63 34.77
N ILE D 647 34.94 28.45 35.24
CA ILE D 647 33.74 27.84 34.68
C ILE D 647 32.53 28.72 34.95
N VAL D 648 32.41 29.25 36.16
CA VAL D 648 31.30 30.14 36.48
C VAL D 648 31.36 31.39 35.62
N ASP D 649 32.55 31.95 35.44
CA ASP D 649 32.69 33.16 34.64
C ASP D 649 32.28 32.93 33.20
N VAL D 650 32.69 31.81 32.61
CA VAL D 650 32.35 31.54 31.21
C VAL D 650 30.88 31.22 31.08
N LEU D 651 30.32 30.45 32.01
CA LEU D 651 28.90 30.12 31.94
C LEU D 651 28.03 31.35 32.09
N SER D 652 28.40 32.25 33.01
CA SER D 652 27.60 33.42 33.31
C SER D 652 27.73 34.53 32.27
N ASP D 653 28.66 34.40 31.33
CA ASP D 653 28.85 35.44 30.32
C ASP D 653 27.54 35.73 29.61
N THR D 654 27.05 36.96 29.79
CA THR D 654 25.80 37.37 29.17
C THR D 654 25.94 37.71 27.69
N ALA D 655 27.17 37.75 27.17
CA ALA D 655 27.35 38.02 25.75
C ALA D 655 26.71 36.94 24.90
N SER D 656 26.84 35.68 25.31
CA SER D 656 26.24 34.57 24.59
C SER D 656 26.08 33.40 25.54
N ASN D 657 25.19 32.48 25.16
CA ASN D 657 24.89 31.30 25.97
C ASN D 657 25.19 30.06 25.13
N HIS D 658 26.38 29.50 25.31
CA HIS D 658 26.80 28.28 24.63
C HIS D 658 26.55 27.08 25.55
N ASN D 659 25.89 26.06 25.02
CA ASN D 659 25.54 24.87 25.79
C ASN D 659 26.47 23.69 25.53
N GLY D 660 27.61 23.93 24.87
CA GLY D 660 28.58 22.88 24.63
C GLY D 660 29.98 23.42 24.50
N PHE D 661 30.93 22.81 25.21
CA PHE D 661 32.30 23.27 25.23
C PHE D 661 33.23 22.09 24.98
N PRO D 662 34.13 22.17 24.01
CA PRO D 662 35.12 21.10 23.83
C PRO D 662 36.24 21.20 24.85
N VAL D 663 36.66 20.05 25.35
CA VAL D 663 37.69 19.97 26.36
C VAL D 663 39.06 19.98 25.69
N VAL D 664 40.06 20.45 26.43
CA VAL D 664 41.41 20.63 25.91
C VAL D 664 42.41 20.33 27.01
N GLU D 665 43.58 19.84 26.61
CA GLU D 665 44.64 19.52 27.56
C GLU D 665 45.54 20.73 27.79
N ALA D 673 47.34 22.17 23.26
CA ALA D 673 45.89 22.29 23.27
C ALA D 673 45.26 21.17 22.45
N ARG D 674 45.14 19.99 23.06
CA ARG D 674 44.68 18.80 22.38
C ARG D 674 43.27 18.44 22.82
N LEU D 675 42.39 18.19 21.85
CA LEU D 675 41.02 17.83 22.17
C LEU D 675 40.97 16.52 22.94
N GLN D 676 40.14 16.50 23.99
CA GLN D 676 39.93 15.30 24.78
C GLN D 676 38.47 14.92 24.91
N GLY D 677 37.53 15.80 24.57
CA GLY D 677 36.13 15.49 24.69
C GLY D 677 35.27 16.72 24.53
N LEU D 678 34.02 16.61 24.97
CA LEU D 678 33.06 17.70 24.92
C LEU D 678 32.11 17.54 26.08
N ILE D 679 31.78 18.67 26.72
CA ILE D 679 30.87 18.68 27.85
C ILE D 679 29.83 19.76 27.63
N LEU D 680 28.58 19.46 27.96
CA LEU D 680 27.48 20.38 27.77
C LEU D 680 27.31 21.27 29.00
N ARG D 681 26.70 22.43 28.78
CA ARG D 681 26.41 23.34 29.88
C ARG D 681 25.57 22.66 30.95
N SER D 682 24.64 21.81 30.53
CA SER D 682 23.77 21.13 31.48
C SER D 682 24.57 20.25 32.43
N GLN D 683 25.56 19.53 31.90
CA GLN D 683 26.38 18.68 32.76
C GLN D 683 27.16 19.50 33.77
N LEU D 684 27.70 20.64 33.34
CA LEU D 684 28.43 21.50 34.26
C LEU D 684 27.51 22.05 35.34
N ILE D 685 26.29 22.44 34.96
CA ILE D 685 25.35 22.95 35.95
C ILE D 685 25.01 21.87 36.97
N VAL D 686 24.77 20.66 36.50
CA VAL D 686 24.47 19.56 37.42
C VAL D 686 25.65 19.30 38.35
N LEU D 687 26.87 19.34 37.81
CA LEU D 687 28.05 19.09 38.63
C LEU D 687 28.21 20.17 39.69
N LEU D 688 28.02 21.44 39.31
CA LEU D 688 28.13 22.53 40.26
C LEU D 688 27.06 22.43 41.35
N LYS D 689 25.83 22.12 40.95
CA LYS D 689 24.74 22.03 41.93
C LYS D 689 25.02 20.96 42.97
N HIS D 690 25.76 19.91 42.61
CA HIS D 690 26.06 18.82 43.52
C HIS D 690 27.41 18.98 44.22
N LYS D 691 28.14 20.06 43.94
CA LYS D 691 29.41 20.34 44.59
C LYS D 691 30.36 19.16 44.47
N VAL D 692 30.69 18.84 43.23
CA VAL D 692 31.62 17.75 42.93
C VAL D 692 32.97 18.40 42.63
N PHE D 693 33.78 18.54 43.68
CA PHE D 693 35.09 19.16 43.58
C PHE D 693 36.13 18.26 44.24
N VAL D 694 37.38 18.44 43.83
CA VAL D 694 38.52 17.71 44.39
C VAL D 694 39.44 18.73 45.04
N GLU D 695 39.77 18.49 46.31
CA GLU D 695 40.66 19.40 47.05
C GLU D 695 41.42 18.64 48.12
N ARG D 704 28.01 9.48 47.67
CA ARG D 704 29.37 9.98 47.57
C ARG D 704 29.78 10.13 46.11
N ARG D 705 29.30 9.22 45.27
CA ARG D 705 29.58 9.22 43.84
C ARG D 705 28.29 9.37 43.07
N LEU D 706 28.38 10.01 41.91
CA LEU D 706 27.22 10.38 41.13
C LEU D 706 26.81 9.27 40.17
N ARG D 707 25.52 9.28 39.80
CA ARG D 707 24.96 8.36 38.83
C ARG D 707 24.22 9.16 37.77
N LEU D 708 23.98 8.51 36.62
CA LEU D 708 23.24 9.18 35.55
C LEU D 708 21.79 9.41 35.91
N LYS D 709 21.27 8.72 36.93
CA LYS D 709 19.91 8.98 37.37
C LYS D 709 19.76 10.41 37.86
N ASP D 710 20.79 10.94 38.52
CA ASP D 710 20.74 12.33 38.95
C ASP D 710 20.68 13.27 37.75
N PHE D 711 21.39 12.95 36.68
CA PHE D 711 21.31 13.74 35.46
C PHE D 711 19.91 13.66 34.85
N ARG D 712 19.30 12.47 34.88
CA ARG D 712 18.00 12.30 34.25
C ARG D 712 16.89 12.95 35.05
N ASP D 713 17.01 12.97 36.38
CA ASP D 713 15.97 13.58 37.21
C ASP D 713 15.81 15.06 36.91
N ALA D 714 16.90 15.75 36.60
CA ALA D 714 16.83 17.15 36.23
C ALA D 714 16.16 17.37 34.88
N TYR D 715 15.94 16.31 34.10
CA TYR D 715 15.34 16.44 32.79
C TYR D 715 13.86 16.81 32.92
N PRO D 716 13.29 17.51 31.92
CA PRO D 716 13.95 18.14 30.77
C PRO D 716 14.36 19.59 31.03
N ARG D 717 14.04 20.10 32.22
CA ARG D 717 14.24 21.51 32.56
C ARG D 717 15.38 21.61 33.55
N PHE D 718 16.41 22.40 33.20
CA PHE D 718 17.61 22.52 34.02
C PHE D 718 17.69 23.92 34.62
N PRO D 719 18.21 24.04 35.84
CA PRO D 719 18.26 25.35 36.50
C PRO D 719 19.26 26.27 35.81
N PRO D 720 19.09 27.58 35.94
CA PRO D 720 19.99 28.53 35.30
C PRO D 720 21.29 28.68 36.10
N ILE D 721 22.20 29.48 35.55
CA ILE D 721 23.48 29.71 36.20
C ILE D 721 23.31 30.57 37.44
N GLN D 722 22.43 31.57 37.36
CA GLN D 722 22.27 32.51 38.46
C GLN D 722 21.80 31.81 39.73
N SER D 723 21.10 30.68 39.59
CA SER D 723 20.56 30.00 40.76
C SER D 723 21.66 29.42 41.65
N ILE D 724 22.70 28.88 41.04
CA ILE D 724 23.75 28.21 41.80
C ILE D 724 24.55 29.23 42.60
N HIS D 725 24.80 28.92 43.86
CA HIS D 725 25.56 29.77 44.76
C HIS D 725 26.87 29.07 45.12
N VAL D 726 27.99 29.74 44.86
CA VAL D 726 29.31 29.21 45.16
C VAL D 726 30.09 30.25 45.96
N SER D 727 30.68 29.81 47.07
CA SER D 727 31.46 30.70 47.92
C SER D 727 32.83 30.99 47.30
N GLN D 728 33.48 32.03 47.82
CA GLN D 728 34.79 32.41 47.31
C GLN D 728 35.81 31.31 47.51
N ASP D 729 35.80 30.67 48.69
CA ASP D 729 36.77 29.62 48.97
C ASP D 729 36.58 28.43 48.03
N GLU D 730 35.33 28.06 47.76
CA GLU D 730 35.07 26.92 46.88
C GLU D 730 35.57 27.20 45.47
N ARG D 731 35.49 28.44 45.02
CA ARG D 731 35.92 28.77 43.67
C ARG D 731 37.40 28.49 43.45
N GLU D 732 38.19 28.42 44.53
CA GLU D 732 39.61 28.10 44.42
C GLU D 732 39.87 26.62 44.22
N CYS D 733 38.84 25.77 44.23
CA CYS D 733 38.99 24.35 43.99
C CYS D 733 38.93 24.06 42.49
N THR D 734 39.37 22.86 42.13
CA THR D 734 39.43 22.41 40.74
C THR D 734 38.41 21.30 40.51
N MET D 735 38.00 21.15 39.26
CA MET D 735 36.99 20.16 38.88
C MET D 735 37.64 19.11 37.98
N ASP D 736 37.52 17.84 38.37
CA ASP D 736 38.05 16.74 37.59
C ASP D 736 37.00 16.34 36.56
N LEU D 737 37.14 16.88 35.36
CA LEU D 737 36.15 16.71 34.30
C LEU D 737 36.29 15.38 33.56
N SER D 738 37.43 14.69 33.72
CA SER D 738 37.74 13.56 32.86
C SER D 738 36.62 12.52 32.83
N GLU D 739 35.94 12.32 33.96
CA GLU D 739 35.03 11.19 34.12
C GLU D 739 33.57 11.55 33.84
N PHE D 740 33.31 12.68 33.18
CA PHE D 740 31.94 13.11 32.92
C PHE D 740 31.70 13.58 31.49
N MET D 741 32.71 13.66 30.64
CA MET D 741 32.58 14.23 29.32
C MET D 741 32.42 13.14 28.27
N ASN D 742 32.10 13.57 27.05
CA ASN D 742 32.07 12.69 25.90
C ASN D 742 33.50 12.41 25.47
N PRO D 743 34.03 11.20 25.72
CA PRO D 743 35.44 10.96 25.41
C PRO D 743 35.72 10.79 23.93
N SER D 744 34.69 10.57 23.11
CA SER D 744 34.85 10.31 21.68
C SER D 744 33.92 11.21 20.89
N PRO D 745 34.14 12.51 20.95
CA PRO D 745 33.30 13.43 20.15
C PRO D 745 33.54 13.23 18.66
N TYR D 746 32.50 13.51 17.88
CA TYR D 746 32.61 13.45 16.44
C TYR D 746 33.38 14.66 15.93
N THR D 747 34.38 14.41 15.08
CA THR D 747 35.31 15.44 14.64
C THR D 747 35.55 15.28 13.15
N VAL D 748 35.88 16.40 12.49
CA VAL D 748 36.17 16.38 11.06
C VAL D 748 37.46 17.17 10.81
N PRO D 749 38.20 16.87 9.75
CA PRO D 749 39.40 17.66 9.44
C PRO D 749 39.06 19.10 9.14
N GLN D 750 40.04 19.97 9.40
CA GLN D 750 39.87 21.40 9.17
C GLN D 750 39.55 21.74 7.72
N GLU D 751 39.96 20.89 6.77
CA GLU D 751 39.77 21.15 5.36
C GLU D 751 38.66 20.30 4.75
N ALA D 752 37.87 19.61 5.56
CA ALA D 752 36.81 18.77 5.02
C ALA D 752 35.79 19.60 4.25
N SER D 753 35.25 19.02 3.19
CA SER D 753 34.32 19.73 2.34
C SER D 753 32.98 19.95 3.03
N LEU D 754 32.33 21.05 2.68
CA LEU D 754 31.07 21.41 3.33
C LEU D 754 30.00 20.33 3.16
N PRO D 755 29.76 19.79 1.96
CA PRO D 755 28.75 18.72 1.85
C PRO D 755 29.01 17.55 2.77
N ARG D 756 30.27 17.17 2.96
CA ARG D 756 30.60 16.07 3.86
C ARG D 756 30.18 16.41 5.29
N VAL D 757 30.51 17.61 5.74
CA VAL D 757 30.18 18.04 7.10
C VAL D 757 28.66 18.07 7.28
N PHE D 758 27.95 18.64 6.31
CA PHE D 758 26.50 18.74 6.40
C PHE D 758 25.87 17.35 6.41
N LYS D 759 26.36 16.46 5.56
CA LYS D 759 25.87 15.10 5.51
C LYS D 759 26.03 14.41 6.85
N LEU D 760 27.23 14.48 7.44
CA LEU D 760 27.46 13.84 8.73
C LEU D 760 26.58 14.46 9.80
N PHE D 761 26.49 15.78 9.83
CA PHE D 761 25.71 16.48 10.85
C PHE D 761 24.24 16.08 10.79
N ARG D 762 23.67 16.06 9.58
CA ARG D 762 22.26 15.74 9.43
C ARG D 762 22.00 14.27 9.73
N ALA D 763 22.83 13.37 9.19
CA ALA D 763 22.60 11.94 9.38
C ALA D 763 22.72 11.55 10.85
N LEU D 764 23.75 12.03 11.53
CA LEU D 764 23.99 11.61 12.90
C LEU D 764 23.19 12.40 13.93
N GLY D 765 22.48 13.44 13.51
CA GLY D 765 21.70 14.23 14.44
C GLY D 765 22.58 14.89 15.48
N LEU D 766 23.67 15.51 15.05
CA LEU D 766 24.63 16.11 15.95
C LEU D 766 24.21 17.53 16.33
N ARG D 767 24.74 17.98 17.45
CA ARG D 767 24.57 19.35 17.92
C ARG D 767 25.84 20.16 17.84
N HIS D 768 26.97 19.58 18.24
CA HIS D 768 28.27 20.23 18.16
C HIS D 768 29.23 19.35 17.37
N LEU D 769 29.91 19.94 16.41
CA LEU D 769 30.92 19.24 15.62
C LEU D 769 32.24 20.01 15.76
N VAL D 770 33.25 19.34 16.30
CA VAL D 770 34.55 19.97 16.51
C VAL D 770 35.33 19.93 15.21
N VAL D 771 35.85 21.08 14.80
CA VAL D 771 36.75 21.18 13.65
C VAL D 771 38.17 21.30 14.21
N VAL D 772 39.01 20.35 13.84
CA VAL D 772 40.29 20.11 14.48
C VAL D 772 41.41 20.26 13.45
N ASP D 773 42.61 20.54 13.95
CA ASP D 773 43.79 20.68 13.11
C ASP D 773 44.48 19.33 12.94
N ASN D 774 45.68 19.35 12.38
CA ASN D 774 46.40 18.11 12.09
C ASN D 774 47.08 17.51 13.32
N ARG D 775 47.09 18.21 14.45
CA ARG D 775 47.72 17.70 15.67
C ARG D 775 46.67 17.57 16.77
N ASN D 776 45.44 17.22 16.36
CA ASN D 776 44.30 17.13 17.27
C ASN D 776 44.11 18.45 18.01
N GLN D 777 44.25 19.54 17.26
CA GLN D 777 44.13 20.90 17.76
C GLN D 777 42.72 21.43 17.53
N VAL D 778 42.08 21.92 18.58
CA VAL D 778 40.76 22.51 18.43
C VAL D 778 40.92 23.85 17.73
N VAL D 779 40.31 23.99 16.56
CA VAL D 779 40.35 25.23 15.80
C VAL D 779 38.97 25.79 15.53
N GLY D 780 37.90 25.03 15.73
CA GLY D 780 36.58 25.59 15.50
C GLY D 780 35.48 24.67 16.00
N LEU D 781 34.26 25.21 15.99
CA LEU D 781 33.06 24.47 16.34
C LEU D 781 31.98 24.78 15.31
N VAL D 782 31.15 23.77 15.05
CA VAL D 782 30.07 23.89 14.07
C VAL D 782 28.77 23.46 14.73
N THR D 783 27.73 24.29 14.60
CA THR D 783 26.39 23.99 15.07
C THR D 783 25.43 24.16 13.90
N ARG D 784 24.16 23.85 14.13
CA ARG D 784 23.17 23.90 13.06
C ARG D 784 23.04 25.30 12.47
N LYS D 785 23.26 26.34 13.28
CA LYS D 785 23.12 27.70 12.77
C LYS D 785 24.20 28.04 11.76
N ASP D 786 25.40 27.47 11.92
CA ASP D 786 26.45 27.68 10.93
C ASP D 786 26.05 27.10 9.58
N LEU D 787 25.44 25.92 9.58
CA LEU D 787 25.06 25.26 8.34
C LEU D 787 23.82 25.88 7.71
N ALA D 788 22.88 26.35 8.52
CA ALA D 788 21.60 26.81 8.02
C ALA D 788 21.64 28.21 7.41
N ARG D 789 22.73 28.95 7.57
CA ARG D 789 22.81 30.30 7.02
C ARG D 789 23.27 30.30 5.57
N TYR D 790 22.59 29.51 4.74
CA TYR D 790 22.92 29.41 3.33
C TYR D 790 21.65 29.18 2.53
N ARG D 791 21.70 29.56 1.26
CA ARG D 791 20.55 29.41 0.38
C ARG D 791 20.98 29.48 -1.09
#